data_7OBQ
#
_entry.id   7OBQ
#
_cell.length_a   1.00
_cell.length_b   1.00
_cell.length_c   1.00
_cell.angle_alpha   90.00
_cell.angle_beta   90.00
_cell.angle_gamma   90.00
#
_symmetry.space_group_name_H-M   'P 1'
#
loop_
_entity.id
_entity.type
_entity.pdbx_description
1 polymer 'SRP RNA'
2 polymer 'Signal recognition particle 19'
3 polymer EM14S01-3B_G0054400.mRNA.1.CDS.1
4 polymer 'Signal recognition particle subunit SRP68,Signal recognition particle subunit SRP68'
5 polymer 'Signal recognition particle receptor subunit beta'
6 polymer 'Signal recognition particle 54 kDa protein'
7 polymer 'SRP receptor subunit alpha'
8 polymer 'Signal recognition particle subunit SRP72'
9 non-polymer 'MAGNESIUM ION'
10 non-polymer "GUANOSINE-5'-TRIPHOSPHATE"
11 non-polymer 'PHOSPHOAMINOPHOSPHONIC ACID-GUANYLATE ESTER'
#
loop_
_entity_poly.entity_id
_entity_poly.type
_entity_poly.pdbx_seq_one_letter_code
_entity_poly.pdbx_strand_id
1 'polyribonucleotide'
;GCCGGGCGCGGUGGCGCGCGCCUGUAGUCCCAGCUACUCGGGAGGCUGAGGCAGGAGGAUCGCUUCGCUAUGCCGAUCGG
GUGUCCGCACUAAGUUCGGCAUCAAUAUGGUGACCUCCCGGGAGCGGGGGACCACCAGGUUGCCUAAGGAGGGGUGAACC
GGCCCAGGUCGGAAACGGAGCAGGUCAAAACUCCCGUGCUGAUCAGUAGUGGGAUCGCGCCUGUGAAUAGCAUAGCGAGA
CCCCGUCUC
;
1
2 'polypeptide(L)'
;MACAAARSPAEQDRFICIYPAYLNNKKTIAEGRRIPISKAVENPTATEIQDVCSAVGLNVFLEKNKMYSREWNRDVQYRG
RVRVQLKQEDGSLCLVQFPSRKSVMLYAAEMIPKLKTRTQKTGGGDQSLQQGEGSKKGKGKKKK
;
q
3 'polypeptide(L)'
;(UNK)(UNK)(UNK)(UNK)(UNK)(UNK)(UNK)(UNK)(UNK)(UNK)(UNK)(UNK)(UNK)(UNK)(UNK)(UNK)
(UNK)(UNK)(UNK)(UNK)(UNK)(UNK)(UNK)(UNK)(UNK)(UNK)(UNK)(UNK)(UNK)(UNK)(UNK)(UNK)
(UNK)(UNK)(UNK)(UNK)(UNK)(UNK)(UNK)(UNK)(UNK)(UNK)(UNK)(UNK)(UNK)(UNK)(UNK)(UNK)
(UNK)(UNK)(UNK)(UNK)(UNK)(UNK)(UNK)(UNK)(UNK)(UNK)(UNK)(UNK)(UNK)(UNK)
;
s
4 'polypeptide(L)'
;MAAEKQVPGGGGGGGGGGGGGGGSGGGRGAGGEENKENERPSAGSKANREFGDSLSLEILQIIKESQQQHGLRHGDFQRY
RGYCSRRQRRLRKTLNFKMGNRHKFTGKKVTEDLLTDNRYLLLVLMDAERAWSYAMQLKQEANTEPRKRFHLLSRLRKAV
KHAEELERLCESNRVDAKTKLEAQAYTAYLSGMLRFEHQEWKAAIEAFNKCKTIYEKLASAFTEEQAVLYNQRVEEISPN
IRYCAYNIGDQSAINELMQMRLRSGGTEGLLAEKLEALITQTRAKQAATMSEVEWRGRTVPVKIDKVRIFLLGLADNEAA
IAQAESEETKERLFESMLSECRDAIQAVREELKPDQKQRDYTLDGESGKVSNLQYLHSYLTYIKLSTAIRRNENMAKGLQ
KALQQQPEDESKRSPRPQDLIRLYDIILQNLVELLQLPGLEEDRAFQKEIGLKTLVFKAYRCFFIAQSYVLVKKWSEALV
LYDRVLKYANEVN(UNK)(UNK)(UNK)(UNK)(UNK)(UNK)(UNK)(UNK)(UNK)(UNK)(UNK)(UNK)(UNK)
(UNK)(UNK)(UNK)(UNK)(UNK)(UNK)(UNK)(UNK)(UNK)(UNK)(UNK)(UNK)(UNK)(UNK)(UNK)(UNK)
(UNK)(UNK)(UNK)(UNK)(UNK)(UNK)(UNK)(UNK)(UNK)(UNK)(UNK)(UNK)(UNK)(UNK)(UNK)(UNK)
(UNK)(UNK)(UNK)(UNK)(UNK)(UNK)(UNK)(UNK)(UNK)(UNK)(UNK)(UNK)(UNK)(UNK)(UNK)(UNK)
(UNK)(UNK)(UNK)(UNK)(UNK)(UNK)(UNK)(UNK)(UNK)(UNK)(UNK)(UNK)(UNK)(UNK)(UNK)(UNK)
(UNK)(UNK)(UNK)(UNK)(UNK)(UNK)(UNK)(UNK)(UNK)(UNK)(UNK)(UNK)(UNK)(UNK)(UNK)(UNK)
(UNK)(UNK)(UNK)(UNK)(UNK)(UNK)(UNK)(UNK)(UNK)(UNK)(UNK)(UNK)(UNK)(UNK)(UNK)(UNK)
(UNK)(UNK)(UNK)(UNK)(UNK)(UNK)(UNK)(UNK)(UNK)(UNK)(UNK)(UNK)(UNK)(UNK)(UNK)(UNK)
(UNK)(UNK)(UNK)(UNK)
;
u
5 'polypeptide(L)'
;MASADSRRLGDGDGAGGAFQPYLDSLRQELQQRDPTVLSVVVALLAVLLTLVFWKLVRSRRSSQRAVLLLGLCDSGKTLL
FVRLLTGHYRDTQTSITDSSATYRVNNNRGNSLTLIDLPGHESLRLQFLERFKTSARAVVFVVDSAAFQREVKDVAEFLY
QVLIDSMSLKNTPSFLIACNKQDIAMAKSAKLIQQQLEKELNTLRVTRSAAPSTLDSSSTAPAQLGKKGKEFEFSQLPLK
VEFLECSAKGGRGDPGSADIQDLEKWLAKIA
;
v
6 'polypeptide(L)'
;MVLADLGRKITSALRSLSNATIINEEVLNAMLKEVCTALLEADVNIKLVKQLRENVKSAIDLEEMASGLNKRKMIQHAVF
KELVKLVDPGVKAWTPTKGKQNVIMFVGLQGSGKTTTCSKLAYYYQRKGWKTCLICADTFRAGAFDQLKQNATKARIPFY
GSYTEMDPVIIASEGVEKFKNENFEIIIVDTSGRHKQEDSLFEEMLQVANAIQPDNIVYVMDASIGQACEAQAKAFKDKV
DVASVIVTKLDGHAKGGGALSAVAATKSPIIFIGTGEHIDDFEPFKTQPFISKLLGMGDIEGLIDKVNELKLDDNEALIE
KLKHGQFTLRDMYEQFQNIMKMGPFSQILGMIPGFGTDFMSKGNEQESMARLKKLMTIMDSMNDQELDSTDGAKVFSKQP
GRIQRVARGSGVSTRDVQELLTQYTKFAQMVKKMGGIKGLFKGGDMSKNVSQSQMAKLNQQMAKMMDPRVLHHMGGMAGL
QSMMRQFQQGAAGNMKGMMGFNNM
;
x
7 'polypeptide(L)'
;MLDFFTIFSKGGLVLWCFQGVSDSCTGPVNALIRSVLLQERGGNNSFTHEALTLKYKLDNQFELVFVVGFQKILTLTYVD
KLIDDVHRLFRDKYRTEIQQQSALSLLNGTFDFQNDFLRLLREAEESSKIRAPTTMKKFEDSEKAKKPVRSMIETRGEKP
KEKAKNSKKKGAKKEGSDGPLATSKAVPAEKSGLPVGPENGVELSKEELIRRKREEFIQKHGRGLEKSSKSKSEAPKEKG
KKAPRVWELGGCANKEVLDYSTPTTNGAPEAALSEDINLIRGTGPGGQLQDLDCSSSDDEGAAQNSTKPSSTKGTLGGMF
GMLKGLVGSKSLSREDMESVLDKMRDHLIAKNVAADIAVQLCESVANKLEGKVMGTFSTVTSTVKQALQESLVQILQPQR
RVDMLRDIMDAQRRQRPYVVTFCGVNGVGKSTNLAKISFWLLENGFSVLIAACDTFRAGAVEQLRTHTRRLSALHPPEKH
GGRTMVQLFEKGYGKDAAGIAMEAIAFARNQGFDVVLVDTAGRMQDNAPLMTALAKLITVNTPDLVLFVGEALVGNEAVD
QLVKFNRALADHSMAQTPRLIDGIVLTKFDTIDDKVGAAISMTYITSKPIVFVGTGQTYCDLRSLNAKAVVAALMKA
;
y
8 'polypeptide(L)'
;MASGGSGGVSVPALWSEVNRYGQNGDFTRALKTVNKILQINKDDVTALHCKVVCLIQNGSFKEALNVINTHTKVLANNSL
SFEKAYCEYRLNRIENALKTIESANQQTDKLKELYGQVLYRLERYDECLAVYRDLVRNSQDDYDEERKTNLSAVVAAQSN
WEKVVPENLGLQEGTHELCYNAACALIGQGQLSQAMKILQKAEDLCRRSLSEDSDGTEEDPQAELAIIHGQMAYILQLQG
RTEEALQLYNQIIKLKPTDVGLLAVIANNIITINKDQNVFDSKKKVKLTNAEGVEFKLSKKQLQAIEFNKALLAMYTNQA
EQCRKISASLQSQSPEHLLPVLIQAAQLCREKQHTKAIELLQEFSDQHPENAAEIKLTMAQLKISQGNISKACLILRSIE
ELKHKPGMVSALVTMYSHEEDIDSAIEVFTQAIQWYQNHQPKSSAHLSLIREAANFKLKYGRKKEAISDLEQLWKQNPKD
IHTLAQLISAYSLVDPEKAKALSKHLPSSDSMSLKVDVEALENSPGATYIRKKGGKVAGDSQPKEQGQGDLKKKKKKKKG
KLPKNYDPKVTPDPERWLPMRERSYYRGRKKGKKKDQIGKGTQGATAGASSELDASKTVSSPPTSPRPGSAATASASTSN
IIPPRHQKPAGAPATKKKQQQKKKKGGKGGW
;
z
#
# COMPACT_ATOMS: atom_id res chain seq x y z
N ARG B 14 -28.37 -29.48 -77.68
CA ARG B 14 -27.85 -28.22 -77.14
C ARG B 14 -29.00 -27.32 -76.73
N PHE B 15 -30.11 -27.92 -76.34
CA PHE B 15 -31.28 -27.16 -75.90
C PHE B 15 -31.02 -26.53 -74.55
N ILE B 16 -31.54 -25.30 -74.37
CA ILE B 16 -31.44 -24.63 -73.08
C ILE B 16 -32.46 -25.23 -72.11
N CYS B 17 -32.15 -25.12 -70.82
CA CYS B 17 -32.84 -25.83 -69.76
C CYS B 17 -33.70 -24.86 -68.95
N ILE B 18 -34.92 -25.27 -68.64
CA ILE B 18 -35.85 -24.49 -67.83
C ILE B 18 -36.43 -25.38 -66.75
N TYR B 19 -36.50 -24.88 -65.53
CA TYR B 19 -37.05 -25.59 -64.39
C TYR B 19 -38.16 -24.78 -63.75
N PRO B 20 -39.16 -25.43 -63.15
CA PRO B 20 -40.22 -24.68 -62.48
C PRO B 20 -39.72 -23.82 -61.33
N ALA B 21 -38.64 -24.24 -60.66
CA ALA B 21 -38.15 -23.48 -59.51
C ALA B 21 -37.72 -22.07 -59.89
N TYR B 22 -37.38 -21.86 -61.16
CA TYR B 22 -37.01 -20.51 -61.61
C TYR B 22 -38.20 -19.56 -61.57
N LEU B 23 -39.42 -20.10 -61.72
CA LEU B 23 -40.62 -19.28 -61.85
C LEU B 23 -41.42 -19.20 -60.55
N ASN B 24 -40.89 -19.70 -59.45
CA ASN B 24 -41.60 -19.71 -58.18
C ASN B 24 -41.29 -18.45 -57.38
N ASN B 25 -42.33 -17.74 -56.95
CA ASN B 25 -42.12 -16.50 -56.21
C ASN B 25 -41.66 -16.76 -54.78
N LYS B 26 -42.23 -17.78 -54.12
CA LYS B 26 -41.90 -18.01 -52.72
C LYS B 26 -40.44 -18.43 -52.54
N LYS B 27 -39.85 -19.08 -53.54
CA LYS B 27 -38.44 -19.44 -53.47
C LYS B 27 -37.58 -18.18 -53.55
N THR B 28 -36.53 -18.14 -52.73
CA THR B 28 -35.64 -17.01 -52.73
C THR B 28 -34.72 -17.06 -53.96
N ILE B 29 -34.11 -15.91 -54.25
CA ILE B 29 -33.21 -15.84 -55.41
C ILE B 29 -32.00 -16.74 -55.21
N ALA B 30 -31.52 -16.85 -53.96
CA ALA B 30 -30.40 -17.74 -53.68
C ALA B 30 -30.79 -19.20 -53.85
N GLU B 31 -32.06 -19.54 -53.62
CA GLU B 31 -32.52 -20.91 -53.73
C GLU B 31 -32.97 -21.29 -55.14
N GLY B 32 -32.99 -20.35 -56.08
CA GLY B 32 -33.30 -20.70 -57.45
C GLY B 32 -34.16 -19.69 -58.20
N ARG B 33 -34.72 -18.72 -57.50
CA ARG B 33 -35.56 -17.72 -58.16
C ARG B 33 -34.73 -16.85 -59.09
N ARG B 34 -35.26 -16.61 -60.29
CA ARG B 34 -34.56 -15.85 -61.31
C ARG B 34 -35.32 -14.61 -61.77
N ILE B 35 -36.52 -14.37 -61.25
CA ILE B 35 -37.35 -13.24 -61.67
C ILE B 35 -37.86 -12.52 -60.44
N PRO B 36 -38.26 -11.25 -60.59
CA PRO B 36 -38.85 -10.54 -59.45
C PRO B 36 -40.10 -11.22 -58.93
N ILE B 37 -40.32 -11.11 -57.62
CA ILE B 37 -41.41 -11.81 -56.97
C ILE B 37 -42.75 -11.36 -57.52
N SER B 38 -42.89 -10.06 -57.81
CA SER B 38 -44.16 -9.54 -58.30
C SER B 38 -44.54 -10.18 -59.64
N LYS B 39 -43.56 -10.33 -60.54
CA LYS B 39 -43.84 -10.90 -61.84
C LYS B 39 -43.92 -12.42 -61.84
N ALA B 40 -43.54 -13.06 -60.73
CA ALA B 40 -43.56 -14.51 -60.65
C ALA B 40 -44.96 -15.02 -60.31
N VAL B 41 -45.09 -16.34 -60.28
CA VAL B 41 -46.37 -16.99 -59.98
C VAL B 41 -46.20 -17.90 -58.78
N GLU B 42 -47.30 -18.49 -58.30
CA GLU B 42 -47.31 -19.34 -57.12
C GLU B 42 -47.29 -20.80 -57.55
N ASN B 43 -46.27 -21.53 -57.12
CA ASN B 43 -46.13 -22.96 -57.38
C ASN B 43 -46.27 -23.31 -58.86
N PRO B 44 -45.36 -22.84 -59.71
CA PRO B 44 -45.42 -23.21 -61.13
C PRO B 44 -45.04 -24.67 -61.33
N THR B 45 -45.57 -25.25 -62.41
CA THR B 45 -45.28 -26.62 -62.78
C THR B 45 -44.60 -26.66 -64.14
N ALA B 46 -43.89 -27.77 -64.39
CA ALA B 46 -43.17 -27.91 -65.65
C ALA B 46 -44.12 -27.96 -66.84
N THR B 47 -45.26 -28.64 -66.69
CA THR B 47 -46.20 -28.77 -67.79
C THR B 47 -46.79 -27.42 -68.21
N GLU B 48 -47.08 -26.54 -67.24
CA GLU B 48 -47.60 -25.22 -67.58
C GLU B 48 -46.57 -24.43 -68.40
N ILE B 49 -45.31 -24.45 -67.97
CA ILE B 49 -44.27 -23.74 -68.71
C ILE B 49 -44.12 -24.33 -70.10
N GLN B 50 -44.13 -25.66 -70.21
CA GLN B 50 -43.97 -26.30 -71.51
C GLN B 50 -45.11 -25.92 -72.45
N ASP B 51 -46.35 -25.91 -71.97
CA ASP B 51 -47.46 -25.61 -72.86
C ASP B 51 -47.51 -24.13 -73.23
N VAL B 52 -47.13 -23.24 -72.29
CA VAL B 52 -47.14 -21.82 -72.64
C VAL B 52 -46.02 -21.49 -73.61
N CYS B 53 -44.84 -22.10 -73.46
CA CYS B 53 -43.76 -21.83 -74.39
C CYS B 53 -43.93 -22.55 -75.71
N SER B 54 -44.75 -23.62 -75.73
CA SER B 54 -44.98 -24.35 -76.97
C SER B 54 -45.83 -23.55 -77.95
N ALA B 55 -46.64 -22.60 -77.44
CA ALA B 55 -47.47 -21.79 -78.31
C ALA B 55 -46.65 -20.87 -79.21
N VAL B 56 -45.39 -20.64 -78.89
CA VAL B 56 -44.50 -19.81 -79.68
C VAL B 56 -43.50 -20.66 -80.47
N GLY B 57 -42.82 -21.59 -79.80
CA GLY B 57 -41.86 -22.45 -80.45
C GLY B 57 -42.17 -23.92 -80.23
N LEU B 58 -42.04 -24.72 -81.28
CA LEU B 58 -42.31 -26.16 -81.21
C LEU B 58 -41.07 -26.98 -80.90
N ASN B 59 -39.91 -26.34 -80.69
CA ASN B 59 -38.68 -27.07 -80.39
C ASN B 59 -38.57 -27.50 -78.94
N VAL B 60 -39.49 -27.06 -78.08
CA VAL B 60 -39.44 -27.42 -76.67
C VAL B 60 -39.90 -28.85 -76.47
N PHE B 61 -39.15 -29.63 -75.69
CA PHE B 61 -39.61 -30.94 -75.26
C PHE B 61 -39.38 -31.08 -73.75
N LEU B 62 -40.27 -31.81 -73.10
CA LEU B 62 -40.30 -31.89 -71.64
C LEU B 62 -40.16 -33.34 -71.19
N GLU B 63 -39.44 -33.52 -70.07
CA GLU B 63 -39.41 -34.78 -69.36
C GLU B 63 -39.87 -34.55 -67.93
N LYS B 64 -40.33 -35.63 -67.29
CA LYS B 64 -40.89 -35.56 -65.95
C LYS B 64 -40.15 -36.39 -64.93
N ASN B 65 -39.25 -37.27 -65.34
CA ASN B 65 -38.60 -38.21 -64.44
C ASN B 65 -37.38 -37.61 -63.74
N LYS B 66 -37.02 -36.37 -64.03
CA LYS B 66 -35.87 -35.72 -63.42
C LYS B 66 -36.28 -34.38 -62.83
N MET B 67 -35.56 -33.95 -61.80
CA MET B 67 -35.94 -32.80 -61.01
C MET B 67 -34.75 -31.87 -60.82
N TYR B 68 -35.05 -30.66 -60.38
CA TYR B 68 -34.02 -29.64 -60.16
C TYR B 68 -33.19 -29.98 -58.93
N SER B 69 -31.94 -29.51 -58.93
CA SER B 69 -31.00 -29.88 -57.87
C SER B 69 -31.41 -29.27 -56.53
N ARG B 70 -31.70 -27.97 -56.50
CA ARG B 70 -32.00 -27.31 -55.24
C ARG B 70 -33.38 -27.66 -54.69
N GLU B 71 -34.21 -28.37 -55.45
CA GLU B 71 -35.54 -28.75 -54.97
C GLU B 71 -35.39 -29.89 -53.98
N TRP B 72 -35.25 -29.54 -52.71
CA TRP B 72 -35.14 -30.56 -51.67
C TRP B 72 -36.44 -31.34 -51.52
N ASN B 73 -37.57 -30.66 -51.62
CA ASN B 73 -38.86 -31.31 -51.44
C ASN B 73 -39.14 -32.25 -52.61
N ARG B 74 -39.85 -33.34 -52.30
CA ARG B 74 -40.19 -34.36 -53.28
C ARG B 74 -41.66 -34.22 -53.64
N ASP B 75 -41.93 -33.46 -54.70
CA ASP B 75 -43.28 -33.23 -55.17
C ASP B 75 -43.34 -33.39 -56.68
N VAL B 76 -44.52 -33.77 -57.18
CA VAL B 76 -44.69 -33.93 -58.62
C VAL B 76 -44.67 -32.58 -59.32
N GLN B 77 -45.33 -31.58 -58.74
CA GLN B 77 -45.40 -30.26 -59.36
C GLN B 77 -44.03 -29.60 -59.46
N TYR B 78 -43.09 -29.95 -58.58
CA TYR B 78 -41.74 -29.45 -58.65
C TYR B 78 -40.82 -30.34 -59.47
N ARG B 79 -41.35 -31.40 -60.08
CA ARG B 79 -40.58 -32.33 -60.87
C ARG B 79 -40.77 -32.04 -62.35
N GLY B 80 -39.78 -32.41 -63.15
CA GLY B 80 -39.81 -32.20 -64.58
C GLY B 80 -38.94 -31.02 -65.01
N ARG B 81 -38.63 -30.99 -66.31
CA ARG B 81 -37.79 -29.94 -66.86
C ARG B 81 -38.15 -29.74 -68.32
N VAL B 82 -37.74 -28.60 -68.86
CA VAL B 82 -38.12 -28.16 -70.19
C VAL B 82 -36.85 -27.87 -71.00
N ARG B 83 -36.82 -28.32 -72.25
CA ARG B 83 -35.74 -28.02 -73.18
C ARG B 83 -36.29 -27.15 -74.29
N VAL B 84 -35.66 -25.99 -74.51
CA VAL B 84 -36.08 -25.03 -75.51
C VAL B 84 -34.90 -24.68 -76.40
N GLN B 85 -35.14 -24.64 -77.71
CA GLN B 85 -34.11 -24.30 -78.69
C GLN B 85 -34.31 -22.85 -79.13
N LEU B 86 -33.36 -21.98 -78.81
CA LEU B 86 -33.38 -20.60 -79.27
C LEU B 86 -32.38 -20.33 -80.39
N LYS B 87 -31.41 -21.22 -80.60
CA LYS B 87 -30.41 -21.08 -81.64
C LYS B 87 -30.50 -22.27 -82.59
N GLN B 88 -30.46 -21.98 -83.89
CA GLN B 88 -30.48 -23.02 -84.91
C GLN B 88 -29.13 -23.71 -85.08
N GLU B 89 -28.18 -23.45 -84.18
CA GLU B 89 -26.85 -24.04 -84.17
C GLU B 89 -26.03 -23.67 -85.42
N ASP B 90 -26.42 -22.62 -86.13
CA ASP B 90 -25.68 -22.13 -87.29
C ASP B 90 -25.29 -20.66 -87.15
N GLY B 91 -25.49 -20.06 -85.98
CA GLY B 91 -25.19 -18.67 -85.77
C GLY B 91 -26.36 -17.72 -85.87
N SER B 92 -27.58 -18.23 -85.98
CA SER B 92 -28.78 -17.40 -86.10
C SER B 92 -29.79 -17.81 -85.06
N LEU B 93 -30.51 -16.83 -84.52
CA LEU B 93 -31.56 -17.09 -83.55
C LEU B 93 -32.70 -17.87 -84.19
N CYS B 94 -33.20 -18.89 -83.47
CA CYS B 94 -34.37 -19.62 -83.95
C CYS B 94 -35.58 -18.71 -84.00
N LEU B 95 -35.77 -17.87 -82.98
CA LEU B 95 -36.86 -16.90 -82.95
C LEU B 95 -36.30 -15.58 -82.44
N VAL B 96 -36.35 -14.54 -83.28
CA VAL B 96 -35.82 -13.24 -82.90
C VAL B 96 -36.65 -12.54 -81.83
N GLN B 97 -37.88 -13.02 -81.58
CA GLN B 97 -38.72 -12.39 -80.57
C GLN B 97 -38.12 -12.54 -79.17
N PHE B 98 -37.57 -13.72 -78.87
CA PHE B 98 -37.01 -14.01 -77.56
C PHE B 98 -35.52 -14.35 -77.72
N PRO B 99 -34.63 -13.36 -77.64
CA PRO B 99 -33.20 -13.63 -77.77
C PRO B 99 -32.54 -14.12 -76.49
N SER B 100 -33.22 -14.05 -75.35
CA SER B 100 -32.64 -14.42 -74.07
C SER B 100 -33.63 -15.24 -73.27
N ARG B 101 -33.09 -16.03 -72.34
CA ARG B 101 -33.94 -16.85 -71.48
C ARG B 101 -34.83 -16.00 -70.59
N LYS B 102 -34.39 -14.77 -70.29
CA LYS B 102 -35.19 -13.88 -69.44
C LYS B 102 -36.52 -13.57 -70.09
N SER B 103 -36.52 -13.29 -71.41
CA SER B 103 -37.76 -13.01 -72.10
C SER B 103 -38.70 -14.21 -72.06
N VAL B 104 -38.17 -15.41 -72.29
CA VAL B 104 -39.01 -16.61 -72.27
C VAL B 104 -39.60 -16.84 -70.89
N MET B 105 -38.78 -16.70 -69.85
CA MET B 105 -39.27 -16.97 -68.50
C MET B 105 -40.28 -15.92 -68.05
N LEU B 106 -40.08 -14.65 -68.43
CA LEU B 106 -41.07 -13.64 -68.07
C LEU B 106 -42.37 -13.84 -68.84
N TYR B 107 -42.28 -14.25 -70.11
CA TYR B 107 -43.49 -14.55 -70.86
C TYR B 107 -44.25 -15.71 -70.24
N ALA B 108 -43.55 -16.76 -69.84
CA ALA B 108 -44.19 -17.89 -69.18
C ALA B 108 -44.84 -17.47 -67.86
N ALA B 109 -44.13 -16.65 -67.07
CA ALA B 109 -44.67 -16.19 -65.80
C ALA B 109 -45.92 -15.35 -66.01
N GLU B 110 -45.93 -14.53 -67.06
CA GLU B 110 -47.11 -13.71 -67.35
C GLU B 110 -48.28 -14.57 -67.83
N MET B 111 -48.00 -15.60 -68.63
CA MET B 111 -49.06 -16.42 -69.21
C MET B 111 -49.60 -17.48 -68.26
N ILE B 112 -48.86 -17.82 -67.20
CA ILE B 112 -49.33 -18.85 -66.27
C ILE B 112 -50.65 -18.48 -65.58
N PRO B 113 -50.82 -17.28 -65.00
CA PRO B 113 -52.09 -17.00 -64.30
C PRO B 113 -53.32 -17.06 -65.20
N LYS B 114 -53.19 -16.69 -66.46
CA LYS B 114 -54.35 -16.72 -67.36
C LYS B 114 -54.87 -18.14 -67.52
N LEU B 115 -53.98 -19.11 -67.70
CA LEU B 115 -54.41 -20.50 -67.81
C LEU B 115 -54.78 -21.11 -66.47
N LYS B 116 -54.16 -20.64 -65.38
CA LYS B 116 -54.52 -21.17 -64.07
C LYS B 116 -55.94 -20.79 -63.66
N THR B 117 -56.41 -19.63 -64.09
CA THR B 117 -57.76 -19.18 -63.75
C THR B 117 -58.81 -20.02 -64.49
N UNK C 1 -41.34 -62.09 -51.57
CA UNK C 1 -39.92 -61.83 -51.35
C UNK C 1 -39.67 -61.26 -49.97
N UNK C 2 -40.57 -60.38 -49.52
CA UNK C 2 -40.45 -59.80 -48.19
C UNK C 2 -40.57 -60.86 -47.10
N UNK C 3 -41.50 -61.79 -47.27
CA UNK C 3 -41.68 -62.85 -46.27
C UNK C 3 -40.44 -63.73 -46.16
N UNK C 4 -39.85 -64.09 -47.30
CA UNK C 4 -38.63 -64.91 -47.27
C UNK C 4 -37.49 -64.15 -46.60
N UNK C 5 -37.34 -62.85 -46.91
CA UNK C 5 -36.30 -62.06 -46.28
C UNK C 5 -36.52 -61.95 -44.78
N UNK C 6 -37.76 -61.76 -44.34
CA UNK C 6 -38.05 -61.71 -42.92
C UNK C 6 -37.75 -63.04 -42.25
N UNK C 7 -38.09 -64.15 -42.90
CA UNK C 7 -37.78 -65.46 -42.34
C UNK C 7 -36.27 -65.67 -42.22
N UNK C 8 -35.52 -65.26 -43.25
CA UNK C 8 -34.07 -65.39 -43.19
C UNK C 8 -33.48 -64.52 -42.08
N UNK C 9 -34.00 -63.31 -41.91
CA UNK C 9 -33.52 -62.44 -40.84
C UNK C 9 -33.83 -63.03 -39.47
N UNK C 10 -35.02 -63.58 -39.30
CA UNK C 10 -35.37 -64.21 -38.02
C UNK C 10 -34.49 -65.42 -37.73
N UNK C 11 -34.22 -66.23 -38.76
CA UNK C 11 -33.34 -67.38 -38.58
C UNK C 11 -31.93 -66.94 -38.21
N UNK C 12 -31.42 -65.89 -38.87
CA UNK C 12 -30.09 -65.38 -38.53
C UNK C 12 -30.05 -64.85 -37.11
N UNK C 13 -31.09 -64.14 -36.68
CA UNK C 13 -31.13 -63.61 -35.32
C UNK C 13 -31.17 -64.75 -34.30
N UNK C 14 -31.97 -65.78 -34.57
CA UNK C 14 -32.03 -66.92 -33.66
C UNK C 14 -30.70 -67.65 -33.58
N UNK C 15 -30.03 -67.83 -34.73
CA UNK C 15 -28.73 -68.48 -34.75
C UNK C 15 -27.70 -67.66 -33.99
N UNK C 16 -27.72 -66.33 -34.16
CA UNK C 16 -26.78 -65.48 -33.43
C UNK C 16 -27.04 -65.53 -31.92
N UNK C 17 -28.32 -65.54 -31.52
CA UNK C 17 -28.65 -65.64 -30.11
C UNK C 17 -28.21 -66.97 -29.52
N UNK C 18 -28.40 -68.06 -30.27
CA UNK C 18 -28.06 -69.38 -29.75
C UNK C 18 -26.54 -69.60 -29.73
N UNK C 19 -25.81 -69.02 -30.68
CA UNK C 19 -24.37 -69.24 -30.76
C UNK C 19 -23.67 -68.70 -29.51
N UNK C 20 -23.79 -67.40 -29.26
CA UNK C 20 -23.15 -66.79 -28.09
C UNK C 20 -23.88 -65.51 -27.69
N SER D 54 -27.51 30.69 5.61
CA SER D 54 -26.76 30.63 6.86
C SER D 54 -25.95 29.33 6.96
N LEU D 55 -25.81 28.64 5.84
CA LEU D 55 -25.09 27.38 5.75
C LEU D 55 -24.00 27.50 4.69
N SER D 56 -22.81 26.99 5.00
CA SER D 56 -21.66 27.08 4.12
C SER D 56 -20.93 25.73 4.07
N LEU D 57 -20.19 25.53 2.99
CA LEU D 57 -19.36 24.34 2.83
C LEU D 57 -18.04 24.74 2.19
N GLU D 58 -16.96 24.19 2.71
CA GLU D 58 -15.61 24.45 2.18
C GLU D 58 -15.28 23.36 1.19
N ILE D 59 -15.48 23.65 -0.10
CA ILE D 59 -15.29 22.65 -1.14
C ILE D 59 -13.82 22.22 -1.21
N LEU D 60 -12.91 23.19 -1.29
CA LEU D 60 -11.50 22.87 -1.48
C LEU D 60 -10.94 22.09 -0.31
N GLN D 61 -11.25 22.51 0.91
CA GLN D 61 -10.76 21.79 2.09
C GLN D 61 -11.29 20.37 2.13
N ILE D 62 -12.58 20.19 1.83
CA ILE D 62 -13.18 18.86 1.88
C ILE D 62 -12.53 17.95 0.84
N ILE D 63 -12.38 18.44 -0.39
CA ILE D 63 -11.82 17.58 -1.43
C ILE D 63 -10.36 17.28 -1.15
N LYS D 64 -9.60 18.24 -0.62
CA LYS D 64 -8.21 17.99 -0.30
C LYS D 64 -8.06 16.97 0.82
N GLU D 65 -8.86 17.09 1.88
CA GLU D 65 -8.75 16.14 2.98
C GLU D 65 -9.27 14.76 2.58
N SER D 66 -10.19 14.70 1.61
CA SER D 66 -10.62 13.40 1.11
C SER D 66 -9.54 12.76 0.24
N GLN D 67 -8.88 13.55 -0.61
CA GLN D 67 -7.86 13.00 -1.49
C GLN D 67 -6.62 12.56 -0.71
N GLN D 68 -6.19 13.37 0.25
CA GLN D 68 -4.93 13.08 0.95
C GLN D 68 -5.01 11.84 1.83
N GLN D 69 -6.20 11.29 2.06
CA GLN D 69 -6.35 10.16 2.98
C GLN D 69 -6.95 8.93 2.32
N HIS D 70 -7.10 8.91 0.99
CA HIS D 70 -7.74 7.78 0.33
C HIS D 70 -7.04 7.42 -0.97
N GLY D 71 -5.71 7.35 -0.94
CA GLY D 71 -4.94 6.81 -2.04
C GLY D 71 -4.34 7.84 -2.97
N LEU D 72 -4.85 9.07 -2.97
CA LEU D 72 -4.27 10.10 -3.82
C LEU D 72 -2.96 10.64 -3.25
N ARG D 73 -2.62 10.30 -2.01
CA ARG D 73 -1.38 10.77 -1.41
C ARG D 73 -0.17 10.22 -2.14
N HIS D 74 -0.21 8.94 -2.51
CA HIS D 74 0.88 8.29 -3.23
C HIS D 74 0.58 8.10 -4.71
N GLY D 75 -0.54 8.64 -5.19
CA GLY D 75 -0.84 8.59 -6.61
C GLY D 75 -1.61 7.36 -7.05
N ASP D 76 -2.69 7.04 -6.34
CA ASP D 76 -3.58 5.94 -6.72
C ASP D 76 -5.01 6.47 -6.78
N PHE D 77 -5.70 6.16 -7.88
CA PHE D 77 -7.04 6.69 -8.10
C PHE D 77 -8.15 5.66 -7.96
N GLN D 78 -7.85 4.37 -8.11
CA GLN D 78 -8.90 3.36 -8.08
C GLN D 78 -9.54 3.28 -6.69
N ARG D 79 -8.72 3.18 -5.65
CA ARG D 79 -9.26 3.12 -4.30
C ARG D 79 -9.92 4.44 -3.90
N TYR D 80 -9.42 5.56 -4.42
CA TYR D 80 -10.09 6.83 -4.16
C TYR D 80 -11.49 6.85 -4.78
N ARG D 81 -11.62 6.35 -6.00
CA ARG D 81 -12.95 6.26 -6.61
C ARG D 81 -13.86 5.31 -5.84
N GLY D 82 -13.30 4.20 -5.37
CA GLY D 82 -14.09 3.30 -4.55
C GLY D 82 -14.59 3.95 -3.27
N TYR D 83 -13.71 4.71 -2.61
CA TYR D 83 -14.12 5.43 -1.41
C TYR D 83 -15.17 6.48 -1.74
N CYS D 84 -15.03 7.17 -2.87
CA CYS D 84 -16.01 8.17 -3.25
C CYS D 84 -17.38 7.54 -3.48
N SER D 85 -17.42 6.39 -4.16
CA SER D 85 -18.68 5.69 -4.38
C SER D 85 -19.28 5.22 -3.06
N ARG D 86 -18.44 4.69 -2.16
CA ARG D 86 -18.95 4.23 -0.87
C ARG D 86 -19.50 5.39 -0.05
N ARG D 87 -18.84 6.54 -0.08
CA ARG D 87 -19.34 7.71 0.65
C ARG D 87 -20.64 8.21 0.04
N GLN D 88 -20.75 8.17 -1.29
CA GLN D 88 -22.01 8.52 -1.94
C GLN D 88 -23.13 7.60 -1.48
N ARG D 89 -22.86 6.30 -1.43
CA ARG D 89 -23.87 5.35 -0.97
C ARG D 89 -24.26 5.62 0.47
N ARG D 90 -23.28 5.89 1.34
CA ARG D 90 -23.57 6.18 2.74
C ARG D 90 -24.42 7.45 2.88
N LEU D 91 -24.08 8.50 2.13
CA LEU D 91 -24.86 9.73 2.21
C LEU D 91 -26.28 9.52 1.72
N ARG D 92 -26.45 8.80 0.61
CA ARG D 92 -27.80 8.53 0.10
C ARG D 92 -28.60 7.71 1.09
N LYS D 93 -27.96 6.73 1.73
CA LYS D 93 -28.66 5.94 2.75
C LYS D 93 -29.05 6.79 3.94
N THR D 94 -28.16 7.67 4.41
CA THR D 94 -28.43 8.45 5.59
C THR D 94 -29.52 9.48 5.34
N LEU D 95 -29.44 10.19 4.22
CA LEU D 95 -30.41 11.23 3.91
C LEU D 95 -31.66 10.70 3.25
N ASN D 96 -31.74 9.39 3.01
CA ASN D 96 -32.90 8.75 2.39
C ASN D 96 -33.22 9.38 1.04
N PHE D 97 -32.17 9.72 0.28
CA PHE D 97 -32.33 10.28 -1.06
C PHE D 97 -32.28 9.17 -2.11
N LYS D 98 -33.19 8.21 -1.94
CA LYS D 98 -33.28 7.08 -2.85
C LYS D 98 -33.93 7.52 -4.16
N MET D 99 -33.20 7.44 -5.26
CA MET D 99 -33.75 7.77 -6.57
C MET D 99 -34.17 6.54 -7.36
N GLY D 100 -33.56 5.38 -7.11
CA GLY D 100 -33.95 4.17 -7.77
C GLY D 100 -34.35 3.07 -6.80
N ASN D 101 -35.62 2.70 -6.80
CA ASN D 101 -36.09 1.61 -5.96
C ASN D 101 -35.93 0.30 -6.72
N ARG D 102 -36.48 -0.79 -6.19
CA ARG D 102 -36.37 -2.08 -6.84
C ARG D 102 -37.16 -2.10 -8.15
N HIS D 103 -36.57 -2.70 -9.18
CA HIS D 103 -37.20 -2.89 -10.49
C HIS D 103 -37.56 -1.58 -11.17
N LYS D 104 -36.94 -0.47 -10.78
CA LYS D 104 -37.21 0.81 -11.41
C LYS D 104 -36.03 1.74 -11.15
N PHE D 105 -36.00 2.84 -11.90
CA PHE D 105 -34.99 3.87 -11.73
C PHE D 105 -35.58 5.21 -12.12
N THR D 106 -35.42 6.21 -11.25
CA THR D 106 -35.95 7.56 -11.50
C THR D 106 -34.94 8.56 -10.95
N GLY D 107 -34.03 9.00 -11.82
CA GLY D 107 -33.05 10.00 -11.40
C GLY D 107 -33.73 11.31 -11.07
N LYS D 108 -33.46 11.84 -9.88
CA LYS D 108 -34.07 13.08 -9.40
C LYS D 108 -32.98 14.06 -8.98
N LYS D 109 -33.26 15.35 -9.21
CA LYS D 109 -32.31 16.41 -8.91
C LYS D 109 -32.71 17.11 -7.61
N VAL D 110 -31.70 17.52 -6.84
CA VAL D 110 -31.96 18.21 -5.59
C VAL D 110 -32.48 19.61 -5.88
N THR D 111 -33.53 20.01 -5.17
CA THR D 111 -34.14 21.32 -5.34
C THR D 111 -33.59 22.29 -4.30
N GLU D 112 -34.02 23.56 -4.41
CA GLU D 112 -33.55 24.58 -3.49
C GLU D 112 -34.02 24.30 -2.07
N ASP D 113 -35.27 23.84 -1.91
CA ASP D 113 -35.79 23.56 -0.57
C ASP D 113 -35.10 22.39 0.09
N LEU D 114 -34.52 21.48 -0.69
CA LEU D 114 -33.90 20.28 -0.11
C LEU D 114 -32.56 20.57 0.54
N LEU D 115 -31.79 21.52 -0.02
CA LEU D 115 -30.38 21.67 0.35
C LEU D 115 -30.19 22.35 1.70
N THR D 116 -31.27 22.48 2.48
CA THR D 116 -31.18 23.14 3.78
C THR D 116 -30.32 22.38 4.78
N ASP D 117 -29.97 21.13 4.51
CA ASP D 117 -29.20 20.31 5.43
C ASP D 117 -27.69 20.45 5.26
N ASN D 118 -27.24 21.27 4.30
CA ASN D 118 -25.82 21.52 4.05
C ASN D 118 -25.05 20.26 3.69
N ARG D 119 -25.74 19.25 3.16
CA ARG D 119 -25.09 18.00 2.79
C ARG D 119 -25.46 17.51 1.39
N TYR D 120 -26.57 18.00 0.82
CA TYR D 120 -26.93 17.59 -0.54
C TYR D 120 -25.94 18.10 -1.57
N LEU D 121 -25.33 19.27 -1.31
CA LEU D 121 -24.27 19.75 -2.20
C LEU D 121 -23.08 18.80 -2.21
N LEU D 122 -22.80 18.18 -1.07
CA LEU D 122 -21.71 17.22 -0.99
C LEU D 122 -21.95 16.02 -1.91
N LEU D 123 -23.21 15.67 -2.14
CA LEU D 123 -23.51 14.58 -3.07
C LEU D 123 -23.03 14.89 -4.48
N VAL D 124 -23.38 16.08 -4.98
CA VAL D 124 -22.95 16.47 -6.32
C VAL D 124 -21.44 16.67 -6.35
N LEU D 125 -20.86 17.20 -5.27
CA LEU D 125 -19.42 17.36 -5.21
C LEU D 125 -18.71 16.01 -5.32
N MET D 126 -19.22 15.00 -4.60
CA MET D 126 -18.60 13.68 -4.67
C MET D 126 -18.83 13.03 -6.03
N ASP D 127 -19.97 13.27 -6.67
CA ASP D 127 -20.16 12.77 -8.03
C ASP D 127 -19.12 13.36 -8.97
N ALA D 128 -18.90 14.67 -8.87
CA ALA D 128 -17.90 15.31 -9.71
C ALA D 128 -16.50 14.79 -9.40
N GLU D 129 -16.19 14.60 -8.12
CA GLU D 129 -14.88 14.08 -7.74
C GLU D 129 -14.67 12.66 -8.26
N ARG D 130 -15.69 11.82 -8.18
CA ARG D 130 -15.58 10.46 -8.70
C ARG D 130 -15.37 10.46 -10.21
N ALA D 131 -16.11 11.31 -10.93
CA ALA D 131 -15.91 11.41 -12.37
C ALA D 131 -14.49 11.88 -12.70
N TRP D 132 -13.99 12.87 -11.96
CA TRP D 132 -12.64 13.37 -12.20
C TRP D 132 -11.60 12.30 -11.89
N SER D 133 -11.79 11.54 -10.81
CA SER D 133 -10.85 10.48 -10.47
C SER D 133 -10.82 9.39 -11.53
N TYR D 134 -12.00 9.00 -12.04
CA TYR D 134 -12.03 8.00 -13.10
C TYR D 134 -11.37 8.54 -14.36
N ALA D 135 -11.57 9.83 -14.65
CA ALA D 135 -10.92 10.44 -15.80
C ALA D 135 -9.40 10.40 -15.67
N MET D 136 -8.89 10.71 -14.47
CA MET D 136 -7.45 10.68 -14.26
C MET D 136 -6.90 9.26 -14.37
N GLN D 137 -7.64 8.28 -13.83
CA GLN D 137 -7.21 6.90 -13.97
C GLN D 137 -7.16 6.47 -15.44
N LEU D 138 -8.17 6.88 -16.22
CA LEU D 138 -8.17 6.59 -17.64
C LEU D 138 -7.00 7.27 -18.34
N LYS D 139 -6.67 8.50 -17.92
CA LYS D 139 -5.51 9.18 -18.50
C LYS D 139 -4.23 8.41 -18.21
N GLN D 140 -4.08 7.91 -16.99
CA GLN D 140 -2.90 7.13 -16.65
C GLN D 140 -2.84 5.84 -17.47
N GLU D 141 -3.99 5.20 -17.68
CA GLU D 141 -4.02 3.92 -18.38
C GLU D 141 -4.02 4.06 -19.90
N ALA D 142 -4.23 5.27 -20.43
CA ALA D 142 -4.35 5.44 -21.87
C ALA D 142 -3.04 5.22 -22.61
N ASN D 143 -1.91 5.17 -21.90
CA ASN D 143 -0.64 4.91 -22.56
C ASN D 143 -0.61 3.52 -23.17
N THR D 144 -1.17 2.53 -22.46
CA THR D 144 -1.23 1.18 -22.99
C THR D 144 -2.22 1.07 -24.14
N GLU D 145 -3.42 1.62 -23.96
CA GLU D 145 -4.46 1.56 -24.99
C GLU D 145 -4.94 2.97 -25.30
N PRO D 146 -4.72 3.47 -26.53
CA PRO D 146 -5.22 4.81 -26.88
C PRO D 146 -6.72 4.94 -26.80
N ARG D 147 -7.47 3.86 -27.03
CA ARG D 147 -8.92 3.93 -27.04
C ARG D 147 -9.49 4.50 -25.75
N LYS D 148 -8.87 4.19 -24.61
CA LYS D 148 -9.33 4.71 -23.33
C LYS D 148 -9.44 6.23 -23.34
N ARG D 149 -8.58 6.92 -24.09
CA ARG D 149 -8.66 8.38 -24.16
C ARG D 149 -10.06 8.83 -24.51
N PHE D 150 -10.68 8.19 -25.52
CA PHE D 150 -12.04 8.55 -25.87
C PHE D 150 -12.96 8.43 -24.66
N HIS D 151 -12.91 7.29 -23.98
CA HIS D 151 -13.69 7.13 -22.76
C HIS D 151 -13.40 8.26 -21.79
N LEU D 152 -12.11 8.60 -21.63
CA LEU D 152 -11.73 9.69 -20.75
C LEU D 152 -12.54 10.94 -21.06
N LEU D 153 -12.60 11.33 -22.34
CA LEU D 153 -13.33 12.53 -22.71
C LEU D 153 -14.75 12.48 -22.19
N SER D 154 -15.43 11.35 -22.39
CA SER D 154 -16.81 11.24 -21.96
C SER D 154 -16.94 11.54 -20.48
N ARG D 155 -16.04 10.96 -19.66
CA ARG D 155 -16.10 11.20 -18.23
C ARG D 155 -15.97 12.68 -17.91
N LEU D 156 -15.03 13.36 -18.57
CA LEU D 156 -14.89 14.79 -18.35
C LEU D 156 -16.17 15.52 -18.76
N ARG D 157 -16.77 15.10 -19.88
CA ARG D 157 -18.02 15.72 -20.32
C ARG D 157 -19.09 15.60 -19.23
N LYS D 158 -19.06 14.49 -18.47
CA LYS D 158 -19.96 14.40 -17.33
C LYS D 158 -19.51 15.30 -16.19
N ALA D 159 -18.22 15.27 -15.86
CA ALA D 159 -17.77 15.88 -14.61
C ALA D 159 -18.08 17.36 -14.57
N VAL D 160 -17.67 18.10 -15.60
CA VAL D 160 -17.96 19.53 -15.66
C VAL D 160 -19.44 19.77 -15.53
N LYS D 161 -20.25 18.96 -16.22
CA LYS D 161 -21.70 19.09 -16.11
C LYS D 161 -22.14 19.06 -14.65
N HIS D 162 -21.70 18.05 -13.90
CA HIS D 162 -22.03 17.98 -12.49
C HIS D 162 -21.64 19.28 -11.80
N ALA D 163 -20.40 19.73 -11.99
CA ALA D 163 -19.96 20.97 -11.37
C ALA D 163 -20.89 22.12 -11.77
N GLU D 164 -21.20 22.24 -13.07
CA GLU D 164 -22.05 23.33 -13.49
C GLU D 164 -23.43 23.20 -12.85
N GLU D 165 -23.93 21.97 -12.72
CA GLU D 165 -25.19 21.76 -12.00
C GLU D 165 -25.07 22.30 -10.58
N LEU D 166 -23.98 21.95 -9.90
CA LEU D 166 -23.78 22.46 -8.55
C LEU D 166 -23.73 23.98 -8.55
N GLU D 167 -23.15 24.57 -9.60
CA GLU D 167 -23.13 26.02 -9.70
C GLU D 167 -24.55 26.58 -9.75
N ARG D 168 -25.42 25.94 -10.54
CA ARG D 168 -26.80 26.40 -10.61
C ARG D 168 -27.55 26.08 -9.33
N LEU D 169 -26.99 25.21 -8.48
CA LEU D 169 -27.55 24.99 -7.16
C LEU D 169 -27.05 26.03 -6.15
N CYS D 170 -26.00 26.77 -6.47
CA CYS D 170 -25.47 27.80 -5.59
C CYS D 170 -26.00 29.19 -5.92
N GLU D 171 -26.85 29.32 -6.95
CA GLU D 171 -27.40 30.63 -7.29
C GLU D 171 -28.38 31.11 -6.22
N SER D 172 -28.93 30.19 -5.43
CA SER D 172 -29.87 30.56 -4.40
C SER D 172 -29.20 31.39 -3.31
N ASN D 173 -29.97 32.32 -2.74
CA ASN D 173 -29.44 33.17 -1.68
C ASN D 173 -29.27 32.42 -0.37
N ARG D 174 -29.85 31.22 -0.27
CA ARG D 174 -29.74 30.46 0.97
C ARG D 174 -28.30 30.08 1.27
N VAL D 175 -27.55 29.65 0.25
CA VAL D 175 -26.17 29.24 0.47
C VAL D 175 -25.27 30.47 0.59
N ASP D 176 -24.21 30.33 1.38
CA ASP D 176 -23.29 31.44 1.62
C ASP D 176 -22.47 31.75 0.37
N ALA D 177 -21.95 32.97 0.32
CA ALA D 177 -21.20 33.42 -0.85
C ALA D 177 -19.83 32.74 -0.93
N LYS D 178 -19.24 32.39 0.22
CA LYS D 178 -17.94 31.72 0.20
C LYS D 178 -18.03 30.38 -0.50
N THR D 179 -19.13 29.65 -0.31
CA THR D 179 -19.35 28.42 -1.05
C THR D 179 -19.55 28.70 -2.54
N LYS D 180 -20.22 29.81 -2.87
CA LYS D 180 -20.43 30.17 -4.27
C LYS D 180 -19.10 30.41 -4.98
N LEU D 181 -18.18 31.12 -4.34
CA LEU D 181 -16.88 31.40 -4.95
C LEU D 181 -16.10 30.10 -5.18
N GLU D 182 -16.10 29.22 -4.19
CA GLU D 182 -15.40 27.95 -4.34
C GLU D 182 -16.01 27.11 -5.45
N ALA D 183 -17.35 27.09 -5.54
CA ALA D 183 -18.00 26.33 -6.60
C ALA D 183 -17.64 26.89 -7.97
N GLN D 184 -17.63 28.22 -8.10
CA GLN D 184 -17.25 28.83 -9.38
C GLN D 184 -15.82 28.49 -9.74
N ALA D 185 -14.91 28.56 -8.77
CA ALA D 185 -13.51 28.24 -9.04
C ALA D 185 -13.35 26.79 -9.46
N TYR D 186 -14.03 25.87 -8.76
CA TYR D 186 -13.94 24.46 -9.10
C TYR D 186 -14.49 24.18 -10.49
N THR D 187 -15.63 24.78 -10.82
CA THR D 187 -16.21 24.60 -12.15
C THR D 187 -15.28 25.14 -13.23
N ALA D 188 -14.70 26.33 -13.00
CA ALA D 188 -13.78 26.90 -13.97
C ALA D 188 -12.55 26.02 -14.14
N TYR D 189 -12.02 25.47 -13.04
CA TYR D 189 -10.86 24.59 -13.13
C TYR D 189 -11.19 23.33 -13.92
N LEU D 190 -12.34 22.72 -13.65
CA LEU D 190 -12.73 21.52 -14.39
C LEU D 190 -12.92 21.81 -15.87
N SER D 191 -13.57 22.93 -16.19
CA SER D 191 -13.77 23.29 -17.60
C SER D 191 -12.44 23.55 -18.29
N GLY D 192 -11.53 24.24 -17.61
CA GLY D 192 -10.22 24.49 -18.20
C GLY D 192 -9.45 23.21 -18.45
N MET D 193 -9.50 22.28 -17.50
CA MET D 193 -8.80 21.01 -17.69
C MET D 193 -9.43 20.22 -18.84
N LEU D 194 -10.76 20.23 -18.94
CA LEU D 194 -11.43 19.54 -20.03
C LEU D 194 -11.01 20.13 -21.37
N ARG D 195 -10.96 21.46 -21.48
CA ARG D 195 -10.58 22.09 -22.74
C ARG D 195 -9.11 21.84 -23.05
N PHE D 196 -8.26 21.83 -22.03
CA PHE D 196 -6.85 21.52 -22.24
C PHE D 196 -6.67 20.10 -22.76
N GLU D 197 -7.44 19.15 -22.22
CA GLU D 197 -7.36 17.78 -22.71
C GLU D 197 -7.83 17.68 -24.15
N HIS D 198 -8.87 18.43 -24.51
CA HIS D 198 -9.41 18.42 -25.87
C HIS D 198 -8.64 19.32 -26.82
N GLN D 199 -7.46 19.79 -26.43
CA GLN D 199 -6.60 20.63 -27.27
C GLN D 199 -7.29 21.92 -27.69
N GLU D 200 -8.10 22.49 -26.81
CA GLU D 200 -8.72 23.80 -27.03
C GLU D 200 -8.00 24.79 -26.11
N TRP D 201 -7.06 25.54 -26.69
CA TRP D 201 -6.16 26.36 -25.88
C TRP D 201 -6.86 27.61 -25.34
N LYS D 202 -7.68 28.27 -26.16
CA LYS D 202 -8.25 29.56 -25.76
C LYS D 202 -9.21 29.40 -24.59
N ALA D 203 -10.17 28.48 -24.70
CA ALA D 203 -11.12 28.28 -23.62
C ALA D 203 -10.42 27.80 -22.35
N ALA D 204 -9.46 26.89 -22.49
CA ALA D 204 -8.73 26.39 -21.33
C ALA D 204 -7.97 27.51 -20.64
N ILE D 205 -7.29 28.36 -21.41
CA ILE D 205 -6.50 29.42 -20.80
C ILE D 205 -7.40 30.46 -20.14
N GLU D 206 -8.55 30.75 -20.75
CA GLU D 206 -9.48 31.69 -20.14
C GLU D 206 -10.03 31.14 -18.82
N ALA D 207 -10.44 29.87 -18.82
CA ALA D 207 -10.97 29.27 -17.60
C ALA D 207 -9.90 29.20 -16.52
N PHE D 208 -8.66 28.85 -16.89
CA PHE D 208 -7.59 28.79 -15.91
C PHE D 208 -7.26 30.16 -15.35
N ASN D 209 -7.26 31.20 -16.19
CA ASN D 209 -7.04 32.55 -15.68
C ASN D 209 -8.14 32.97 -14.72
N LYS D 210 -9.40 32.65 -15.05
CA LYS D 210 -10.49 32.95 -14.15
C LYS D 210 -10.33 32.23 -12.82
N CYS D 211 -9.97 30.94 -12.86
CA CYS D 211 -9.80 30.18 -11.63
C CYS D 211 -8.66 30.74 -10.79
N LYS D 212 -7.55 31.11 -11.44
CA LYS D 212 -6.42 31.68 -10.70
C LYS D 212 -6.81 33.00 -10.06
N THR D 213 -7.54 33.85 -10.78
CA THR D 213 -7.99 35.11 -10.20
C THR D 213 -8.89 34.89 -9.00
N ILE D 214 -9.84 33.96 -9.11
CA ILE D 214 -10.73 33.68 -7.99
C ILE D 214 -9.95 33.16 -6.80
N TYR D 215 -9.01 32.24 -7.04
CA TYR D 215 -8.23 31.67 -5.95
C TYR D 215 -7.35 32.70 -5.27
N GLU D 216 -6.71 33.59 -6.04
CA GLU D 216 -5.86 34.60 -5.43
C GLU D 216 -6.70 35.61 -4.66
N LYS D 217 -7.88 35.97 -5.17
CA LYS D 217 -8.77 36.85 -4.41
C LYS D 217 -9.20 36.20 -3.09
N LEU D 218 -9.54 34.91 -3.14
CA LEU D 218 -9.93 34.20 -1.92
C LEU D 218 -8.78 34.13 -0.93
N ALA D 219 -7.56 33.87 -1.43
CA ALA D 219 -6.40 33.82 -0.56
C ALA D 219 -6.13 35.17 0.10
N SER D 220 -6.24 36.25 -0.68
CA SER D 220 -6.07 37.58 -0.10
C SER D 220 -7.18 37.91 0.88
N ALA D 221 -8.36 37.31 0.71
CA ALA D 221 -9.46 37.58 1.62
C ALA D 221 -9.21 37.03 3.01
N PHE D 222 -8.52 35.90 3.12
CA PHE D 222 -8.27 35.25 4.39
C PHE D 222 -6.88 35.63 4.92
N THR D 223 -6.48 35.01 6.02
CA THR D 223 -5.19 35.26 6.63
C THR D 223 -4.10 34.47 5.91
N GLU D 224 -2.85 34.73 6.32
CA GLU D 224 -1.72 34.06 5.69
C GLU D 224 -1.73 32.56 5.98
N GLU D 225 -2.11 32.16 7.20
CA GLU D 225 -2.13 30.74 7.54
C GLU D 225 -3.18 30.00 6.73
N GLN D 226 -4.35 30.61 6.52
CA GLN D 226 -5.41 29.94 5.79
C GLN D 226 -5.15 29.92 4.30
N ALA D 227 -4.50 30.96 3.77
CA ALA D 227 -4.36 31.13 2.33
C ALA D 227 -3.32 30.21 1.70
N VAL D 228 -2.39 29.66 2.48
CA VAL D 228 -1.28 28.92 1.91
C VAL D 228 -1.79 27.75 1.07
N LEU D 229 -2.76 27.01 1.59
CA LEU D 229 -3.36 25.92 0.82
C LEU D 229 -3.83 26.42 -0.54
N TYR D 230 -4.59 27.51 -0.55
CA TYR D 230 -5.03 28.08 -1.82
C TYR D 230 -3.83 28.43 -2.70
N ASN D 231 -2.80 29.02 -2.12
CA ASN D 231 -1.59 29.31 -2.87
C ASN D 231 -1.03 28.04 -3.48
N GLN D 232 -0.99 26.96 -2.70
CA GLN D 232 -0.53 25.68 -3.25
C GLN D 232 -1.35 25.29 -4.46
N ARG D 233 -2.67 25.44 -4.38
CA ARG D 233 -3.52 25.12 -5.52
C ARG D 233 -3.13 25.97 -6.72
N VAL D 234 -2.86 27.26 -6.51
CA VAL D 234 -2.40 28.11 -7.59
C VAL D 234 -1.11 27.56 -8.17
N GLU D 235 -0.20 27.12 -7.31
CA GLU D 235 1.02 26.48 -7.81
C GLU D 235 0.67 25.26 -8.65
N GLU D 236 -0.31 24.47 -8.20
CA GLU D 236 -0.69 23.28 -8.95
C GLU D 236 -1.26 23.65 -10.32
N ILE D 237 -1.78 24.87 -10.46
CA ILE D 237 -2.27 25.30 -11.76
C ILE D 237 -1.23 26.11 -12.52
N SER D 238 -0.12 26.47 -11.88
CA SER D 238 0.87 27.33 -12.52
C SER D 238 1.50 26.69 -13.76
N PRO D 239 2.00 25.45 -13.74
CA PRO D 239 2.71 24.95 -14.92
C PRO D 239 1.84 24.77 -16.14
N ASN D 240 0.65 24.18 -15.98
CA ASN D 240 -0.20 23.87 -17.12
C ASN D 240 -0.51 25.12 -17.93
N ILE D 241 -0.84 26.22 -17.24
CA ILE D 241 -1.10 27.48 -17.92
C ILE D 241 0.08 27.86 -18.81
N ARG D 242 1.30 27.79 -18.26
CA ARG D 242 2.49 28.08 -19.06
C ARG D 242 2.51 27.23 -20.31
N TYR D 243 2.23 25.93 -20.18
CA TYR D 243 2.26 25.06 -21.34
C TYR D 243 1.27 25.52 -22.39
N CYS D 244 0.09 25.97 -21.97
CA CYS D 244 -0.89 26.48 -22.92
C CYS D 244 -0.30 27.63 -23.72
N ALA D 245 0.38 28.56 -23.04
CA ALA D 245 1.04 29.64 -23.76
C ALA D 245 2.07 29.10 -24.74
N TYR D 246 2.83 28.09 -24.32
CA TYR D 246 3.80 27.49 -25.23
C TYR D 246 3.12 26.84 -26.42
N ASN D 247 1.87 26.40 -26.26
CA ASN D 247 1.13 25.84 -27.38
C ASN D 247 0.71 26.92 -28.36
N ILE D 248 0.61 28.17 -27.92
CA ILE D 248 0.28 29.25 -28.84
C ILE D 248 1.42 29.51 -29.79
N GLY D 249 2.65 29.53 -29.28
CA GLY D 249 3.82 29.74 -30.12
C GLY D 249 4.75 30.80 -29.59
N ASP D 250 4.34 31.46 -28.51
CA ASP D 250 5.08 32.53 -27.82
C ASP D 250 5.25 33.78 -28.67
N GLN D 251 4.69 33.82 -29.89
CA GLN D 251 4.74 35.00 -30.74
C GLN D 251 3.43 35.77 -30.71
N SER D 252 2.32 35.10 -30.99
CA SER D 252 0.99 35.69 -30.86
C SER D 252 0.46 35.59 -29.43
N ALA D 253 1.16 34.87 -28.54
CA ALA D 253 0.69 34.72 -27.18
C ALA D 253 0.66 36.06 -26.44
N ILE D 254 1.65 36.92 -26.70
CA ILE D 254 1.69 38.23 -26.05
C ILE D 254 0.48 39.05 -26.46
N ASN D 255 0.18 39.08 -27.76
CA ASN D 255 -0.99 39.82 -28.24
C ASN D 255 -2.28 39.23 -27.69
N GLU D 256 -2.35 37.90 -27.60
CA GLU D 256 -3.54 37.26 -27.04
C GLU D 256 -3.74 37.65 -25.58
N LEU D 257 -2.65 37.68 -24.80
CA LEU D 257 -2.76 38.09 -23.41
C LEU D 257 -3.16 39.56 -23.28
N MET D 258 -2.59 40.42 -24.13
CA MET D 258 -2.95 41.83 -24.10
C MET D 258 -4.42 42.03 -24.41
N GLN D 259 -4.94 41.30 -25.40
CA GLN D 259 -6.37 41.38 -25.70
C GLN D 259 -7.22 40.78 -24.59
N MET D 260 -6.74 39.70 -23.95
CA MET D 260 -7.49 39.05 -22.90
C MET D 260 -7.63 39.95 -21.67
N ARG D 261 -6.60 40.76 -21.40
CA ARG D 261 -6.71 41.71 -20.30
C ARG D 261 -7.87 42.68 -20.53
N LEU D 262 -7.97 43.22 -21.75
CA LEU D 262 -9.07 44.14 -22.07
C LEU D 262 -10.41 43.41 -22.08
N ARG D 263 -10.43 42.16 -22.53
CA ARG D 263 -11.67 41.38 -22.50
C ARG D 263 -12.16 41.18 -21.07
N SER D 264 -11.24 40.87 -20.16
CA SER D 264 -11.60 40.72 -18.75
C SER D 264 -12.05 42.04 -18.15
N GLY D 265 -11.37 43.13 -18.51
CA GLY D 265 -11.76 44.44 -17.99
C GLY D 265 -13.09 44.93 -18.50
N GLY D 266 -13.48 44.55 -19.72
CA GLY D 266 -14.71 45.06 -20.29
C GLY D 266 -15.89 44.13 -20.06
N THR D 267 -15.72 42.84 -20.36
CA THR D 267 -16.79 41.86 -20.25
C THR D 267 -16.95 41.31 -18.84
N GLU D 268 -15.86 40.84 -18.23
CA GLU D 268 -15.91 40.32 -16.87
C GLU D 268 -15.72 41.42 -15.82
N GLY D 269 -15.53 42.68 -16.26
CA GLY D 269 -15.34 43.75 -15.31
C GLY D 269 -16.51 43.91 -14.36
N LEU D 270 -17.74 43.82 -14.88
CA LEU D 270 -18.91 43.82 -14.01
C LEU D 270 -18.89 42.61 -13.09
N LEU D 271 -18.56 41.44 -13.63
CA LEU D 271 -18.45 40.25 -12.80
C LEU D 271 -17.32 40.39 -11.78
N ALA D 272 -16.20 40.99 -12.20
CA ALA D 272 -15.09 41.19 -11.27
C ALA D 272 -15.48 42.09 -10.12
N GLU D 273 -16.14 43.21 -10.41
CA GLU D 273 -16.52 44.13 -9.33
C GLU D 273 -17.60 43.54 -8.44
N LYS D 274 -18.54 42.79 -9.03
CA LYS D 274 -19.58 42.18 -8.20
C LYS D 274 -19.00 41.08 -7.32
N LEU D 275 -18.03 40.32 -7.81
CA LEU D 275 -17.40 39.30 -6.96
C LEU D 275 -16.53 39.95 -5.90
N GLU D 276 -15.89 41.09 -6.21
CA GLU D 276 -15.15 41.82 -5.19
C GLU D 276 -16.08 42.31 -4.08
N ALA D 277 -17.23 42.87 -4.46
CA ALA D 277 -18.20 43.29 -3.45
C ALA D 277 -18.72 42.10 -2.66
N LEU D 278 -18.91 40.97 -3.32
CA LEU D 278 -19.33 39.75 -2.64
C LEU D 278 -18.29 39.32 -1.60
N ILE D 279 -17.01 39.37 -1.98
CA ILE D 279 -15.94 39.01 -1.05
C ILE D 279 -15.92 39.95 0.15
N THR D 280 -16.06 41.25 -0.12
CA THR D 280 -16.02 42.23 0.97
C THR D 280 -17.18 42.02 1.93
N GLN D 281 -18.39 41.84 1.41
CA GLN D 281 -19.54 41.64 2.28
C GLN D 281 -19.46 40.31 3.01
N THR D 282 -18.92 39.27 2.36
CA THR D 282 -18.76 37.98 3.04
C THR D 282 -17.78 38.10 4.19
N ARG D 283 -16.65 38.78 3.97
CA ARG D 283 -15.70 38.98 5.05
C ARG D 283 -16.31 39.79 6.19
N ALA D 284 -17.05 40.85 5.86
CA ALA D 284 -17.67 41.68 6.88
C ALA D 284 -18.65 40.87 7.71
N LYS D 285 -19.54 40.12 7.07
CA LYS D 285 -20.54 39.35 7.81
C LYS D 285 -19.90 38.22 8.59
N GLN D 286 -18.84 37.60 8.04
CA GLN D 286 -18.14 36.55 8.76
C GLN D 286 -17.49 37.08 10.03
N ALA D 287 -16.84 38.25 9.94
CA ALA D 287 -16.24 38.85 11.12
C ALA D 287 -17.30 39.32 12.12
N ALA D 288 -18.44 39.79 11.62
CA ALA D 288 -19.46 40.34 12.51
C ALA D 288 -20.25 39.25 13.23
N THR D 289 -20.47 38.10 12.58
CA THR D 289 -21.38 37.10 13.10
C THR D 289 -20.69 35.83 13.58
N MET D 290 -19.92 35.17 12.72
CA MET D 290 -19.39 33.84 13.03
C MET D 290 -17.93 33.85 13.46
N SER D 291 -17.09 34.67 12.82
CA SER D 291 -15.68 34.72 13.15
C SER D 291 -15.37 35.89 14.10
N GLU D 292 -14.17 35.88 14.65
CA GLU D 292 -13.73 36.90 15.58
C GLU D 292 -12.37 37.44 15.12
N VAL D 293 -12.25 38.75 15.06
CA VAL D 293 -11.01 39.43 14.67
C VAL D 293 -10.63 40.37 15.81
N GLU D 294 -9.40 40.25 16.30
CA GLU D 294 -8.91 41.09 17.37
C GLU D 294 -7.41 41.34 17.15
N TRP D 295 -6.81 42.13 18.04
CA TRP D 295 -5.38 42.40 17.95
C TRP D 295 -4.56 41.13 18.12
N ARG D 296 -4.96 40.27 19.05
CA ARG D 296 -4.29 38.99 19.28
C ARG D 296 -5.16 37.86 18.72
N GLY D 297 -4.50 36.85 18.16
CA GLY D 297 -5.23 35.75 17.57
C GLY D 297 -6.07 36.15 16.37
N ARG D 298 -5.49 36.94 15.46
CA ARG D 298 -6.23 37.39 14.29
C ARG D 298 -6.72 36.23 13.43
N THR D 299 -5.99 35.11 13.45
CA THR D 299 -6.44 33.92 12.73
C THR D 299 -7.78 33.43 13.28
N VAL D 300 -8.70 33.13 12.38
CA VAL D 300 -10.03 32.68 12.75
C VAL D 300 -9.96 31.30 13.38
N PRO D 301 -10.41 31.12 14.62
CA PRO D 301 -10.41 29.79 15.25
C PRO D 301 -11.59 28.95 14.78
N VAL D 302 -11.30 27.87 14.07
CA VAL D 302 -12.35 26.97 13.60
C VAL D 302 -13.01 26.21 14.73
N LYS D 303 -12.38 26.18 15.91
CA LYS D 303 -12.93 25.43 17.04
C LYS D 303 -14.21 26.07 17.53
N ILE D 304 -15.11 25.21 18.05
CA ILE D 304 -16.42 25.67 18.52
C ILE D 304 -16.30 26.63 19.70
N ASP D 305 -15.23 26.53 20.49
CA ASP D 305 -15.08 27.33 21.69
C ASP D 305 -15.11 28.83 21.43
N LYS D 306 -14.82 29.26 20.20
CA LYS D 306 -14.96 30.67 19.86
C LYS D 306 -16.36 31.18 20.15
N VAL D 307 -17.38 30.38 19.83
CA VAL D 307 -18.75 30.75 20.18
C VAL D 307 -18.88 31.02 21.67
N ARG D 308 -18.26 30.17 22.49
CA ARG D 308 -18.24 30.40 23.93
C ARG D 308 -17.68 31.79 24.24
N ILE D 309 -16.56 32.16 23.61
CA ILE D 309 -16.02 33.49 23.79
C ILE D 309 -17.06 34.54 23.44
N PHE D 310 -17.74 34.35 22.31
CA PHE D 310 -18.83 35.26 21.95
C PHE D 310 -19.84 35.35 23.09
N LEU D 311 -20.26 34.21 23.63
CA LEU D 311 -21.14 34.24 24.80
C LEU D 311 -20.51 35.07 25.91
N LEU D 312 -19.25 34.75 26.27
CA LEU D 312 -18.55 35.56 27.25
C LEU D 312 -18.60 37.03 26.85
N GLY D 313 -18.26 37.32 25.58
CA GLY D 313 -18.31 38.69 25.12
C GLY D 313 -19.66 39.32 25.36
N LEU D 314 -20.74 38.63 24.94
CA LEU D 314 -22.05 39.20 25.15
C LEU D 314 -22.33 39.35 26.64
N ALA D 315 -21.93 38.34 27.43
CA ALA D 315 -22.08 38.44 28.87
C ALA D 315 -21.43 39.72 29.39
N ASP D 316 -20.25 40.05 28.88
CA ASP D 316 -19.60 41.29 29.29
C ASP D 316 -20.50 42.49 29.06
N ASN D 317 -21.01 42.63 27.83
CA ASN D 317 -21.87 43.78 27.55
C ASN D 317 -23.24 43.61 28.18
N GLU D 318 -23.55 42.40 28.65
CA GLU D 318 -24.78 42.21 29.41
C GLU D 318 -24.53 42.30 30.92
N ALA D 319 -23.26 42.28 31.34
CA ALA D 319 -22.96 42.35 32.76
C ALA D 319 -22.86 43.80 33.24
N ALA D 320 -22.03 44.62 32.59
CA ALA D 320 -21.74 45.96 33.08
C ALA D 320 -22.99 46.81 33.17
N ILE D 321 -23.88 46.70 32.18
CA ILE D 321 -25.14 47.44 32.23
C ILE D 321 -26.02 46.89 33.34
N ALA D 322 -26.02 45.57 33.54
CA ALA D 322 -26.90 44.95 34.52
C ALA D 322 -26.52 45.35 35.94
N GLN D 323 -25.23 45.32 36.27
CA GLN D 323 -24.74 45.65 37.61
C GLN D 323 -24.13 47.05 37.58
N ALA D 324 -24.73 47.97 38.33
CA ALA D 324 -24.24 49.34 38.38
C ALA D 324 -23.30 49.57 39.57
N GLU D 325 -23.85 49.48 40.79
CA GLU D 325 -23.06 49.66 42.00
C GLU D 325 -23.07 48.42 42.88
N SER D 326 -24.23 47.79 43.07
CA SER D 326 -24.31 46.65 43.98
C SER D 326 -23.46 45.49 43.47
N GLU D 327 -23.64 45.08 42.22
CA GLU D 327 -22.90 44.00 41.57
C GLU D 327 -23.03 42.68 42.33
N GLU D 328 -23.95 42.57 43.28
CA GLU D 328 -24.01 41.38 44.14
C GLU D 328 -24.63 40.20 43.42
N THR D 329 -25.66 40.44 42.59
CA THR D 329 -26.41 39.35 41.98
C THR D 329 -25.63 38.64 40.88
N LYS D 330 -24.53 39.21 40.40
CA LYS D 330 -23.76 38.64 39.31
C LYS D 330 -22.63 37.74 39.78
N GLU D 331 -22.46 37.57 41.10
CA GLU D 331 -21.37 36.76 41.61
C GLU D 331 -21.50 35.30 41.13
N ARG D 332 -22.70 34.75 41.18
CA ARG D 332 -22.92 33.42 40.63
C ARG D 332 -22.70 33.40 39.12
N LEU D 333 -23.17 34.45 38.45
CA LEU D 333 -22.90 34.60 37.02
C LEU D 333 -21.41 34.72 36.75
N PHE D 334 -20.69 35.43 37.62
CA PHE D 334 -19.24 35.52 37.49
C PHE D 334 -18.58 34.16 37.63
N GLU D 335 -19.03 33.36 38.59
CA GLU D 335 -18.46 32.02 38.78
C GLU D 335 -18.76 31.13 37.57
N SER D 336 -19.97 31.21 37.03
CA SER D 336 -20.30 30.43 35.84
C SER D 336 -19.45 30.85 34.65
N MET D 337 -19.26 32.16 34.47
CA MET D 337 -18.40 32.65 33.39
C MET D 337 -16.96 32.17 33.58
N LEU D 338 -16.48 32.17 34.82
CA LEU D 338 -15.13 31.68 35.09
C LEU D 338 -15.00 30.19 34.76
N SER D 339 -16.01 29.40 35.13
CA SER D 339 -15.99 27.98 34.79
C SER D 339 -15.96 27.78 33.28
N GLU D 340 -16.80 28.52 32.55
CA GLU D 340 -16.84 28.38 31.10
C GLU D 340 -15.50 28.79 30.47
N CYS D 341 -14.91 29.89 30.93
CA CYS D 341 -13.67 30.36 30.33
C CYS D 341 -12.50 29.44 30.65
N ARG D 342 -12.47 28.87 31.86
CA ARG D 342 -11.40 27.92 32.17
C ARG D 342 -11.58 26.61 31.41
N ASP D 343 -12.83 26.18 31.18
CA ASP D 343 -13.05 25.02 30.32
C ASP D 343 -12.57 25.30 28.90
N ALA D 344 -12.84 26.50 28.39
CA ALA D 344 -12.36 26.88 27.06
C ALA D 344 -10.83 26.89 27.02
N ILE D 345 -10.20 27.38 28.10
CA ILE D 345 -8.74 27.40 28.16
C ILE D 345 -8.18 25.99 28.12
N GLN D 346 -8.78 25.07 28.89
CA GLN D 346 -8.33 23.69 28.88
C GLN D 346 -8.51 23.06 27.50
N ALA D 347 -9.64 23.35 26.84
CA ALA D 347 -9.87 22.82 25.51
C ALA D 347 -8.83 23.34 24.52
N VAL D 348 -8.47 24.62 24.64
CA VAL D 348 -7.42 25.18 23.78
C VAL D 348 -6.08 24.52 24.07
N ARG D 349 -5.76 24.31 25.35
CA ARG D 349 -4.50 23.68 25.71
C ARG D 349 -4.42 22.25 25.19
N GLU D 350 -5.57 21.58 25.05
CA GLU D 350 -5.57 20.22 24.53
C GLU D 350 -4.95 20.14 23.14
N GLU D 351 -5.23 21.12 22.29
CA GLU D 351 -4.60 21.21 20.98
C GLU D 351 -3.28 21.97 21.03
N LEU D 352 -3.06 22.78 22.06
CA LEU D 352 -1.81 23.51 22.19
C LEU D 352 -0.64 22.58 22.48
N LYS D 353 -0.86 21.56 23.30
CA LYS D 353 0.28 20.75 23.77
C LYS D 353 1.09 20.08 22.67
N PRO D 354 0.51 19.49 21.62
CA PRO D 354 1.38 18.94 20.56
C PRO D 354 2.23 19.99 19.87
N ASP D 355 1.70 21.21 19.70
CA ASP D 355 2.49 22.28 19.12
C ASP D 355 3.60 22.71 20.09
N GLN D 356 3.33 22.64 21.40
CA GLN D 356 4.38 22.89 22.38
C GLN D 356 5.49 21.85 22.25
N LYS D 357 5.11 20.60 21.99
CA LYS D 357 6.12 19.56 21.77
C LYS D 357 6.97 19.87 20.54
N GLN D 358 6.34 20.31 19.45
CA GLN D 358 7.09 20.66 18.25
C GLN D 358 8.01 21.85 18.50
N ARG D 359 7.55 22.85 19.26
CA ARG D 359 8.37 23.98 19.61
C ARG D 359 9.58 23.54 20.43
N ASP D 360 9.36 22.66 21.41
CA ASP D 360 10.47 22.14 22.21
C ASP D 360 11.43 21.30 21.39
N TYR D 361 10.95 20.68 20.31
CA TYR D 361 11.80 19.80 19.52
C TYR D 361 12.96 20.55 18.88
N THR D 362 12.66 21.65 18.18
CA THR D 362 13.67 22.40 17.46
C THR D 362 13.49 23.89 17.69
N LEU D 363 14.59 24.63 17.55
CA LEU D 363 14.56 26.08 17.68
C LEU D 363 14.14 26.77 16.40
N ASP D 364 13.96 26.04 15.30
CA ASP D 364 13.58 26.66 14.03
C ASP D 364 12.20 27.30 14.12
N GLY D 365 11.26 26.63 14.77
CA GLY D 365 9.92 27.17 14.95
C GLY D 365 9.90 28.46 15.73
N GLU D 366 9.12 29.43 15.27
CA GLU D 366 9.01 30.73 15.91
C GLU D 366 7.64 30.88 16.56
N SER D 367 7.45 32.01 17.23
CA SER D 367 6.22 32.26 17.97
C SER D 367 5.16 32.86 17.05
N GLY D 368 4.05 33.29 17.63
CA GLY D 368 2.97 33.92 16.88
C GLY D 368 1.95 32.97 16.29
N LYS D 369 2.17 31.66 16.37
CA LYS D 369 1.19 30.69 15.92
C LYS D 369 0.88 29.70 17.03
N VAL D 370 1.90 29.37 17.82
CA VAL D 370 1.72 28.39 18.89
C VAL D 370 0.85 28.95 20.00
N SER D 371 1.06 30.23 20.36
CA SER D 371 0.39 30.84 21.50
C SER D 371 -0.40 32.07 21.03
N ASN D 372 -1.11 31.92 19.93
CA ASN D 372 -1.92 33.00 19.39
C ASN D 372 -3.34 33.01 19.93
N LEU D 373 -3.91 31.84 20.23
CA LEU D 373 -5.27 31.76 20.74
C LEU D 373 -5.34 31.64 22.26
N GLN D 374 -4.34 30.99 22.87
CA GLN D 374 -4.35 30.82 24.32
C GLN D 374 -4.22 32.16 25.04
N TYR D 375 -3.41 33.07 24.48
CA TYR D 375 -3.14 34.34 25.17
C TYR D 375 -4.39 35.19 25.28
N LEU D 376 -5.25 35.19 24.27
CA LEU D 376 -6.50 35.95 24.36
C LEU D 376 -7.39 35.42 25.47
N HIS D 377 -7.50 34.09 25.59
CA HIS D 377 -8.30 33.51 26.66
C HIS D 377 -7.71 33.80 28.03
N SER D 378 -6.37 33.73 28.15
CA SER D 378 -5.73 34.08 29.41
C SER D 378 -5.98 35.54 29.76
N TYR D 379 -5.93 36.42 28.76
CA TYR D 379 -6.23 37.84 28.98
C TYR D 379 -7.66 38.03 29.46
N LEU D 380 -8.60 37.29 28.86
CA LEU D 380 -10.00 37.37 29.30
C LEU D 380 -10.15 36.90 30.74
N THR D 381 -9.48 35.80 31.10
CA THR D 381 -9.56 35.31 32.47
C THR D 381 -8.98 36.32 33.45
N TYR D 382 -7.85 36.95 33.09
CA TYR D 382 -7.24 37.94 33.97
C TYR D 382 -8.12 39.17 34.10
N ILE D 383 -8.80 39.56 33.01
CA ILE D 383 -9.74 40.68 33.08
C ILE D 383 -10.91 40.34 34.01
N LYS D 384 -11.42 39.11 33.92
CA LYS D 384 -12.49 38.70 34.82
C LYS D 384 -12.01 38.70 36.28
N LEU D 385 -10.79 38.24 36.52
CA LEU D 385 -10.23 38.32 37.87
C LEU D 385 -10.11 39.76 38.34
N SER D 386 -9.71 40.66 37.45
CA SER D 386 -9.61 42.07 37.79
C SER D 386 -10.99 42.64 38.15
N THR D 387 -12.03 42.24 37.41
CA THR D 387 -13.38 42.68 37.74
C THR D 387 -13.82 42.15 39.10
N ALA D 388 -13.48 40.89 39.40
CA ALA D 388 -13.79 40.35 40.71
C ALA D 388 -13.08 41.12 41.81
N ILE D 389 -11.83 41.50 41.57
CA ILE D 389 -11.08 42.28 42.56
C ILE D 389 -11.68 43.67 42.71
N ARG D 390 -12.18 44.24 41.62
CA ARG D 390 -12.90 45.51 41.71
C ARG D 390 -14.16 45.36 42.57
N ARG D 391 -14.87 44.24 42.41
CA ARG D 391 -16.02 43.97 43.27
C ARG D 391 -15.60 43.86 44.73
N ASN D 392 -14.47 43.18 44.98
CA ASN D 392 -13.97 43.05 46.35
C ASN D 392 -13.62 44.42 46.92
N GLU D 393 -12.99 45.27 46.11
CA GLU D 393 -12.68 46.63 46.54
C GLU D 393 -13.94 47.42 46.83
N ASN D 394 -14.99 47.22 46.02
CA ASN D 394 -16.27 47.87 46.29
C ASN D 394 -16.84 47.44 47.63
N MET D 395 -16.78 46.13 47.91
CA MET D 395 -17.24 45.65 49.21
C MET D 395 -16.41 46.23 50.34
N ALA D 396 -15.09 46.31 50.16
CA ALA D 396 -14.22 46.84 51.21
C ALA D 396 -14.49 48.31 51.47
N LYS D 397 -14.66 49.10 50.41
CA LYS D 397 -14.92 50.52 50.59
C LYS D 397 -16.33 50.77 51.11
N GLY D 398 -17.25 49.84 50.84
CA GLY D 398 -18.55 49.90 51.51
C GLY D 398 -18.42 49.76 53.01
N LEU D 399 -17.48 48.91 53.46
CA LEU D 399 -17.13 48.81 54.86
C LEU D 399 -16.06 49.83 55.21
N GLN D 400 -15.49 49.70 56.40
CA GLN D 400 -14.44 50.62 56.83
C GLN D 400 -13.48 49.93 57.79
N ARG D 413 -12.35 41.68 63.04
CA ARG D 413 -11.88 42.78 62.20
C ARG D 413 -10.42 42.58 61.80
N SER D 414 -9.61 42.08 62.75
CA SER D 414 -8.19 41.89 62.49
C SER D 414 -7.88 40.97 61.32
N PRO D 415 -8.53 39.81 61.14
CA PRO D 415 -8.19 38.96 59.98
C PRO D 415 -8.60 39.56 58.64
N ARG D 416 -9.46 40.58 58.62
CA ARG D 416 -9.92 41.13 57.35
C ARG D 416 -8.79 41.79 56.55
N PRO D 417 -7.95 42.67 57.13
CA PRO D 417 -6.80 43.16 56.35
C PRO D 417 -5.84 42.07 55.95
N GLN D 418 -5.68 41.02 56.77
CA GLN D 418 -4.83 39.91 56.36
C GLN D 418 -5.38 39.21 55.13
N ASP D 419 -6.70 38.98 55.09
CA ASP D 419 -7.33 38.37 53.93
C ASP D 419 -7.22 39.29 52.72
N LEU D 420 -7.37 40.60 52.93
CA LEU D 420 -7.21 41.55 51.84
C LEU D 420 -5.80 41.52 51.28
N ILE D 421 -4.79 41.43 52.15
CA ILE D 421 -3.41 41.35 51.69
C ILE D 421 -3.17 40.05 50.94
N ARG D 422 -3.79 38.96 51.40
CA ARG D 422 -3.69 37.70 50.66
C ARG D 422 -4.29 37.83 49.27
N LEU D 423 -5.45 38.48 49.17
CA LEU D 423 -6.06 38.72 47.86
C LEU D 423 -5.16 39.60 46.99
N TYR D 424 -4.53 40.61 47.59
CA TYR D 424 -3.64 41.49 46.85
C TYR D 424 -2.43 40.70 46.34
N ASP D 425 -1.90 39.79 47.15
CA ASP D 425 -0.82 38.92 46.68
C ASP D 425 -1.30 38.05 45.52
N ILE D 426 -2.54 37.56 45.60
CA ILE D 426 -3.09 36.77 44.51
C ILE D 426 -3.14 37.59 43.22
N ILE D 427 -3.60 38.83 43.31
CA ILE D 427 -3.69 39.66 42.11
C ILE D 427 -2.29 40.03 41.61
N LEU D 428 -1.33 40.17 42.53
CA LEU D 428 0.05 40.40 42.11
C LEU D 428 0.58 39.22 41.31
N GLN D 429 0.31 38.00 41.78
CA GLN D 429 0.71 36.81 41.01
C GLN D 429 0.00 36.75 39.66
N ASN D 430 -1.29 37.10 39.64
CA ASN D 430 -2.04 37.08 38.39
C ASN D 430 -1.48 38.08 37.39
N LEU D 431 -1.16 39.29 37.84
CA LEU D 431 -0.57 40.28 36.96
C LEU D 431 0.85 39.88 36.56
N VAL D 432 1.57 39.17 37.43
CA VAL D 432 2.88 38.64 37.05
C VAL D 432 2.74 37.66 35.90
N GLU D 433 1.76 36.76 35.98
CA GLU D 433 1.54 35.81 34.89
C GLU D 433 1.10 36.52 33.62
N LEU D 434 0.26 37.55 33.77
CA LEU D 434 -0.20 38.34 32.62
C LEU D 434 0.97 39.04 31.94
N LEU D 435 1.93 39.52 32.73
CA LEU D 435 3.14 40.09 32.14
C LEU D 435 4.01 39.01 31.50
N GLN D 436 4.07 37.84 32.13
CA GLN D 436 5.00 36.80 31.68
C GLN D 436 4.59 36.22 30.33
N LEU D 437 3.31 35.87 30.17
CA LEU D 437 2.94 35.10 28.97
C LEU D 437 3.21 35.91 27.69
N PRO D 438 2.67 37.12 27.53
CA PRO D 438 3.15 37.95 26.42
C PRO D 438 4.62 38.29 26.53
N GLY D 439 5.13 38.45 27.75
CA GLY D 439 6.55 38.68 27.92
C GLY D 439 7.39 37.50 27.45
N LEU D 440 6.90 36.29 27.69
CA LEU D 440 7.55 35.12 27.09
C LEU D 440 7.48 35.17 25.57
N GLU D 441 6.32 35.56 25.03
CA GLU D 441 6.23 35.71 23.58
C GLU D 441 6.95 36.95 23.09
N GLU D 442 6.78 38.08 23.79
CA GLU D 442 7.38 39.36 23.42
C GLU D 442 7.03 39.76 22.00
N ASP D 443 5.80 39.48 21.58
CA ASP D 443 5.33 39.97 20.29
C ASP D 443 5.24 41.49 20.28
N ARG D 444 4.38 42.05 21.13
CA ARG D 444 4.22 43.49 21.24
C ARG D 444 4.97 44.00 22.47
N ALA D 445 4.89 45.30 22.73
CA ALA D 445 5.58 45.90 23.86
C ALA D 445 4.71 46.79 24.74
N PHE D 446 3.61 47.35 24.22
CA PHE D 446 2.76 48.20 25.04
C PHE D 446 2.00 47.40 26.08
N GLN D 447 1.67 46.14 25.77
CA GLN D 447 0.95 45.29 26.71
C GLN D 447 1.74 45.08 27.99
N LYS D 448 3.04 44.84 27.87
CA LYS D 448 3.88 44.69 29.06
C LYS D 448 3.92 45.98 29.86
N GLU D 449 3.98 47.13 29.18
CA GLU D 449 3.99 48.41 29.89
C GLU D 449 2.71 48.61 30.69
N ILE D 450 1.56 48.36 30.07
CA ILE D 450 0.29 48.51 30.76
C ILE D 450 0.18 47.53 31.92
N GLY D 451 0.58 46.28 31.70
CA GLY D 451 0.52 45.29 32.75
C GLY D 451 1.42 45.63 33.93
N LEU D 452 2.62 46.14 33.64
CA LEU D 452 3.53 46.53 34.71
C LEU D 452 3.03 47.74 35.46
N LYS D 453 2.39 48.69 34.76
CA LYS D 453 1.79 49.83 35.43
C LYS D 453 0.68 49.37 36.38
N THR D 454 -0.18 48.47 35.92
CA THR D 454 -1.22 47.94 36.79
C THR D 454 -0.61 47.18 37.97
N LEU D 455 0.46 46.42 37.70
CA LEU D 455 1.11 45.65 38.75
C LEU D 455 1.69 46.55 39.84
N VAL D 456 2.38 47.62 39.44
CA VAL D 456 2.97 48.51 40.44
C VAL D 456 1.89 49.27 41.18
N PHE D 457 0.80 49.64 40.49
CA PHE D 457 -0.30 50.30 41.18
C PHE D 457 -0.93 49.38 42.23
N LYS D 458 -1.15 48.11 41.87
CA LYS D 458 -1.72 47.16 42.82
C LYS D 458 -0.77 46.90 43.98
N ALA D 459 0.53 46.82 43.69
CA ALA D 459 1.50 46.62 44.77
C ALA D 459 1.51 47.80 45.73
N TYR D 460 1.42 49.02 45.20
CA TYR D 460 1.37 50.20 46.07
C TYR D 460 0.09 50.21 46.89
N ARG D 461 -1.04 49.82 46.29
CA ARG D 461 -2.29 49.73 47.04
C ARG D 461 -2.19 48.70 48.16
N CYS D 462 -1.58 47.54 47.87
CA CYS D 462 -1.39 46.51 48.88
C CYS D 462 -0.50 47.01 50.01
N PHE D 463 0.58 47.70 49.67
CA PHE D 463 1.47 48.24 50.70
C PHE D 463 0.75 49.28 51.57
N PHE D 464 -0.06 50.14 50.95
CA PHE D 464 -0.80 51.13 51.71
C PHE D 464 -1.82 50.46 52.64
N ILE D 465 -2.49 49.42 52.16
CA ILE D 465 -3.45 48.71 53.00
C ILE D 465 -2.73 48.04 54.17
N ALA D 466 -1.58 47.42 53.91
CA ALA D 466 -0.86 46.72 54.97
C ALA D 466 -0.28 47.68 55.99
N GLN D 467 0.15 48.86 55.55
CA GLN D 467 0.81 49.82 56.42
C GLN D 467 -0.16 50.83 57.05
N SER D 468 -1.46 50.67 56.84
CA SER D 468 -2.43 51.53 57.51
C SER D 468 -2.28 51.41 59.02
N TYR D 469 -2.34 52.55 59.71
CA TYR D 469 -2.11 52.56 61.14
C TYR D 469 -3.18 51.75 61.88
N VAL D 470 -4.40 51.73 61.37
CA VAL D 470 -5.43 50.86 61.95
C VAL D 470 -5.10 49.40 61.68
N LEU D 471 -4.57 49.10 60.49
CA LEU D 471 -4.24 47.72 60.15
C LEU D 471 -3.00 47.24 60.90
N VAL D 472 -1.95 48.07 60.95
CA VAL D 472 -0.68 47.70 61.57
C VAL D 472 -0.42 48.64 62.75
N LYS D 473 -0.24 48.05 63.93
CA LYS D 473 0.06 48.83 65.14
C LYS D 473 1.56 48.77 65.41
N LYS D 474 2.31 49.42 64.53
CA LYS D 474 3.76 49.48 64.59
C LYS D 474 4.18 50.94 64.70
N TRP D 475 4.37 51.40 65.92
CA TRP D 475 4.82 52.78 66.14
C TRP D 475 6.25 52.96 65.65
N SER D 476 6.50 54.14 65.08
CA SER D 476 7.80 54.55 64.54
C SER D 476 8.26 53.69 63.37
N GLU D 477 7.41 52.78 62.88
CA GLU D 477 7.73 51.93 61.74
C GLU D 477 6.74 52.09 60.60
N ALA D 478 5.45 52.24 60.90
CA ALA D 478 4.46 52.45 59.85
C ALA D 478 4.68 53.78 59.13
N LEU D 479 5.06 54.82 59.88
CA LEU D 479 5.26 56.13 59.30
C LEU D 479 6.38 56.13 58.28
N VAL D 480 7.50 55.46 58.60
CA VAL D 480 8.62 55.39 57.67
C VAL D 480 8.24 54.67 56.39
N LEU D 481 7.52 53.55 56.52
CA LEU D 481 7.08 52.82 55.33
C LEU D 481 6.12 53.64 54.49
N TYR D 482 5.20 54.36 55.14
CA TYR D 482 4.27 55.20 54.39
C TYR D 482 5.00 56.32 53.67
N ASP D 483 5.98 56.94 54.33
CA ASP D 483 6.76 58.00 53.69
C ASP D 483 7.55 57.45 52.51
N ARG D 484 8.14 56.26 52.66
CA ARG D 484 8.89 55.65 51.56
C ARG D 484 7.98 55.33 50.39
N VAL D 485 6.78 54.80 50.66
CA VAL D 485 5.86 54.43 49.60
C VAL D 485 5.14 55.62 48.98
N LEU D 486 5.12 56.77 49.67
CA LEU D 486 4.49 57.96 49.10
C LEU D 486 5.21 58.41 47.84
N LYS D 487 6.54 58.36 47.83
CA LYS D 487 7.29 58.72 46.63
C LYS D 487 6.98 57.79 45.48
N TYR D 488 6.89 56.49 45.75
CA TYR D 488 6.55 55.52 44.72
C TYR D 488 5.14 55.75 44.19
N ALA D 489 4.19 56.07 45.08
CA ALA D 489 2.83 56.35 44.64
C ALA D 489 2.78 57.60 43.77
N ASN D 490 3.53 58.64 44.16
CA ASN D 490 3.59 59.85 43.35
C ASN D 490 4.20 59.56 41.98
N GLU D 491 5.24 58.73 41.93
CA GLU D 491 5.84 58.34 40.66
C GLU D 491 4.85 57.58 39.79
N VAL D 492 4.09 56.67 40.40
CA VAL D 492 3.08 55.93 39.63
C VAL D 492 1.98 56.85 39.13
N ASN D 493 1.53 57.78 39.97
CA ASN D 493 0.47 58.71 39.59
C ASN D 493 0.98 59.77 38.62
N UNK D 511 -7.67 60.35 43.95
CA UNK D 511 -7.58 61.55 44.77
C UNK D 511 -8.08 61.27 46.19
N UNK D 512 -9.28 60.68 46.29
CA UNK D 512 -9.84 60.35 47.59
C UNK D 512 -8.97 59.34 48.32
N UNK D 513 -8.48 58.32 47.60
CA UNK D 513 -7.58 57.34 48.22
C UNK D 513 -6.29 58.00 48.69
N UNK D 514 -5.73 58.91 47.88
CA UNK D 514 -4.52 59.62 48.28
C UNK D 514 -4.76 60.47 49.52
N UNK D 515 -5.90 61.17 49.57
CA UNK D 515 -6.23 61.99 50.73
C UNK D 515 -6.39 61.13 51.98
N UNK D 516 -7.07 59.98 51.84
CA UNK D 516 -7.23 59.08 52.97
C UNK D 516 -5.89 58.54 53.46
N UNK D 517 -5.00 58.19 52.52
CA UNK D 517 -3.68 57.70 52.90
C UNK D 517 -2.88 58.79 53.61
N UNK D 518 -2.95 60.03 53.12
CA UNK D 518 -2.25 61.13 53.77
C UNK D 518 -2.79 61.37 55.17
N UNK D 519 -4.12 61.32 55.33
CA UNK D 519 -4.71 61.50 56.65
C UNK D 519 -4.30 60.39 57.61
N UNK D 520 -4.25 59.15 57.11
CA UNK D 520 -3.81 58.03 57.94
C UNK D 520 -2.36 58.18 58.35
N UNK D 521 -1.51 58.62 57.41
CA UNK D 521 -0.10 58.84 57.73
C UNK D 521 0.07 59.95 58.76
N UNK D 522 -0.70 61.02 58.63
CA UNK D 522 -0.63 62.11 59.61
C UNK D 522 -1.06 61.65 60.99
N UNK D 523 -2.12 60.85 61.06
CA UNK D 523 -2.62 60.35 62.34
C UNK D 523 -1.78 59.18 62.83
N ARG E 65 51.64 11.66 0.78
CA ARG E 65 50.96 10.63 0.00
C ARG E 65 49.65 11.17 -0.56
N ALA E 66 48.55 10.88 0.14
CA ALA E 66 47.23 11.34 -0.25
C ALA E 66 46.51 11.96 0.94
N VAL E 67 45.70 12.96 0.67
CA VAL E 67 44.95 13.67 1.70
C VAL E 67 43.47 13.47 1.41
N LEU E 68 42.75 12.91 2.39
CA LEU E 68 41.34 12.56 2.25
C LEU E 68 40.46 13.68 2.78
N LEU E 69 39.37 13.94 2.07
CA LEU E 69 38.35 14.89 2.50
C LEU E 69 37.12 14.11 2.92
N LEU E 70 36.68 14.31 4.16
CA LEU E 70 35.57 13.57 4.73
C LEU E 70 34.55 14.51 5.35
N GLY E 71 33.31 14.08 5.40
CA GLY E 71 32.25 14.87 5.99
C GLY E 71 30.91 14.21 5.75
N LEU E 72 29.87 14.88 6.22
CA LEU E 72 28.51 14.39 6.03
C LEU E 72 28.02 14.71 4.63
N CYS E 73 26.76 14.37 4.36
CA CYS E 73 26.15 14.70 3.08
C CYS E 73 25.95 16.21 2.96
N ASP E 74 26.21 16.74 1.77
CA ASP E 74 26.10 18.18 1.50
C ASP E 74 26.94 18.99 2.48
N SER E 75 28.14 18.48 2.79
CA SER E 75 29.03 19.16 3.73
C SER E 75 29.95 20.17 3.06
N GLY E 76 29.94 20.25 1.73
CA GLY E 76 30.79 21.19 1.03
C GLY E 76 32.17 20.69 0.68
N LYS E 77 32.40 19.38 0.78
CA LYS E 77 33.73 18.84 0.52
C LYS E 77 34.15 19.05 -0.93
N THR E 78 33.23 18.82 -1.88
CA THR E 78 33.56 19.02 -3.29
C THR E 78 33.85 20.49 -3.58
N LEU E 79 33.12 21.40 -2.94
CA LEU E 79 33.36 22.82 -3.15
C LEU E 79 34.75 23.22 -2.71
N LEU E 80 35.18 22.77 -1.53
CA LEU E 80 36.53 23.06 -1.08
C LEU E 80 37.56 22.38 -1.98
N PHE E 81 37.25 21.17 -2.45
CA PHE E 81 38.18 20.45 -3.32
C PHE E 81 38.42 21.22 -4.62
N VAL E 82 37.35 21.73 -5.23
CA VAL E 82 37.51 22.48 -6.47
C VAL E 82 38.12 23.86 -6.20
N ARG E 83 37.80 24.47 -5.05
CA ARG E 83 38.38 25.76 -4.72
C ARG E 83 39.88 25.68 -4.55
N LEU E 84 40.36 24.63 -3.88
CA LEU E 84 41.80 24.46 -3.70
C LEU E 84 42.52 24.13 -4.99
N LEU E 85 41.79 23.75 -6.04
CA LEU E 85 42.42 23.39 -7.30
C LEU E 85 42.40 24.54 -8.31
N THR E 86 41.21 25.05 -8.65
CA THR E 86 41.10 26.06 -9.69
C THR E 86 40.90 27.47 -9.17
N GLY E 87 40.43 27.64 -7.93
CA GLY E 87 40.19 28.97 -7.43
C GLY E 87 38.97 29.65 -8.01
N HIS E 88 38.10 28.93 -8.71
CA HIS E 88 36.91 29.49 -9.31
C HIS E 88 35.69 28.71 -8.85
N TYR E 89 34.55 29.40 -8.77
CA TYR E 89 33.32 28.78 -8.31
C TYR E 89 32.73 27.89 -9.41
N ARG E 90 32.38 26.66 -9.02
CA ARG E 90 31.76 25.70 -9.93
C ARG E 90 30.56 25.08 -9.25
N ASP E 91 29.46 24.98 -9.99
CA ASP E 91 28.27 24.34 -9.45
C ASP E 91 28.55 22.86 -9.20
N THR E 92 28.02 22.34 -8.09
CA THR E 92 28.28 20.98 -7.68
C THR E 92 27.00 20.32 -7.19
N GLN E 93 26.99 19.00 -7.25
CA GLN E 93 25.92 18.17 -6.70
C GLN E 93 26.50 17.21 -5.66
N THR E 94 25.63 16.38 -5.09
CA THR E 94 26.07 15.41 -4.11
C THR E 94 26.99 14.37 -4.76
N SER E 95 28.09 14.06 -4.06
CA SER E 95 29.06 13.12 -4.59
C SER E 95 28.49 11.70 -4.62
N ILE E 96 28.81 10.98 -5.69
CA ILE E 96 28.45 9.57 -5.81
C ILE E 96 29.67 8.66 -5.68
N THR E 97 30.78 9.04 -6.30
CA THR E 97 32.02 8.28 -6.23
C THR E 97 33.17 9.21 -5.82
N ASP E 98 34.33 8.61 -5.58
CA ASP E 98 35.50 9.36 -5.16
C ASP E 98 36.05 10.20 -6.30
N SER E 99 36.96 11.10 -5.97
CA SER E 99 37.64 11.92 -6.97
C SER E 99 39.04 12.23 -6.47
N SER E 100 40.05 11.78 -7.21
CA SER E 100 41.44 11.97 -6.84
C SER E 100 42.12 12.88 -7.86
N ALA E 101 42.78 13.92 -7.38
CA ALA E 101 43.48 14.85 -8.26
C ALA E 101 44.78 15.30 -7.60
N THR E 102 45.82 15.44 -8.41
CA THR E 102 47.13 15.86 -7.91
C THR E 102 47.18 17.38 -7.81
N TYR E 103 47.58 17.89 -6.65
CA TYR E 103 47.65 19.32 -6.38
C TYR E 103 49.04 19.65 -5.87
N ARG E 104 49.66 20.67 -6.45
CA ARG E 104 50.98 21.11 -6.01
C ARG E 104 50.85 22.16 -4.93
N VAL E 105 51.77 22.12 -3.97
CA VAL E 105 51.82 23.12 -2.92
C VAL E 105 52.33 24.43 -3.51
N ASN E 106 51.74 25.54 -3.06
CA ASN E 106 52.07 26.85 -3.61
C ASN E 106 53.50 27.29 -3.29
N ASN E 107 54.19 26.58 -2.40
CA ASN E 107 55.55 26.93 -2.02
C ASN E 107 56.50 26.82 -3.22
N ASN E 108 57.73 27.29 -3.01
CA ASN E 108 58.73 27.28 -4.08
C ASN E 108 59.04 25.84 -4.52
N ARG E 109 59.07 24.90 -3.57
CA ARG E 109 59.31 23.51 -3.93
C ARG E 109 58.19 22.98 -4.81
N GLY E 110 56.95 23.33 -4.50
CA GLY E 110 55.83 22.86 -5.29
C GLY E 110 55.61 21.36 -5.26
N ASN E 111 55.70 20.76 -4.07
CA ASN E 111 55.49 19.32 -3.94
C ASN E 111 54.04 18.97 -4.24
N SER E 112 53.83 17.78 -4.78
CA SER E 112 52.52 17.34 -5.25
C SER E 112 51.93 16.33 -4.27
N LEU E 113 50.68 16.56 -3.87
CA LEU E 113 49.93 15.63 -3.03
C LEU E 113 48.61 15.30 -3.71
N THR E 114 48.15 14.06 -3.52
CA THR E 114 46.93 13.59 -4.15
C THR E 114 45.75 13.90 -3.23
N LEU E 115 44.96 14.91 -3.58
CA LEU E 115 43.74 15.19 -2.84
C LEU E 115 42.65 14.23 -3.32
N ILE E 116 42.08 13.48 -2.38
CA ILE E 116 41.03 12.51 -2.67
C ILE E 116 39.78 12.93 -1.90
N ASP E 117 38.68 13.09 -2.61
CA ASP E 117 37.39 13.42 -2.03
C ASP E 117 36.49 12.20 -2.08
N LEU E 118 35.90 11.86 -0.94
CA LEU E 118 35.01 10.72 -0.78
C LEU E 118 33.59 11.19 -0.51
N PRO E 119 32.59 10.54 -1.12
CA PRO E 119 31.21 10.98 -0.91
C PRO E 119 30.81 10.93 0.56
N GLY E 120 30.03 11.93 0.98
CA GLY E 120 29.57 12.04 2.34
C GLY E 120 28.28 11.33 2.66
N HIS E 121 27.66 10.67 1.69
CA HIS E 121 26.42 9.95 1.95
C HIS E 121 26.69 8.77 2.86
N GLU E 122 25.81 8.57 3.85
CA GLU E 122 26.03 7.55 4.87
C GLU E 122 26.02 6.14 4.32
N SER E 123 25.53 5.92 3.11
CA SER E 123 25.52 4.58 2.53
C SER E 123 26.86 4.23 1.87
N LEU E 124 27.80 5.16 1.81
CA LEU E 124 29.09 4.91 1.17
C LEU E 124 30.29 5.36 1.97
N ARG E 125 30.10 5.97 3.15
CA ARG E 125 31.23 6.49 3.91
C ARG E 125 32.18 5.38 4.35
N LEU E 126 31.62 4.34 4.98
CA LEU E 126 32.46 3.32 5.61
C LEU E 126 33.29 2.56 4.58
N GLN E 127 32.70 2.22 3.43
CA GLN E 127 33.41 1.44 2.43
C GLN E 127 34.64 2.18 1.92
N PHE E 128 34.47 3.43 1.50
CA PHE E 128 35.60 4.20 1.01
C PHE E 128 36.58 4.51 2.12
N LEU E 129 36.10 4.74 3.34
CA LEU E 129 36.99 5.03 4.46
C LEU E 129 37.91 3.84 4.74
N GLU E 130 37.35 2.63 4.75
CA GLU E 130 38.19 1.46 4.98
C GLU E 130 39.01 1.09 3.76
N ARG E 131 38.59 1.50 2.56
CA ARG E 131 39.33 1.17 1.35
C ARG E 131 40.51 2.10 1.12
N PHE E 132 40.44 3.35 1.57
CA PHE E 132 41.47 4.34 1.32
C PHE E 132 42.21 4.78 2.58
N LYS E 133 42.07 4.07 3.69
CA LYS E 133 42.75 4.47 4.91
C LYS E 133 44.25 4.23 4.82
N THR E 134 44.67 3.20 4.07
CA THR E 134 46.10 2.88 4.00
C THR E 134 46.88 3.92 3.21
N SER E 135 46.31 4.39 2.08
CA SER E 135 47.05 5.31 1.22
C SER E 135 47.14 6.70 1.81
N ALA E 136 46.26 7.04 2.75
CA ALA E 136 46.22 8.39 3.28
C ALA E 136 47.41 8.67 4.19
N ARG E 137 48.03 9.84 4.00
CA ARG E 137 49.03 10.37 4.90
C ARG E 137 48.47 11.42 5.85
N ALA E 138 47.53 12.23 5.38
CA ALA E 138 46.86 13.23 6.21
C ALA E 138 45.36 13.13 5.97
N VAL E 139 44.58 13.44 7.01
CA VAL E 139 43.13 13.33 6.98
C VAL E 139 42.54 14.70 7.31
N VAL E 140 41.60 15.14 6.48
CA VAL E 140 40.90 16.41 6.68
C VAL E 140 39.42 16.10 6.88
N PHE E 141 38.87 16.57 7.99
CA PHE E 141 37.46 16.36 8.33
C PHE E 141 36.73 17.69 8.24
N VAL E 142 35.58 17.69 7.59
CA VAL E 142 34.81 18.90 7.34
C VAL E 142 33.51 18.83 8.11
N VAL E 143 33.20 19.88 8.87
CA VAL E 143 31.98 19.97 9.65
C VAL E 143 31.25 21.25 9.25
N ASP E 144 29.95 21.14 9.02
CA ASP E 144 29.14 22.30 8.68
C ASP E 144 28.77 23.05 9.94
N SER E 145 29.32 24.26 10.09
CA SER E 145 29.06 25.05 11.30
C SER E 145 27.63 25.55 11.34
N ALA E 146 27.08 25.96 10.19
CA ALA E 146 25.72 26.50 10.15
C ALA E 146 24.69 25.46 10.55
N ALA E 147 24.84 24.23 10.05
CA ALA E 147 23.90 23.15 10.33
C ALA E 147 24.40 22.21 11.42
N PHE E 148 25.36 22.65 12.22
CA PHE E 148 25.93 21.77 13.25
C PHE E 148 24.89 21.42 14.31
N GLN E 149 24.03 22.37 14.66
CA GLN E 149 23.11 22.16 15.79
C GLN E 149 22.17 20.99 15.53
N ARG E 150 21.62 20.90 14.32
CA ARG E 150 20.70 19.82 13.99
C ARG E 150 21.40 18.49 13.76
N GLU E 151 22.69 18.50 13.46
CA GLU E 151 23.42 17.29 13.08
C GLU E 151 24.62 17.06 13.99
N VAL E 152 24.53 17.43 15.25
CA VAL E 152 25.64 17.25 16.18
C VAL E 152 25.90 15.76 16.42
N LYS E 153 24.84 14.98 16.60
CA LYS E 153 25.01 13.54 16.84
C LYS E 153 25.64 12.86 15.63
N ASP E 154 25.22 13.24 14.42
CA ASP E 154 25.75 12.60 13.22
C ASP E 154 27.23 12.89 13.05
N VAL E 155 27.62 14.16 13.19
CA VAL E 155 29.03 14.51 13.04
C VAL E 155 29.86 13.87 14.15
N ALA E 156 29.30 13.77 15.36
CA ALA E 156 30.01 13.12 16.45
C ALA E 156 30.25 11.65 16.14
N GLU E 157 29.21 10.96 15.64
CA GLU E 157 29.37 9.55 15.31
C GLU E 157 30.38 9.35 14.20
N PHE E 158 30.32 10.18 13.16
CA PHE E 158 31.28 10.05 12.07
C PHE E 158 32.69 10.34 12.54
N LEU E 159 32.86 11.33 13.41
CA LEU E 159 34.18 11.64 13.96
C LEU E 159 34.70 10.47 14.78
N TYR E 160 33.83 9.84 15.58
CA TYR E 160 34.25 8.67 16.34
C TYR E 160 34.70 7.54 15.42
N GLN E 161 33.93 7.29 14.35
CA GLN E 161 34.29 6.23 13.43
C GLN E 161 35.62 6.50 12.75
N VAL E 162 35.82 7.75 12.29
CA VAL E 162 37.06 8.07 11.59
C VAL E 162 38.24 8.05 12.55
N LEU E 163 38.03 8.46 13.81
CA LEU E 163 39.12 8.36 14.79
C LEU E 163 39.50 6.92 15.06
N ILE E 164 38.51 6.04 15.19
CA ILE E 164 38.79 4.62 15.41
C ILE E 164 39.54 4.05 14.22
N ASP E 165 39.13 4.42 13.01
CA ASP E 165 39.82 3.95 11.81
C ASP E 165 41.26 4.47 11.76
N SER E 166 41.45 5.74 12.11
CA SER E 166 42.78 6.34 12.05
C SER E 166 43.73 5.71 13.07
N MET E 167 43.22 5.41 14.26
CA MET E 167 44.07 4.81 15.29
C MET E 167 44.64 3.46 14.87
N SER E 168 43.98 2.77 13.93
CA SER E 168 44.48 1.49 13.48
C SER E 168 45.70 1.63 12.56
N LEU E 169 45.91 2.81 11.98
CA LEU E 169 47.01 2.99 11.04
C LEU E 169 48.35 2.87 11.76
N LYS E 170 49.33 2.29 11.06
CA LYS E 170 50.69 2.22 11.59
C LYS E 170 51.27 3.61 11.80
N ASN E 171 51.09 4.49 10.83
CA ASN E 171 51.55 5.86 10.91
C ASN E 171 50.36 6.76 11.22
N THR E 172 50.49 7.56 12.28
CA THR E 172 49.38 8.41 12.71
C THR E 172 49.27 9.63 11.80
N PRO E 173 48.16 9.83 11.11
CA PRO E 173 48.00 11.00 10.25
C PRO E 173 47.64 12.24 11.03
N SER E 174 47.95 13.39 10.44
CA SER E 174 47.54 14.66 11.00
C SER E 174 46.03 14.84 10.85
N PHE E 175 45.40 15.43 11.85
CA PHE E 175 43.95 15.55 11.89
C PHE E 175 43.54 17.02 11.96
N LEU E 176 42.60 17.40 11.11
CA LEU E 176 42.12 18.78 11.05
C LEU E 176 40.60 18.78 11.01
N ILE E 177 40.00 19.68 11.78
CA ILE E 177 38.57 19.91 11.78
C ILE E 177 38.36 21.31 11.21
N ALA E 178 37.77 21.40 10.02
CA ALA E 178 37.56 22.67 9.34
C ALA E 178 36.07 22.94 9.28
N CYS E 179 35.61 23.91 10.06
CA CYS E 179 34.21 24.32 9.99
C CYS E 179 33.93 24.96 8.63
N ASN E 180 32.75 24.69 8.10
CA ASN E 180 32.35 25.21 6.80
C ASN E 180 31.08 26.03 6.95
N LYS E 181 30.71 26.69 5.84
CA LYS E 181 29.57 27.61 5.83
C LYS E 181 29.76 28.75 6.84
N GLN E 182 31.02 29.12 7.09
CA GLN E 182 31.30 30.17 8.06
C GLN E 182 30.96 31.56 7.55
N ASP E 183 30.76 31.73 6.24
CA ASP E 183 30.39 33.03 5.70
C ASP E 183 29.03 33.49 6.20
N ILE E 184 28.19 32.57 6.69
CA ILE E 184 26.89 32.95 7.22
C ILE E 184 27.05 33.44 8.66
N ALA E 185 26.06 34.21 9.11
CA ALA E 185 26.12 34.79 10.45
C ALA E 185 25.86 33.75 11.53
N MET E 186 24.99 32.77 11.26
CA MET E 186 24.62 31.78 12.27
C MET E 186 25.73 30.79 12.55
N ALA E 187 26.82 30.79 11.78
CA ALA E 187 27.91 29.85 12.00
C ALA E 187 28.54 30.08 13.36
N LYS E 188 28.94 28.98 14.00
CA LYS E 188 29.50 29.01 15.33
C LYS E 188 31.02 29.16 15.28
N SER E 189 31.60 29.55 16.42
CA SER E 189 33.04 29.72 16.52
C SER E 189 33.73 28.37 16.66
N ALA E 190 35.03 28.36 16.36
CA ALA E 190 35.79 27.12 16.40
C ALA E 190 35.85 26.53 17.80
N LYS E 191 36.07 27.37 18.82
CA LYS E 191 36.17 26.87 20.19
C LYS E 191 34.84 26.32 20.68
N LEU E 192 33.73 26.95 20.30
CA LEU E 192 32.42 26.44 20.68
C LEU E 192 32.16 25.08 20.06
N ILE E 193 32.53 24.92 18.78
CA ILE E 193 32.37 23.63 18.11
C ILE E 193 33.24 22.58 18.79
N GLN E 194 34.47 22.95 19.16
CA GLN E 194 35.36 22.01 19.82
C GLN E 194 34.78 21.57 21.17
N GLN E 195 34.24 22.53 21.94
CA GLN E 195 33.64 22.18 23.23
C GLN E 195 32.42 21.28 23.05
N GLN E 196 31.58 21.58 22.05
CA GLN E 196 30.43 20.73 21.79
C GLN E 196 30.85 19.31 21.40
N LEU E 197 31.89 19.21 20.56
CA LEU E 197 32.40 17.90 20.19
C LEU E 197 32.93 17.13 21.39
N GLU E 198 33.67 17.81 22.27
CA GLU E 198 34.16 17.17 23.48
C GLU E 198 33.01 16.66 24.34
N LYS E 199 32.00 17.51 24.54
CA LYS E 199 30.86 17.13 25.38
C LYS E 199 30.12 15.94 24.79
N GLU E 200 29.92 15.93 23.48
CA GLU E 200 29.19 14.82 22.86
C GLU E 200 30.01 13.53 22.89
N LEU E 201 31.31 13.62 22.58
CA LEU E 201 32.16 12.44 22.60
C LEU E 201 32.39 11.91 24.01
N ASN E 202 32.14 12.73 25.04
CA ASN E 202 32.23 12.23 26.40
C ASN E 202 31.23 11.10 26.64
N THR E 203 30.01 11.25 26.11
CA THR E 203 28.98 10.23 26.26
C THR E 203 28.93 9.25 25.10
N LEU E 204 29.43 9.64 23.92
CA LEU E 204 29.37 8.74 22.77
C LEU E 204 30.19 7.49 23.00
N ARG E 205 31.30 7.59 23.74
CA ARG E 205 32.06 6.39 24.09
C ARG E 205 31.23 5.44 24.93
N VAL E 206 30.49 5.98 25.90
CA VAL E 206 29.66 5.13 26.75
C VAL E 206 28.52 4.50 25.96
N THR E 207 27.97 5.24 24.99
CA THR E 207 26.84 4.74 24.23
C THR E 207 27.20 3.51 23.38
N ARG E 208 28.48 3.25 23.15
CA ARG E 208 28.91 2.11 22.34
C ARG E 208 28.75 0.84 23.18
N SER E 209 27.56 0.26 23.13
CA SER E 209 27.28 -0.98 23.87
C SER E 209 26.27 -1.80 23.05
N ALA E 210 26.80 -2.71 22.25
CA ALA E 210 25.97 -3.60 21.45
C ALA E 210 26.81 -4.80 21.02
N ALA E 211 26.12 -5.88 20.65
CA ALA E 211 26.79 -7.08 20.19
C ALA E 211 26.95 -7.03 18.67
N PRO E 212 28.18 -7.07 18.15
CA PRO E 212 28.36 -6.95 16.69
C PRO E 212 27.84 -8.15 15.91
N SER E 213 27.64 -9.29 16.56
CA SER E 213 27.19 -10.52 15.90
C SER E 213 28.13 -10.90 14.74
N THR E 214 29.42 -10.86 15.01
CA THR E 214 30.43 -11.21 14.02
C THR E 214 30.32 -12.69 13.62
N ALA E 221 37.13 -6.34 18.53
CA ALA E 221 38.31 -5.51 18.75
C ALA E 221 37.94 -4.05 18.97
N PRO E 222 37.56 -3.72 20.20
CA PRO E 222 37.18 -2.34 20.51
C PRO E 222 38.36 -1.47 20.92
N ALA E 223 38.24 -0.19 20.60
CA ALA E 223 39.26 0.81 20.91
C ALA E 223 38.63 1.94 21.71
N GLN E 224 39.35 2.41 22.72
CA GLN E 224 38.86 3.45 23.61
C GLN E 224 39.62 4.74 23.38
N LEU E 225 38.89 5.86 23.35
CA LEU E 225 39.47 7.18 23.15
C LEU E 225 39.86 7.86 24.45
N GLY E 226 39.65 7.20 25.59
CA GLY E 226 40.04 7.75 26.87
C GLY E 226 40.24 6.61 27.85
N LYS E 227 40.85 6.94 28.99
CA LYS E 227 41.15 5.89 29.98
C LYS E 227 40.03 5.73 30.99
N LYS E 228 38.79 5.67 30.48
CA LYS E 228 37.63 5.19 31.23
C LYS E 228 37.34 5.98 32.51
N GLY E 229 38.15 6.98 32.82
CA GLY E 229 38.04 7.64 34.10
C GLY E 229 37.92 9.15 34.05
N LYS E 230 38.28 9.76 32.92
CA LYS E 230 38.35 11.21 32.81
C LYS E 230 37.52 11.70 31.64
N GLU E 231 37.18 12.98 31.69
CA GLU E 231 36.50 13.63 30.58
C GLU E 231 37.35 13.53 29.31
N PHE E 232 36.70 13.16 28.21
CA PHE E 232 37.42 13.02 26.95
C PHE E 232 37.94 14.36 26.48
N GLU E 233 39.21 14.38 26.07
CA GLU E 233 39.85 15.58 25.55
C GLU E 233 40.72 15.21 24.37
N PHE E 234 40.90 16.17 23.46
CA PHE E 234 41.79 15.93 22.33
C PHE E 234 43.26 15.95 22.74
N SER E 235 43.58 16.57 23.87
CA SER E 235 44.97 16.62 24.32
C SER E 235 45.50 15.23 24.66
N GLN E 236 44.69 14.41 25.35
CA GLN E 236 45.13 13.07 25.72
C GLN E 236 45.26 12.15 24.51
N LEU E 237 44.59 12.47 23.41
CA LEU E 237 44.69 11.63 22.22
C LEU E 237 46.11 11.70 21.64
N PRO E 238 46.64 10.58 21.15
CA PRO E 238 47.95 10.56 20.49
C PRO E 238 47.90 11.05 19.04
N LEU E 239 47.20 12.16 18.82
CA LEU E 239 47.05 12.74 17.50
C LEU E 239 47.13 14.26 17.60
N LYS E 240 47.57 14.88 16.51
CA LYS E 240 47.66 16.33 16.41
C LYS E 240 46.37 16.81 15.76
N VAL E 241 45.43 17.28 16.57
CA VAL E 241 44.14 17.75 16.10
C VAL E 241 44.17 19.27 16.03
N GLU E 242 43.86 19.82 14.87
CA GLU E 242 43.86 21.25 14.66
C GLU E 242 42.46 21.73 14.28
N PHE E 243 42.21 23.00 14.54
CA PHE E 243 40.95 23.65 14.20
C PHE E 243 41.24 24.97 13.50
N LEU E 244 40.34 25.36 12.60
CA LEU E 244 40.46 26.62 11.89
C LEU E 244 39.09 27.03 11.36
N GLU E 245 39.04 28.20 10.74
CA GLU E 245 37.81 28.76 10.19
C GLU E 245 38.02 29.00 8.70
N CYS E 246 37.17 28.40 7.87
CA CYS E 246 37.27 28.56 6.43
C CYS E 246 35.88 28.49 5.81
N SER E 247 35.68 29.27 4.75
CA SER E 247 34.40 29.30 4.06
C SER E 247 34.60 29.92 2.70
N ALA E 248 34.29 29.17 1.63
CA ALA E 248 34.44 29.67 0.25
C ALA E 248 33.22 29.23 -0.54
N LYS E 249 32.19 30.07 -0.55
CA LYS E 249 30.99 29.85 -1.36
C LYS E 249 30.71 31.00 -2.30
N GLY E 250 30.74 32.23 -1.80
CA GLY E 250 30.42 33.39 -2.60
C GLY E 250 30.16 34.59 -1.72
N GLY E 251 29.79 35.68 -2.37
CA GLY E 251 29.56 36.92 -1.65
C GLY E 251 30.82 37.40 -0.94
N ARG E 252 30.83 37.26 0.38
CA ARG E 252 32.04 37.59 1.14
C ARG E 252 33.19 36.65 0.79
N GLY E 253 32.88 35.36 0.60
CA GLY E 253 33.91 34.36 0.45
C GLY E 253 34.73 34.42 -0.84
N ASP E 254 34.11 34.10 -1.97
CA ASP E 254 34.87 34.02 -3.22
C ASP E 254 35.11 35.39 -3.84
N PRO E 255 34.08 36.22 -4.09
CA PRO E 255 34.33 37.52 -4.75
C PRO E 255 35.18 38.45 -3.91
N GLY E 256 34.83 38.62 -2.64
CA GLY E 256 35.53 39.54 -1.77
C GLY E 256 36.98 39.18 -1.52
N SER E 257 37.19 38.08 -0.79
CA SER E 257 38.54 37.63 -0.47
C SER E 257 38.46 36.20 0.01
N ALA E 258 39.23 35.31 -0.64
CA ALA E 258 39.21 33.90 -0.28
C ALA E 258 39.72 33.70 1.14
N ASP E 259 39.14 32.71 1.83
CA ASP E 259 39.48 32.41 3.21
C ASP E 259 40.20 31.07 3.34
N ILE E 260 40.79 30.56 2.26
CA ILE E 260 41.45 29.25 2.30
C ILE E 260 42.95 29.35 2.53
N GLN E 261 43.48 30.56 2.78
CA GLN E 261 44.90 30.68 3.03
C GLN E 261 45.36 29.93 4.27
N ASP E 262 44.50 29.83 5.29
CA ASP E 262 44.85 29.01 6.44
C ASP E 262 44.97 27.54 6.06
N LEU E 263 44.11 27.08 5.16
CA LEU E 263 44.19 25.69 4.70
C LEU E 263 45.50 25.42 3.97
N GLU E 264 45.92 26.32 3.08
CA GLU E 264 47.18 26.11 2.38
C GLU E 264 48.37 26.25 3.32
N LYS E 265 48.28 27.13 4.31
CA LYS E 265 49.35 27.22 5.30
C LYS E 265 49.47 25.93 6.09
N TRP E 266 48.33 25.34 6.49
CA TRP E 266 48.36 24.08 7.22
C TRP E 266 48.89 22.95 6.33
N LEU E 267 48.52 22.95 5.05
CA LEU E 267 49.03 21.94 4.13
C LEU E 267 50.55 22.06 3.99
N ALA E 268 51.06 23.28 3.89
CA ALA E 268 52.50 23.49 3.84
C ALA E 268 53.16 23.01 5.12
N LYS E 269 52.54 23.30 6.27
CA LYS E 269 53.11 22.87 7.54
C LYS E 269 53.18 21.35 7.64
N ILE E 270 52.12 20.65 7.20
CA ILE E 270 52.11 19.20 7.25
C ILE E 270 52.86 18.55 6.10
N ALA E 271 53.24 19.33 5.09
CA ALA E 271 53.97 18.80 3.95
C ALA E 271 55.36 18.36 4.35
N ALA F 20 4.04 -26.82 -38.39
CA ALA F 20 5.26 -26.05 -38.20
C ALA F 20 5.49 -25.75 -36.72
N THR F 21 4.51 -25.09 -36.10
CA THR F 21 4.58 -24.71 -34.69
C THR F 21 5.85 -23.90 -34.39
N ILE F 22 6.18 -22.99 -35.29
CA ILE F 22 7.37 -22.16 -35.11
C ILE F 22 7.11 -21.08 -34.08
N ILE F 23 6.07 -20.27 -34.29
CA ILE F 23 5.70 -19.25 -33.32
C ILE F 23 5.07 -19.89 -32.08
N ASN F 24 4.55 -21.11 -32.20
CA ASN F 24 3.97 -21.79 -31.05
C ASN F 24 5.02 -22.04 -29.97
N GLU F 25 6.24 -22.40 -30.37
CA GLU F 25 7.30 -22.61 -29.40
C GLU F 25 7.63 -21.33 -28.64
N GLU F 26 7.72 -20.21 -29.35
CA GLU F 26 8.01 -18.94 -28.69
C GLU F 26 6.87 -18.53 -27.75
N VAL F 27 5.62 -18.72 -28.19
CA VAL F 27 4.49 -18.40 -27.33
C VAL F 27 4.49 -19.27 -26.09
N LEU F 28 4.80 -20.56 -26.26
CA LEU F 28 4.89 -21.46 -25.10
C LEU F 28 5.99 -21.02 -24.15
N ASN F 29 7.15 -20.62 -24.68
CA ASN F 29 8.23 -20.16 -23.81
C ASN F 29 7.83 -18.90 -23.04
N ALA F 30 7.17 -17.96 -23.72
CA ALA F 30 6.73 -16.74 -23.03
C ALA F 30 5.72 -17.05 -21.94
N MET F 31 4.76 -17.93 -22.23
CA MET F 31 3.76 -18.29 -21.24
C MET F 31 4.41 -19.02 -20.06
N LEU F 32 5.38 -19.89 -20.34
CA LEU F 32 6.09 -20.58 -19.26
C LEU F 32 6.86 -19.61 -18.39
N LYS F 33 7.49 -18.60 -19.00
CA LYS F 33 8.19 -17.59 -18.21
C LYS F 33 7.22 -16.80 -17.34
N GLU F 34 6.05 -16.46 -17.89
CA GLU F 34 5.04 -15.76 -17.11
C GLU F 34 4.57 -16.61 -15.94
N VAL F 35 4.36 -17.91 -16.18
CA VAL F 35 3.93 -18.81 -15.11
C VAL F 35 5.02 -18.94 -14.06
N CYS F 36 6.29 -18.96 -14.48
CA CYS F 36 7.39 -19.00 -13.53
C CYS F 36 7.37 -17.77 -12.64
N THR F 37 7.20 -16.59 -13.23
CA THR F 37 7.14 -15.37 -12.44
C THR F 37 5.97 -15.40 -11.46
N ALA F 38 4.79 -15.86 -11.94
CA ALA F 38 3.62 -15.92 -11.07
C ALA F 38 3.83 -16.88 -9.91
N LEU F 39 4.40 -18.05 -10.18
CA LEU F 39 4.61 -19.04 -9.13
C LEU F 39 5.67 -18.57 -8.13
N LEU F 40 6.74 -17.93 -8.62
CA LEU F 40 7.73 -17.39 -7.70
C LEU F 40 7.14 -16.29 -6.83
N GLU F 41 6.24 -15.48 -7.40
CA GLU F 41 5.50 -14.52 -6.59
C GLU F 41 4.59 -15.21 -5.58
N ALA F 42 4.28 -16.49 -5.78
CA ALA F 42 3.45 -17.26 -4.86
C ALA F 42 4.28 -18.08 -3.87
N ASP F 43 5.47 -17.61 -3.53
CA ASP F 43 6.39 -18.23 -2.57
C ASP F 43 6.46 -19.75 -2.75
N VAL F 44 6.91 -20.15 -3.93
CA VAL F 44 7.13 -21.55 -4.29
C VAL F 44 8.61 -21.77 -4.52
N ASN F 45 9.12 -22.89 -4.04
CA ASN F 45 10.54 -23.20 -4.16
C ASN F 45 10.97 -23.21 -5.63
N ILE F 46 12.15 -22.66 -5.89
CA ILE F 46 12.62 -22.51 -7.26
C ILE F 46 12.92 -23.87 -7.89
N LYS F 47 13.44 -24.81 -7.10
CA LYS F 47 13.74 -26.14 -7.62
C LYS F 47 12.46 -26.84 -8.09
N LEU F 48 11.39 -26.74 -7.29
CA LEU F 48 10.13 -27.32 -7.70
C LEU F 48 9.59 -26.64 -8.95
N VAL F 49 9.78 -25.32 -9.06
CA VAL F 49 9.33 -24.61 -10.25
C VAL F 49 10.06 -25.10 -11.49
N LYS F 50 11.38 -25.28 -11.38
CA LYS F 50 12.15 -25.77 -12.52
C LYS F 50 11.75 -27.20 -12.89
N GLN F 51 11.53 -28.05 -11.89
CA GLN F 51 11.10 -29.42 -12.17
C GLN F 51 9.73 -29.43 -12.85
N LEU F 52 8.81 -28.59 -12.37
CA LEU F 52 7.50 -28.49 -13.01
C LEU F 52 7.61 -27.98 -14.43
N ARG F 53 8.51 -27.02 -14.67
CA ARG F 53 8.72 -26.52 -16.01
C ARG F 53 9.21 -27.63 -16.93
N GLU F 54 10.19 -28.41 -16.46
CA GLU F 54 10.68 -29.52 -17.27
C GLU F 54 9.57 -30.52 -17.56
N ASN F 55 8.78 -30.87 -16.56
CA ASN F 55 7.71 -31.85 -16.76
C ASN F 55 6.65 -31.33 -17.73
N VAL F 56 6.25 -30.07 -17.60
CA VAL F 56 5.20 -29.54 -18.46
C VAL F 56 5.72 -29.38 -19.89
N LYS F 57 6.98 -28.99 -20.05
CA LYS F 57 7.53 -28.90 -21.40
C LYS F 57 7.63 -30.27 -22.05
N SER F 58 8.04 -31.28 -21.29
CA SER F 58 8.08 -32.64 -21.82
C SER F 58 6.68 -33.12 -22.20
N ALA F 59 5.69 -32.82 -21.36
CA ALA F 59 4.32 -33.22 -21.67
C ALA F 59 3.81 -32.52 -22.93
N ILE F 60 4.11 -31.24 -23.09
CA ILE F 60 3.68 -30.51 -24.28
C ILE F 60 4.35 -31.08 -25.52
N ASP F 61 5.65 -31.36 -25.44
CA ASP F 61 6.34 -31.96 -26.58
C ASP F 61 5.80 -33.35 -26.90
N LEU F 62 5.39 -34.11 -25.88
CA LEU F 62 4.73 -35.39 -26.12
C LEU F 62 3.40 -35.20 -26.83
N GLU F 63 2.64 -34.18 -26.45
CA GLU F 63 1.35 -33.92 -27.09
C GLU F 63 1.54 -33.54 -28.56
N GLU F 64 2.61 -32.81 -28.87
CA GLU F 64 2.95 -32.34 -30.22
C GLU F 64 1.90 -31.41 -30.79
N MET F 65 0.93 -30.97 -30.00
CA MET F 65 -0.11 -30.08 -30.47
C MET F 65 -0.66 -29.28 -29.31
N ALA F 66 -1.11 -28.06 -29.61
CA ALA F 66 -1.71 -27.17 -28.62
C ALA F 66 -3.19 -26.99 -28.92
N SER F 67 -3.99 -26.90 -27.86
CA SER F 67 -5.44 -26.76 -28.03
C SER F 67 -5.77 -25.40 -28.60
N GLY F 68 -6.57 -25.38 -29.67
CA GLY F 68 -6.97 -24.16 -30.34
C GLY F 68 -8.18 -23.47 -29.75
N LEU F 69 -8.81 -24.04 -28.71
CA LEU F 69 -9.95 -23.39 -28.09
C LEU F 69 -9.56 -22.06 -27.46
N ASN F 70 -8.42 -22.03 -26.78
CA ASN F 70 -7.89 -20.80 -26.21
C ASN F 70 -6.39 -20.91 -26.10
N LYS F 71 -5.71 -19.78 -26.28
CA LYS F 71 -4.25 -19.77 -26.29
C LYS F 71 -3.67 -20.14 -24.93
N ARG F 72 -4.27 -19.65 -23.85
CA ARG F 72 -3.73 -19.85 -22.51
C ARG F 72 -4.48 -20.88 -21.68
N LYS F 73 -5.71 -21.23 -22.07
CA LYS F 73 -6.50 -22.17 -21.27
C LYS F 73 -5.83 -23.53 -21.19
N MET F 74 -5.28 -24.01 -22.31
CA MET F 74 -4.62 -25.32 -22.30
C MET F 74 -3.43 -25.34 -21.37
N ILE F 75 -2.60 -24.29 -21.41
CA ILE F 75 -1.42 -24.23 -20.56
C ILE F 75 -1.82 -24.14 -19.09
N GLN F 76 -2.84 -23.33 -18.79
CA GLN F 76 -3.31 -23.23 -17.41
C GLN F 76 -3.85 -24.56 -16.91
N HIS F 77 -4.60 -25.27 -17.75
CA HIS F 77 -5.11 -26.58 -17.35
C HIS F 77 -3.98 -27.57 -17.14
N ALA F 78 -2.97 -27.55 -18.00
CA ALA F 78 -1.85 -28.46 -17.86
C ALA F 78 -1.09 -28.21 -16.55
N VAL F 79 -0.80 -26.93 -16.26
CA VAL F 79 -0.08 -26.63 -15.03
C VAL F 79 -0.95 -26.90 -13.82
N PHE F 80 -2.27 -26.71 -13.94
CA PHE F 80 -3.17 -27.05 -12.85
C PHE F 80 -3.13 -28.55 -12.55
N LYS F 81 -3.16 -29.37 -13.60
CA LYS F 81 -3.08 -30.81 -13.41
C LYS F 81 -1.72 -31.21 -12.82
N GLU F 82 -0.65 -30.56 -13.26
CA GLU F 82 0.67 -30.86 -12.72
C GLU F 82 0.74 -30.53 -11.23
N LEU F 83 0.19 -29.37 -10.83
CA LEU F 83 0.19 -29.02 -9.42
C LEU F 83 -0.71 -29.93 -8.61
N VAL F 84 -1.84 -30.38 -9.19
CA VAL F 84 -2.69 -31.34 -8.50
C VAL F 84 -1.94 -32.64 -8.26
N LYS F 85 -1.17 -33.09 -9.25
CA LYS F 85 -0.36 -34.29 -9.07
C LYS F 85 0.71 -34.08 -8.01
N LEU F 86 1.33 -32.90 -8.00
CA LEU F 86 2.47 -32.67 -7.09
C LEU F 86 2.02 -32.44 -5.65
N VAL F 87 0.83 -31.88 -5.44
CA VAL F 87 0.45 -31.45 -4.10
C VAL F 87 0.25 -32.64 -3.17
N ASP F 88 -0.32 -33.73 -3.68
CA ASP F 88 -0.60 -34.87 -2.82
C ASP F 88 0.25 -36.07 -3.21
N PRO F 89 0.83 -36.78 -2.25
CA PRO F 89 1.62 -37.98 -2.56
C PRO F 89 0.77 -39.16 -2.99
N GLY F 90 -0.56 -39.09 -2.83
CA GLY F 90 -1.44 -40.19 -3.14
C GLY F 90 -1.83 -41.04 -1.94
N VAL F 91 -1.13 -40.90 -0.81
CA VAL F 91 -1.44 -41.67 0.39
C VAL F 91 -2.69 -41.08 1.03
N LYS F 92 -3.63 -41.95 1.38
CA LYS F 92 -4.85 -41.51 2.04
C LYS F 92 -4.54 -40.94 3.42
N ALA F 93 -5.20 -39.84 3.76
CA ALA F 93 -4.99 -39.21 5.05
C ALA F 93 -5.51 -40.11 6.17
N TRP F 94 -4.80 -40.09 7.30
CA TRP F 94 -5.19 -40.89 8.45
C TRP F 94 -6.48 -40.35 9.07
N THR F 95 -7.29 -41.26 9.59
CA THR F 95 -8.54 -40.93 10.25
C THR F 95 -8.60 -41.58 11.62
N PRO F 96 -9.27 -40.95 12.58
CA PRO F 96 -9.38 -41.56 13.92
C PRO F 96 -10.22 -42.82 13.90
N THR F 97 -9.90 -43.72 14.82
CA THR F 97 -10.58 -45.01 14.93
C THR F 97 -11.33 -45.07 16.26
N LYS F 98 -12.63 -45.36 16.17
CA LYS F 98 -13.45 -45.48 17.37
C LYS F 98 -13.08 -46.72 18.17
N GLY F 99 -13.20 -46.61 19.49
CA GLY F 99 -12.94 -47.72 20.38
C GLY F 99 -11.52 -47.77 20.92
N LYS F 100 -10.58 -47.10 20.27
CA LYS F 100 -9.20 -47.04 20.72
C LYS F 100 -8.77 -45.59 20.82
N GLN F 101 -8.14 -45.22 21.94
CA GLN F 101 -7.71 -43.84 22.13
C GLN F 101 -6.64 -43.48 21.11
N ASN F 102 -6.78 -42.30 20.51
CA ASN F 102 -5.87 -41.81 19.49
C ASN F 102 -5.11 -40.61 20.03
N VAL F 103 -3.78 -40.67 19.95
CA VAL F 103 -2.90 -39.63 20.47
C VAL F 103 -2.27 -38.92 19.28
N ILE F 104 -2.47 -37.60 19.23
CA ILE F 104 -1.96 -36.75 18.16
C ILE F 104 -0.99 -35.76 18.77
N MET F 105 0.25 -35.77 18.30
CA MET F 105 1.29 -34.88 18.80
C MET F 105 1.56 -33.81 17.76
N PHE F 106 1.53 -32.55 18.20
CA PHE F 106 1.72 -31.41 17.32
C PHE F 106 3.15 -30.93 17.39
N VAL F 107 3.78 -30.78 16.23
CA VAL F 107 5.15 -30.30 16.11
C VAL F 107 5.18 -29.19 15.06
N GLY F 108 6.23 -28.39 15.12
CA GLY F 108 6.38 -27.30 14.16
C GLY F 108 7.50 -26.37 14.59
N LEU F 109 7.55 -25.23 13.92
CA LEU F 109 8.52 -24.18 14.21
C LEU F 109 7.92 -23.12 15.11
N GLN F 110 8.77 -22.25 15.62
CA GLN F 110 8.32 -21.18 16.51
C GLN F 110 7.45 -20.19 15.74
N GLY F 111 6.34 -19.79 16.36
CA GLY F 111 5.42 -18.85 15.76
C GLY F 111 4.48 -19.45 14.75
N SER F 112 4.53 -20.77 14.52
CA SER F 112 3.66 -21.40 13.54
C SER F 112 2.20 -21.43 13.99
N GLY F 113 1.94 -21.20 15.27
CA GLY F 113 0.58 -21.21 15.77
C GLY F 113 0.10 -22.62 16.08
N LYS F 114 0.99 -23.44 16.64
CA LYS F 114 0.63 -24.83 16.92
C LYS F 114 -0.41 -24.93 18.04
N THR F 115 -0.31 -24.05 19.04
CA THR F 115 -1.28 -24.09 20.14
C THR F 115 -2.69 -23.73 19.65
N THR F 116 -2.80 -22.68 18.84
CA THR F 116 -4.10 -22.30 18.30
C THR F 116 -4.64 -23.39 17.38
N THR F 117 -3.76 -24.01 16.60
CA THR F 117 -4.18 -25.14 15.77
C THR F 117 -4.69 -26.30 16.62
N CYS F 118 -4.02 -26.59 17.74
CA CYS F 118 -4.49 -27.63 18.64
C CYS F 118 -5.88 -27.30 19.17
N SER F 119 -6.09 -26.05 19.58
CA SER F 119 -7.41 -25.64 20.07
C SER F 119 -8.47 -25.79 18.99
N LYS F 120 -8.15 -25.36 17.77
CA LYS F 120 -9.12 -25.45 16.69
C LYS F 120 -9.46 -26.90 16.36
N LEU F 121 -8.44 -27.77 16.31
CA LEU F 121 -8.70 -29.17 16.00
C LEU F 121 -9.50 -29.85 17.11
N ALA F 122 -9.19 -29.52 18.37
CA ALA F 122 -9.96 -30.09 19.47
C ALA F 122 -11.41 -29.66 19.42
N TYR F 123 -11.66 -28.37 19.14
CA TYR F 123 -13.03 -27.91 19.01
C TYR F 123 -13.74 -28.58 17.84
N TYR F 124 -13.03 -28.74 16.71
CA TYR F 124 -13.63 -29.37 15.53
C TYR F 124 -14.02 -30.81 15.82
N TYR F 125 -13.13 -31.56 16.47
CA TYR F 125 -13.45 -32.95 16.80
C TYR F 125 -14.54 -33.04 17.86
N GLN F 126 -14.59 -32.09 18.79
CA GLN F 126 -15.68 -32.05 19.75
C GLN F 126 -17.01 -31.82 19.04
N ARG F 127 -17.02 -30.96 18.03
CA ARG F 127 -18.22 -30.76 17.23
C ARG F 127 -18.61 -32.00 16.44
N LYS F 128 -17.68 -32.94 16.25
CA LYS F 128 -17.97 -34.18 15.55
C LYS F 128 -18.43 -35.29 16.48
N GLY F 129 -18.57 -35.01 17.78
CA GLY F 129 -19.03 -36.01 18.72
C GLY F 129 -17.91 -36.91 19.22
N TRP F 130 -16.89 -36.31 19.81
CA TRP F 130 -15.74 -37.05 20.32
C TRP F 130 -15.37 -36.55 21.71
N LYS F 131 -14.76 -37.44 22.49
CA LYS F 131 -14.30 -37.11 23.84
C LYS F 131 -12.83 -36.73 23.74
N THR F 132 -12.57 -35.45 23.52
CA THR F 132 -11.23 -34.94 23.24
C THR F 132 -10.66 -34.21 24.44
N CYS F 133 -9.33 -34.20 24.53
CA CYS F 133 -8.64 -33.53 25.62
C CYS F 133 -7.31 -32.99 25.13
N LEU F 134 -6.81 -31.99 25.86
CA LEU F 134 -5.59 -31.25 25.51
C LEU F 134 -4.55 -31.42 26.60
N ILE F 135 -3.30 -31.62 26.21
CA ILE F 135 -2.17 -31.69 27.11
C ILE F 135 -1.04 -30.87 26.50
N CYS F 136 -0.34 -30.11 27.32
CA CYS F 136 0.75 -29.24 26.86
C CYS F 136 2.07 -29.74 27.39
N ALA F 137 3.09 -29.74 26.53
CA ALA F 137 4.45 -30.01 26.92
C ALA F 137 5.36 -28.80 26.75
N ASP F 138 4.83 -27.67 26.29
CA ASP F 138 5.61 -26.46 26.14
C ASP F 138 5.93 -25.89 27.51
N THR F 139 7.17 -26.05 27.94
CA THR F 139 7.62 -25.53 29.23
C THR F 139 8.67 -24.44 29.12
N PHE F 140 9.50 -24.45 28.07
CA PHE F 140 10.52 -23.42 27.92
C PHE F 140 9.89 -22.05 27.71
N ARG F 141 8.83 -21.97 26.89
CA ARG F 141 8.18 -20.69 26.64
C ARG F 141 7.44 -20.22 27.89
N ALA F 142 7.70 -18.99 28.29
CA ALA F 142 7.00 -18.40 29.43
C ALA F 142 5.58 -18.02 29.04
N GLY F 143 4.64 -18.19 29.97
CA GLY F 143 3.26 -17.87 29.71
C GLY F 143 2.65 -18.72 28.63
N ALA F 144 2.86 -20.04 28.70
CA ALA F 144 2.33 -20.98 27.72
C ALA F 144 1.06 -21.69 28.19
N PHE F 145 1.05 -22.19 29.42
CA PHE F 145 -0.09 -22.95 29.90
C PHE F 145 -1.32 -22.07 30.10
N ASP F 146 -1.13 -20.79 30.42
CA ASP F 146 -2.26 -19.89 30.59
C ASP F 146 -3.04 -19.74 29.29
N GLN F 147 -2.33 -19.62 28.17
CA GLN F 147 -3.00 -19.53 26.87
C GLN F 147 -3.82 -20.79 26.59
N LEU F 148 -3.26 -21.97 26.88
CA LEU F 148 -4.00 -23.20 26.69
C LEU F 148 -5.23 -23.25 27.58
N LYS F 149 -5.10 -22.79 28.83
CA LYS F 149 -6.24 -22.75 29.74
C LYS F 149 -7.34 -21.86 29.20
N GLN F 150 -6.97 -20.66 28.74
CA GLN F 150 -7.97 -19.72 28.22
C GLN F 150 -8.65 -20.29 26.98
N ASN F 151 -7.88 -20.91 26.09
CA ASN F 151 -8.47 -21.52 24.90
C ASN F 151 -9.36 -22.71 25.22
N ALA F 152 -9.00 -23.51 26.23
CA ALA F 152 -9.81 -24.66 26.60
C ALA F 152 -11.11 -24.24 27.25
N THR F 153 -11.06 -23.26 28.17
CA THR F 153 -12.28 -22.80 28.80
C THR F 153 -13.13 -21.98 27.85
N LYS F 154 -12.53 -21.38 26.82
CA LYS F 154 -13.30 -20.75 25.77
C LYS F 154 -14.14 -21.77 25.03
N ALA F 155 -13.53 -22.91 24.69
CA ALA F 155 -14.22 -23.99 23.99
C ALA F 155 -14.83 -25.01 24.95
N ARG F 156 -14.66 -24.84 26.26
CA ARG F 156 -15.23 -25.73 27.28
C ARG F 156 -14.75 -27.16 27.07
N ILE F 157 -13.43 -27.32 27.04
CA ILE F 157 -12.80 -28.62 26.81
C ILE F 157 -11.83 -28.90 27.95
N PRO F 158 -11.77 -30.13 28.46
CA PRO F 158 -10.81 -30.44 29.53
C PRO F 158 -9.36 -30.27 29.06
N PHE F 159 -8.51 -29.87 30.00
CA PHE F 159 -7.11 -29.59 29.73
C PHE F 159 -6.25 -30.13 30.87
N TYR F 160 -4.94 -30.18 30.64
CA TYR F 160 -4.00 -30.67 31.63
C TYR F 160 -2.74 -29.81 31.60
N GLY F 161 -2.11 -29.68 32.75
CA GLY F 161 -0.87 -28.93 32.84
C GLY F 161 -0.61 -28.48 34.26
N SER F 162 0.56 -27.88 34.45
CA SER F 162 0.96 -27.39 35.76
C SER F 162 2.02 -26.31 35.59
N TYR F 163 2.10 -25.42 36.58
CA TYR F 163 3.09 -24.36 36.59
C TYR F 163 4.38 -24.74 37.29
N THR F 164 4.44 -25.90 37.94
CA THR F 164 5.58 -26.26 38.77
C THR F 164 6.59 -27.10 37.99
N GLU F 165 6.16 -28.25 37.48
CA GLU F 165 7.08 -29.16 36.79
C GLU F 165 7.54 -28.54 35.48
N MET F 166 8.82 -28.73 35.17
CA MET F 166 9.42 -28.18 33.96
C MET F 166 9.78 -29.23 32.92
N ASP F 167 9.82 -30.50 33.28
CA ASP F 167 10.15 -31.54 32.32
C ASP F 167 8.91 -31.89 31.51
N PRO F 168 8.92 -31.67 30.19
CA PRO F 168 7.73 -32.02 29.38
C PRO F 168 7.42 -33.51 29.38
N VAL F 169 8.43 -34.38 29.50
CA VAL F 169 8.21 -35.81 29.36
C VAL F 169 7.31 -36.34 30.47
N ILE F 170 7.64 -36.00 31.72
CA ILE F 170 6.86 -36.51 32.85
C ILE F 170 5.47 -35.91 32.85
N ILE F 171 5.35 -34.62 32.51
CA ILE F 171 4.04 -33.98 32.45
C ILE F 171 3.16 -34.67 31.41
N ALA F 172 3.71 -34.90 30.22
CA ALA F 172 2.95 -35.56 29.16
C ALA F 172 2.55 -36.97 29.56
N SER F 173 3.48 -37.72 30.17
CA SER F 173 3.17 -39.08 30.58
C SER F 173 2.05 -39.11 31.61
N GLU F 174 2.15 -38.25 32.63
CA GLU F 174 1.11 -38.21 33.65
C GLU F 174 -0.23 -37.81 33.07
N GLY F 175 -0.24 -36.79 32.20
CA GLY F 175 -1.49 -36.36 31.60
C GLY F 175 -2.13 -37.43 30.74
N VAL F 176 -1.33 -38.10 29.91
CA VAL F 176 -1.89 -39.12 29.03
C VAL F 176 -2.37 -40.31 29.83
N GLU F 177 -1.67 -40.67 30.90
CA GLU F 177 -2.14 -41.76 31.76
C GLU F 177 -3.45 -41.39 32.44
N LYS F 178 -3.56 -40.17 32.96
CA LYS F 178 -4.78 -39.76 33.63
C LYS F 178 -5.96 -39.72 32.64
N PHE F 179 -5.73 -39.22 31.43
CA PHE F 179 -6.82 -39.18 30.46
C PHE F 179 -7.16 -40.57 29.92
N LYS F 180 -6.20 -41.48 29.85
CA LYS F 180 -6.52 -42.88 29.57
C LYS F 180 -7.41 -43.45 30.67
N ASN F 181 -7.12 -43.11 31.92
CA ASN F 181 -8.01 -43.51 33.02
C ASN F 181 -9.39 -42.89 32.83
N GLU F 182 -9.45 -41.65 32.37
CA GLU F 182 -10.72 -40.97 32.12
C GLU F 182 -11.41 -41.46 30.87
N ASN F 183 -10.74 -42.28 30.05
CA ASN F 183 -11.34 -42.89 28.86
C ASN F 183 -11.73 -41.84 27.83
N PHE F 184 -10.83 -40.89 27.56
CA PHE F 184 -11.04 -39.90 26.51
C PHE F 184 -10.73 -40.51 25.16
N GLU F 185 -11.58 -40.21 24.17
CA GLU F 185 -11.41 -40.80 22.84
C GLU F 185 -10.17 -40.25 22.15
N ILE F 186 -9.97 -38.93 22.20
CA ILE F 186 -8.90 -38.27 21.47
C ILE F 186 -8.05 -37.49 22.45
N ILE F 187 -6.73 -37.68 22.38
CA ILE F 187 -5.77 -36.94 23.19
C ILE F 187 -4.88 -36.15 22.25
N ILE F 188 -4.75 -34.85 22.50
CA ILE F 188 -3.86 -33.99 21.73
C ILE F 188 -2.76 -33.55 22.66
N VAL F 189 -1.51 -33.69 22.23
CA VAL F 189 -0.35 -33.28 23.01
C VAL F 189 0.44 -32.27 22.19
N ASP F 190 0.71 -31.11 22.79
CA ASP F 190 1.39 -30.01 22.14
C ASP F 190 2.77 -29.81 22.77
N THR F 191 3.76 -29.52 21.93
CA THR F 191 5.11 -29.24 22.38
C THR F 191 5.61 -27.98 21.70
N SER F 192 6.60 -27.33 22.33
CA SER F 192 7.12 -26.07 21.83
C SER F 192 7.80 -26.27 20.47
N GLY F 193 7.70 -25.25 19.62
CA GLY F 193 8.36 -25.30 18.34
C GLY F 193 9.87 -25.31 18.47
N ARG F 194 10.52 -25.94 17.51
CA ARG F 194 11.97 -26.11 17.57
C ARG F 194 12.56 -26.13 16.17
N HIS F 195 13.86 -25.88 16.10
CA HIS F 195 14.59 -25.83 14.84
C HIS F 195 15.77 -26.79 14.91
N LYS F 196 16.27 -27.17 13.73
CA LYS F 196 17.31 -28.20 13.64
C LYS F 196 18.61 -27.78 14.30
N GLN F 197 18.86 -26.48 14.45
CA GLN F 197 20.11 -26.02 15.04
C GLN F 197 20.25 -26.49 16.48
N GLU F 198 19.17 -26.42 17.25
CA GLU F 198 19.18 -26.84 18.64
C GLU F 198 18.87 -28.33 18.71
N ASP F 199 19.90 -29.14 18.97
CA ASP F 199 19.70 -30.58 19.05
C ASP F 199 19.03 -31.00 20.35
N SER F 200 19.16 -30.20 21.40
CA SER F 200 18.53 -30.54 22.68
C SER F 200 17.02 -30.59 22.55
N LEU F 201 16.43 -29.63 21.82
CA LEU F 201 14.99 -29.65 21.60
C LEU F 201 14.58 -30.89 20.82
N PHE F 202 15.37 -31.28 19.83
CA PHE F 202 15.06 -32.47 19.05
C PHE F 202 15.11 -33.73 19.90
N GLU F 203 16.12 -33.85 20.76
CA GLU F 203 16.18 -35.05 21.61
C GLU F 203 15.08 -35.04 22.66
N GLU F 204 14.66 -33.85 23.13
CA GLU F 204 13.50 -33.78 24.00
C GLU F 204 12.25 -34.25 23.28
N MET F 205 12.08 -33.84 22.02
CA MET F 205 10.95 -34.33 21.23
C MET F 205 11.00 -35.84 21.08
N LEU F 206 12.20 -36.39 20.83
CA LEU F 206 12.34 -37.83 20.70
C LEU F 206 11.96 -38.54 22.00
N GLN F 207 12.40 -38.00 23.13
CA GLN F 207 12.05 -38.61 24.42
C GLN F 207 10.55 -38.55 24.67
N VAL F 208 9.92 -37.43 24.32
CA VAL F 208 8.47 -37.32 24.47
C VAL F 208 7.76 -38.35 23.60
N ALA F 209 8.21 -38.50 22.35
CA ALA F 209 7.60 -39.48 21.46
C ALA F 209 7.79 -40.89 22.00
N ASN F 210 8.95 -41.20 22.56
CA ASN F 210 9.16 -42.50 23.17
C ASN F 210 8.23 -42.71 24.36
N ALA F 211 8.04 -41.67 25.17
CA ALA F 211 7.24 -41.82 26.39
C ALA F 211 5.78 -42.01 26.06
N ILE F 212 5.23 -41.20 25.15
CA ILE F 212 3.79 -41.25 24.90
C ILE F 212 3.40 -42.20 23.77
N GLN F 213 4.32 -42.49 22.85
CA GLN F 213 4.05 -43.33 21.68
C GLN F 213 2.84 -42.77 20.92
N PRO F 214 2.97 -41.59 20.32
CA PRO F 214 1.81 -40.96 19.69
C PRO F 214 1.30 -41.74 18.49
N ASP F 215 -0.02 -41.68 18.29
CA ASP F 215 -0.60 -42.31 17.12
C ASP F 215 -0.25 -41.55 15.85
N ASN F 216 -0.32 -40.23 15.89
CA ASN F 216 0.03 -39.41 14.73
C ASN F 216 0.89 -38.24 15.18
N ILE F 217 1.73 -37.76 14.26
CA ILE F 217 2.61 -36.63 14.51
C ILE F 217 2.34 -35.60 13.42
N VAL F 218 1.57 -34.57 13.74
CA VAL F 218 1.16 -33.57 12.76
C VAL F 218 2.11 -32.38 12.85
N TYR F 219 2.65 -31.98 11.71
CA TYR F 219 3.59 -30.86 11.60
C TYR F 219 2.87 -29.67 11.02
N VAL F 220 2.91 -28.53 11.73
CA VAL F 220 2.23 -27.32 11.33
C VAL F 220 3.27 -26.27 10.94
N MET F 221 3.08 -25.67 9.78
CA MET F 221 3.98 -24.65 9.26
C MET F 221 3.20 -23.45 8.76
N ASP F 222 3.79 -22.28 8.89
CA ASP F 222 3.14 -21.06 8.43
C ASP F 222 3.10 -21.01 6.91
N ALA F 223 1.99 -20.49 6.38
CA ALA F 223 1.87 -20.37 4.92
C ALA F 223 2.85 -19.34 4.37
N SER F 224 3.08 -18.26 5.11
CA SER F 224 3.98 -17.22 4.62
C SER F 224 5.41 -17.70 4.50
N ILE F 225 5.82 -18.65 5.34
CA ILE F 225 7.18 -19.17 5.29
C ILE F 225 7.38 -19.97 4.01
N GLY F 226 8.43 -19.65 3.28
CA GLY F 226 8.73 -20.35 2.05
C GLY F 226 10.22 -20.37 1.79
N GLN F 227 10.66 -21.39 1.06
CA GLN F 227 12.05 -21.60 0.63
C GLN F 227 13.01 -21.80 1.78
N ALA F 228 12.53 -21.91 3.02
CA ALA F 228 13.40 -22.10 4.17
C ALA F 228 12.91 -23.24 5.05
N CYS F 229 11.61 -23.52 4.99
CA CYS F 229 11.01 -24.56 5.82
C CYS F 229 11.27 -25.97 5.31
N GLU F 230 11.77 -26.11 4.08
CA GLU F 230 12.02 -27.44 3.53
C GLU F 230 13.06 -28.20 4.36
N ALA F 231 14.15 -27.52 4.75
CA ALA F 231 15.17 -28.18 5.54
C ALA F 231 14.63 -28.58 6.91
N GLN F 232 13.82 -27.72 7.52
CA GLN F 232 13.22 -28.05 8.82
C GLN F 232 12.30 -29.25 8.72
N ALA F 233 11.48 -29.29 7.66
CA ALA F 233 10.59 -30.44 7.47
C ALA F 233 11.38 -31.72 7.24
N LYS F 234 12.46 -31.63 6.46
CA LYS F 234 13.29 -32.80 6.22
C LYS F 234 13.94 -33.28 7.51
N ALA F 235 14.43 -32.36 8.34
CA ALA F 235 15.01 -32.75 9.63
C ALA F 235 13.97 -33.40 10.53
N PHE F 236 12.76 -32.83 10.58
CA PHE F 236 11.69 -33.42 11.37
C PHE F 236 11.37 -34.84 10.90
N LYS F 237 11.29 -35.04 9.59
CA LYS F 237 11.01 -36.37 9.06
C LYS F 237 12.15 -37.34 9.37
N ASP F 238 13.39 -36.88 9.28
CA ASP F 238 14.53 -37.75 9.51
C ASP F 238 14.61 -38.19 10.96
N LYS F 239 14.47 -37.25 11.90
CA LYS F 239 14.67 -37.61 13.30
C LYS F 239 13.52 -38.45 13.85
N VAL F 240 12.27 -38.06 13.55
CA VAL F 240 11.11 -38.75 14.07
C VAL F 240 10.11 -38.98 12.95
N ASP F 241 9.19 -39.92 13.19
CA ASP F 241 8.12 -40.18 12.25
C ASP F 241 7.18 -38.98 12.17
N VAL F 242 6.55 -38.82 11.00
CA VAL F 242 5.70 -37.67 10.72
C VAL F 242 4.37 -38.17 10.16
N ALA F 243 3.39 -37.27 10.12
CA ALA F 243 2.06 -37.57 9.62
C ALA F 243 1.60 -36.37 8.80
N SER F 244 0.31 -36.33 8.49
CA SER F 244 -0.24 -35.26 7.66
C SER F 244 0.02 -33.90 8.29
N VAL F 245 0.26 -32.91 7.43
CA VAL F 245 0.65 -31.58 7.87
C VAL F 245 -0.54 -30.64 7.74
N ILE F 246 -0.52 -29.58 8.53
CA ILE F 246 -1.59 -28.58 8.55
C ILE F 246 -0.96 -27.22 8.30
N VAL F 247 -1.51 -26.49 7.34
CA VAL F 247 -1.05 -25.14 7.02
C VAL F 247 -1.95 -24.14 7.73
N THR F 248 -1.36 -23.02 8.14
CA THR F 248 -2.06 -22.01 8.93
C THR F 248 -1.87 -20.64 8.30
N LYS F 249 -2.67 -19.68 8.79
CA LYS F 249 -2.59 -18.29 8.36
C LYS F 249 -2.82 -18.14 6.85
N LEU F 250 -3.80 -18.87 6.33
CA LEU F 250 -4.15 -18.77 4.92
C LEU F 250 -5.12 -17.63 4.63
N ASP F 251 -5.71 -17.03 5.66
CA ASP F 251 -6.65 -15.94 5.45
C ASP F 251 -5.96 -14.67 4.95
N GLY F 252 -4.65 -14.55 5.11
CA GLY F 252 -3.93 -13.38 4.68
C GLY F 252 -3.58 -13.42 3.20
N HIS F 253 -2.75 -12.46 2.81
CA HIS F 253 -2.33 -12.36 1.41
C HIS F 253 -1.46 -13.53 0.98
N ALA F 254 -0.80 -14.20 1.93
CA ALA F 254 0.08 -15.31 1.58
C ALA F 254 -0.72 -16.49 1.05
N LYS F 255 -0.28 -17.05 -0.07
CA LYS F 255 -0.95 -18.20 -0.65
C LYS F 255 -0.39 -19.53 -0.16
N GLY F 256 0.71 -19.51 0.60
CA GLY F 256 1.28 -20.74 1.12
C GLY F 256 1.83 -21.68 0.07
N GLY F 257 2.48 -21.15 -0.96
CA GLY F 257 3.00 -22.00 -2.02
C GLY F 257 4.18 -22.86 -1.62
N GLY F 258 4.89 -22.48 -0.56
CA GLY F 258 6.02 -23.28 -0.11
C GLY F 258 5.68 -24.58 0.57
N ALA F 259 4.45 -24.70 1.09
CA ALA F 259 4.06 -25.91 1.81
C ALA F 259 4.17 -27.16 0.95
N LEU F 260 4.01 -27.04 -0.37
CA LEU F 260 4.18 -28.19 -1.25
C LEU F 260 5.56 -28.82 -1.07
N SER F 261 6.60 -27.98 -0.96
CA SER F 261 7.94 -28.51 -0.69
C SER F 261 7.95 -29.34 0.58
N ALA F 262 7.29 -28.85 1.63
CA ALA F 262 7.20 -29.62 2.87
C ALA F 262 6.57 -30.98 2.61
N VAL F 263 5.54 -31.02 1.76
CA VAL F 263 4.94 -32.30 1.38
C VAL F 263 5.98 -33.21 0.77
N ALA F 264 6.80 -32.67 -0.14
CA ALA F 264 7.87 -33.46 -0.73
C ALA F 264 8.85 -33.95 0.33
N ALA F 265 9.03 -33.19 1.41
CA ALA F 265 9.90 -33.61 2.48
C ALA F 265 9.25 -34.64 3.40
N THR F 266 7.93 -34.77 3.34
CA THR F 266 7.22 -35.70 4.21
C THR F 266 6.44 -36.78 3.47
N LYS F 267 6.13 -36.58 2.19
CA LYS F 267 5.34 -37.53 1.42
C LYS F 267 4.00 -37.82 2.10
N SER F 268 3.41 -36.80 2.70
CA SER F 268 2.16 -36.92 3.43
C SER F 268 1.18 -35.85 2.98
N PRO F 269 -0.12 -36.16 2.97
CA PRO F 269 -1.11 -35.19 2.51
C PRO F 269 -1.40 -34.14 3.59
N ILE F 270 -2.35 -33.27 3.27
CA ILE F 270 -2.79 -32.20 4.17
C ILE F 270 -4.21 -32.52 4.61
N ILE F 271 -4.47 -32.41 5.91
CA ILE F 271 -5.77 -32.73 6.46
C ILE F 271 -6.61 -31.49 6.76
N PHE F 272 -6.00 -30.38 7.16
CA PHE F 272 -6.75 -29.19 7.53
C PHE F 272 -5.94 -27.95 7.18
N ILE F 273 -6.65 -26.82 7.12
CA ILE F 273 -6.03 -25.53 6.87
C ILE F 273 -6.52 -24.54 7.93
N GLY F 274 -5.70 -23.52 8.17
CA GLY F 274 -6.06 -22.47 9.10
C GLY F 274 -6.28 -21.14 8.42
N THR F 275 -7.52 -20.67 8.42
CA THR F 275 -7.91 -19.48 7.68
C THR F 275 -8.51 -18.41 8.60
N GLY F 276 -7.88 -18.19 9.75
CA GLY F 276 -8.35 -17.16 10.64
C GLY F 276 -7.82 -17.24 12.06
N GLU F 277 -7.91 -16.13 12.80
CA GLU F 277 -7.44 -16.09 14.17
C GLU F 277 -8.40 -16.76 15.14
N HIS F 278 -9.70 -16.62 14.94
CA HIS F 278 -10.68 -17.21 15.85
C HIS F 278 -10.67 -18.73 15.75
N ILE F 279 -11.04 -19.38 16.85
CA ILE F 279 -10.99 -20.83 16.93
C ILE F 279 -11.96 -21.49 15.96
N ASP F 280 -13.01 -20.79 15.54
CA ASP F 280 -13.99 -21.36 14.62
C ASP F 280 -13.48 -21.44 13.19
N ASP F 281 -12.47 -20.64 12.83
CA ASP F 281 -11.90 -20.66 11.49
C ASP F 281 -10.97 -21.86 11.37
N PHE F 282 -11.53 -22.98 10.95
CA PHE F 282 -10.78 -24.22 10.83
C PHE F 282 -11.53 -25.14 9.87
N GLU F 283 -10.97 -25.39 8.70
CA GLU F 283 -11.66 -26.13 7.66
C GLU F 283 -10.79 -27.26 7.15
N PRO F 284 -11.41 -28.35 6.69
CA PRO F 284 -10.63 -29.43 6.07
C PRO F 284 -10.01 -28.99 4.77
N PHE F 285 -8.85 -29.56 4.46
CA PHE F 285 -8.13 -29.19 3.25
C PHE F 285 -8.86 -29.70 2.01
N LYS F 286 -8.91 -28.85 0.99
CA LYS F 286 -9.41 -29.22 -0.32
C LYS F 286 -8.43 -28.74 -1.38
N THR F 287 -8.16 -29.61 -2.36
CA THR F 287 -7.10 -29.32 -3.33
C THR F 287 -7.52 -28.25 -4.32
N GLN F 288 -8.78 -28.28 -4.77
CA GLN F 288 -9.21 -27.35 -5.81
C GLN F 288 -9.09 -25.90 -5.40
N PRO F 289 -9.63 -25.44 -4.26
CA PRO F 289 -9.44 -24.03 -3.90
C PRO F 289 -7.97 -23.66 -3.68
N PHE F 290 -7.17 -24.58 -3.12
CA PHE F 290 -5.77 -24.27 -2.88
C PHE F 290 -5.02 -24.03 -4.19
N ILE F 291 -5.20 -24.93 -5.15
CA ILE F 291 -4.53 -24.76 -6.44
C ILE F 291 -5.08 -23.56 -7.19
N SER F 292 -6.39 -23.29 -7.05
CA SER F 292 -6.96 -22.11 -7.69
C SER F 292 -6.33 -20.83 -7.14
N LYS F 293 -6.17 -20.75 -5.81
CA LYS F 293 -5.51 -19.60 -5.22
C LYS F 293 -4.06 -19.50 -5.65
N LEU F 294 -3.35 -20.63 -5.73
CA LEU F 294 -1.96 -20.61 -6.15
C LEU F 294 -1.82 -20.10 -7.58
N LEU F 295 -2.66 -20.57 -8.49
CA LEU F 295 -2.61 -20.10 -9.86
C LEU F 295 -3.02 -18.63 -9.97
N GLY F 296 -4.03 -18.23 -9.21
CA GLY F 296 -4.52 -16.87 -9.23
C GLY F 296 -5.82 -16.67 -9.99
N MET F 297 -6.20 -17.62 -10.84
CA MET F 297 -7.47 -17.54 -11.56
C MET F 297 -8.39 -18.72 -11.30
N GLY F 298 -7.85 -19.94 -11.23
CA GLY F 298 -8.67 -21.11 -10.93
C GLY F 298 -9.76 -21.38 -11.94
N ASP F 299 -9.46 -21.23 -13.22
CA ASP F 299 -10.44 -21.46 -14.29
C ASP F 299 -10.22 -22.86 -14.83
N ILE F 300 -10.98 -23.83 -14.31
CA ILE F 300 -10.86 -25.23 -14.69
C ILE F 300 -12.24 -25.74 -15.08
N GLU F 301 -12.34 -26.39 -16.24
CA GLU F 301 -13.57 -27.01 -16.71
C GLU F 301 -13.41 -28.52 -16.72
N GLY F 302 -14.36 -29.22 -16.11
CA GLY F 302 -14.33 -30.66 -16.03
C GLY F 302 -15.49 -31.26 -16.82
N LEU F 303 -15.17 -32.29 -17.60
CA LEU F 303 -16.16 -32.98 -18.41
C LEU F 303 -16.11 -34.49 -18.19
N GLU F 316 -20.11 -57.71 -21.63
CA GLU F 316 -21.20 -58.30 -20.89
C GLU F 316 -22.42 -57.38 -20.87
N ALA F 317 -22.26 -56.19 -21.43
CA ALA F 317 -23.36 -55.24 -21.49
C ALA F 317 -24.47 -55.73 -22.41
N LEU F 318 -24.10 -56.42 -23.49
CA LEU F 318 -25.11 -56.92 -24.43
C LEU F 318 -26.04 -57.92 -23.76
N ILE F 319 -25.49 -58.81 -22.93
CA ILE F 319 -26.32 -59.76 -22.20
C ILE F 319 -27.26 -59.05 -21.26
N GLU F 320 -26.76 -58.00 -20.58
CA GLU F 320 -27.60 -57.24 -19.66
C GLU F 320 -28.75 -56.56 -20.40
N LYS F 321 -28.46 -55.98 -21.57
CA LYS F 321 -29.52 -55.32 -22.34
C LYS F 321 -30.53 -56.35 -22.86
N LEU F 322 -30.05 -57.52 -23.29
CA LEU F 322 -30.97 -58.57 -23.74
C LEU F 322 -31.86 -59.03 -22.61
N LYS F 323 -31.30 -59.21 -21.40
CA LYS F 323 -32.10 -59.62 -20.26
C LYS F 323 -33.12 -58.54 -19.90
N HIS F 324 -32.72 -57.27 -19.92
CA HIS F 324 -33.64 -56.19 -19.63
C HIS F 324 -34.70 -56.03 -20.71
N GLY F 325 -34.43 -56.50 -21.92
CA GLY F 325 -35.37 -56.35 -23.02
C GLY F 325 -35.35 -55.00 -23.69
N GLN F 326 -34.41 -54.13 -23.33
CA GLN F 326 -34.33 -52.80 -23.92
C GLN F 326 -33.62 -52.89 -25.27
N PHE F 327 -34.28 -52.40 -26.31
CA PHE F 327 -33.74 -52.44 -27.67
C PHE F 327 -33.74 -51.04 -28.25
N THR F 328 -32.62 -50.64 -28.84
CA THR F 328 -32.46 -49.33 -29.44
C THR F 328 -32.00 -49.48 -30.88
N LEU F 329 -31.95 -48.34 -31.59
CA LEU F 329 -31.50 -48.37 -32.97
C LEU F 329 -30.02 -48.73 -33.08
N ARG F 330 -29.25 -48.49 -32.02
CA ARG F 330 -27.84 -48.88 -32.03
C ARG F 330 -27.69 -50.39 -32.19
N ASP F 331 -28.53 -51.15 -31.47
CA ASP F 331 -28.47 -52.61 -31.58
C ASP F 331 -28.83 -53.06 -32.97
N MET F 332 -29.85 -52.45 -33.58
CA MET F 332 -30.24 -52.80 -34.94
C MET F 332 -29.11 -52.50 -35.92
N TYR F 333 -28.47 -51.33 -35.77
CA TYR F 333 -27.36 -50.98 -36.64
C TYR F 333 -26.20 -51.97 -36.49
N GLU F 334 -25.87 -52.34 -35.25
CA GLU F 334 -24.79 -53.30 -35.04
C GLU F 334 -25.14 -54.66 -35.63
N GLN F 335 -26.39 -55.09 -35.48
CA GLN F 335 -26.81 -56.36 -36.06
C GLN F 335 -26.69 -56.34 -37.57
N PHE F 336 -27.12 -55.25 -38.20
CA PHE F 336 -27.01 -55.15 -39.66
C PHE F 336 -25.57 -55.08 -40.11
N GLN F 337 -24.71 -54.41 -39.34
CA GLN F 337 -23.28 -54.37 -39.66
C GLN F 337 -22.68 -55.78 -39.60
N ASN F 338 -23.03 -56.54 -38.57
CA ASN F 338 -22.54 -57.91 -38.48
C ASN F 338 -23.07 -58.76 -39.62
N ILE F 339 -24.33 -58.57 -40.00
CA ILE F 339 -24.92 -59.34 -41.09
C ILE F 339 -24.19 -59.06 -42.40
N MET F 340 -23.96 -57.78 -42.70
CA MET F 340 -23.26 -57.45 -43.94
C MET F 340 -21.80 -57.88 -43.89
N LYS F 341 -21.19 -57.89 -42.70
CA LYS F 341 -19.84 -58.42 -42.57
C LYS F 341 -19.80 -59.92 -42.86
N MET F 342 -20.82 -60.65 -42.41
CA MET F 342 -20.86 -62.09 -42.65
C MET F 342 -20.93 -62.40 -44.14
N GLY F 343 -21.75 -61.67 -44.88
CA GLY F 343 -21.87 -61.87 -46.30
C GLY F 343 -23.14 -62.62 -46.68
N PRO F 344 -23.04 -63.48 -47.68
CA PRO F 344 -24.22 -64.21 -48.16
C PRO F 344 -24.76 -65.16 -47.10
N PHE F 345 -26.08 -65.22 -46.99
CA PHE F 345 -26.73 -66.15 -46.07
C PHE F 345 -26.73 -67.58 -46.59
N SER F 346 -26.54 -67.77 -47.90
CA SER F 346 -26.48 -69.12 -48.45
C SER F 346 -25.28 -69.89 -47.90
N GLN F 347 -24.22 -69.18 -47.51
CA GLN F 347 -23.09 -69.84 -46.87
C GLN F 347 -23.50 -70.48 -45.55
N ILE F 348 -24.30 -69.76 -44.76
CA ILE F 348 -24.82 -70.32 -43.52
C ILE F 348 -25.80 -71.45 -43.82
N LEU F 349 -26.71 -71.23 -44.77
CA LEU F 349 -27.71 -72.24 -45.10
C LEU F 349 -27.07 -73.46 -45.75
N GLY F 350 -26.09 -73.24 -46.62
CA GLY F 350 -25.43 -74.34 -47.31
C GLY F 350 -24.58 -75.22 -46.40
N ASN F 364 -31.90 -62.09 -56.56
CA ASN F 364 -32.67 -62.02 -55.32
C ASN F 364 -31.79 -61.58 -54.16
N GLU F 365 -30.62 -62.22 -54.04
CA GLU F 365 -29.69 -61.87 -52.97
C GLU F 365 -29.14 -60.46 -53.17
N GLN F 366 -28.91 -60.07 -54.42
CA GLN F 366 -28.39 -58.72 -54.69
C GLN F 366 -29.39 -57.66 -54.26
N GLU F 367 -30.69 -57.89 -54.51
CA GLU F 367 -31.71 -56.96 -54.05
C GLU F 367 -31.73 -56.88 -52.54
N SER F 368 -31.55 -58.03 -51.86
CA SER F 368 -31.49 -58.02 -50.40
C SER F 368 -30.31 -57.20 -49.90
N MET F 369 -29.15 -57.35 -50.55
CA MET F 369 -27.98 -56.58 -50.16
C MET F 369 -28.20 -55.09 -50.40
N ALA F 370 -28.86 -54.73 -51.50
CA ALA F 370 -29.16 -53.33 -51.77
C ALA F 370 -30.10 -52.77 -50.72
N ARG F 371 -31.12 -53.54 -50.34
CA ARG F 371 -32.03 -53.08 -49.29
C ARG F 371 -31.29 -52.91 -47.98
N LEU F 372 -30.41 -53.86 -47.65
CA LEU F 372 -29.64 -53.76 -46.41
C LEU F 372 -28.77 -52.51 -46.39
N LYS F 373 -28.07 -52.24 -47.50
CA LYS F 373 -27.18 -51.09 -47.52
C LYS F 373 -27.97 -49.78 -47.49
N LYS F 374 -29.11 -49.72 -48.18
CA LYS F 374 -29.90 -48.50 -48.12
C LYS F 374 -30.49 -48.28 -46.73
N LEU F 375 -30.87 -49.37 -46.05
CA LEU F 375 -31.34 -49.25 -44.67
C LEU F 375 -30.23 -48.76 -43.76
N MET F 376 -29.01 -49.27 -43.95
CA MET F 376 -27.88 -48.79 -43.14
C MET F 376 -27.61 -47.31 -43.39
N THR F 377 -27.67 -46.88 -44.65
CA THR F 377 -27.45 -45.46 -44.95
C THR F 377 -28.54 -44.60 -44.30
N ILE F 378 -29.80 -45.02 -44.41
CA ILE F 378 -30.87 -44.19 -43.86
C ILE F 378 -30.83 -44.18 -42.33
N MET F 379 -30.36 -45.27 -41.71
CA MET F 379 -30.22 -45.27 -40.26
C MET F 379 -28.98 -44.51 -39.79
N ASP F 380 -27.99 -44.34 -40.67
CA ASP F 380 -26.87 -43.47 -40.34
C ASP F 380 -27.13 -42.01 -40.68
N SER F 381 -28.19 -41.73 -41.43
CA SER F 381 -28.51 -40.35 -41.78
C SER F 381 -28.86 -39.52 -40.55
N MET F 382 -29.66 -40.08 -39.64
CA MET F 382 -30.14 -39.32 -38.49
C MET F 382 -29.06 -39.25 -37.41
N ASN F 383 -29.37 -38.51 -36.35
CA ASN F 383 -28.44 -38.25 -35.26
C ASN F 383 -28.44 -39.40 -34.25
N ASP F 384 -27.42 -39.39 -33.38
CA ASP F 384 -27.28 -40.43 -32.37
C ASP F 384 -28.30 -40.30 -31.26
N GLN F 385 -28.91 -39.11 -31.08
CA GLN F 385 -29.90 -38.94 -30.03
C GLN F 385 -31.12 -39.83 -30.28
N GLU F 386 -31.55 -39.93 -31.54
CA GLU F 386 -32.63 -40.87 -31.88
C GLU F 386 -32.14 -42.31 -31.90
N LEU F 387 -30.88 -42.53 -32.25
CA LEU F 387 -30.37 -43.89 -32.34
C LEU F 387 -30.30 -44.55 -30.97
N ASP F 388 -29.79 -43.83 -29.96
CA ASP F 388 -29.65 -44.39 -28.63
C ASP F 388 -30.92 -44.31 -27.80
N SER F 389 -31.95 -43.62 -28.30
CA SER F 389 -33.20 -43.52 -27.57
C SER F 389 -33.86 -44.90 -27.47
N THR F 390 -34.46 -45.16 -26.31
CA THR F 390 -35.10 -46.46 -26.09
C THR F 390 -36.29 -46.65 -27.03
N ASP F 391 -37.14 -45.63 -27.14
CA ASP F 391 -38.34 -45.69 -27.97
C ASP F 391 -38.17 -44.70 -29.12
N GLY F 392 -37.54 -45.16 -30.21
CA GLY F 392 -37.43 -44.32 -31.38
C GLY F 392 -38.75 -44.04 -32.07
N ALA F 393 -39.67 -45.01 -32.02
CA ALA F 393 -40.95 -44.83 -32.70
C ALA F 393 -41.73 -43.66 -32.11
N LYS F 394 -41.74 -43.53 -30.78
CA LYS F 394 -42.47 -42.43 -30.15
C LYS F 394 -41.86 -41.07 -30.50
N VAL F 395 -40.53 -40.96 -30.43
CA VAL F 395 -39.90 -39.67 -30.71
C VAL F 395 -40.02 -39.33 -32.19
N PHE F 396 -40.13 -40.32 -33.07
CA PHE F 396 -40.40 -40.02 -34.47
C PHE F 396 -41.84 -39.58 -34.66
N SER F 397 -42.79 -40.29 -34.04
CA SER F 397 -44.21 -39.98 -34.25
C SER F 397 -44.56 -38.60 -33.71
N LYS F 398 -43.96 -38.21 -32.59
CA LYS F 398 -44.29 -36.91 -31.99
C LYS F 398 -43.87 -35.76 -32.90
N GLN F 399 -42.74 -35.89 -33.59
CA GLN F 399 -42.21 -34.82 -34.44
C GLN F 399 -42.03 -35.31 -35.87
N PRO F 400 -42.96 -34.99 -36.77
CA PRO F 400 -42.72 -35.32 -38.19
C PRO F 400 -41.55 -34.59 -38.81
N GLY F 401 -41.12 -33.47 -38.21
CA GLY F 401 -39.95 -32.77 -38.71
C GLY F 401 -38.70 -33.62 -38.66
N ARG F 402 -38.62 -34.53 -37.70
CA ARG F 402 -37.51 -35.49 -37.68
C ARG F 402 -37.54 -36.38 -38.91
N ILE F 403 -38.73 -36.84 -39.30
CA ILE F 403 -38.85 -37.62 -40.52
C ILE F 403 -38.45 -36.78 -41.73
N GLN F 404 -38.85 -35.50 -41.75
CA GLN F 404 -38.46 -34.63 -42.85
C GLN F 404 -36.95 -34.47 -42.93
N ARG F 405 -36.29 -34.29 -41.78
CA ARG F 405 -34.84 -34.17 -41.77
C ARG F 405 -34.17 -35.46 -42.26
N VAL F 406 -34.69 -36.62 -41.82
CA VAL F 406 -34.13 -37.88 -42.26
C VAL F 406 -34.28 -38.04 -43.77
N ALA F 407 -35.45 -37.68 -44.30
CA ALA F 407 -35.64 -37.74 -45.75
C ALA F 407 -34.71 -36.77 -46.47
N ARG F 408 -34.44 -35.61 -45.87
CA ARG F 408 -33.50 -34.67 -46.46
C ARG F 408 -32.10 -35.26 -46.53
N GLY F 409 -31.65 -35.90 -45.44
CA GLY F 409 -30.29 -36.40 -45.38
C GLY F 409 -30.02 -37.62 -46.22
N SER F 410 -31.07 -38.33 -46.62
CA SER F 410 -30.95 -39.54 -47.43
C SER F 410 -31.81 -39.42 -48.67
N GLY F 411 -32.02 -40.53 -49.37
CA GLY F 411 -33.00 -40.56 -50.45
C GLY F 411 -34.37 -40.13 -49.99
N VAL F 412 -35.30 -40.07 -50.96
CA VAL F 412 -36.64 -39.57 -50.67
C VAL F 412 -37.27 -40.35 -49.51
N SER F 413 -37.37 -41.67 -49.65
CA SER F 413 -37.84 -42.56 -48.59
C SER F 413 -39.16 -42.09 -48.00
N THR F 414 -40.05 -41.62 -48.88
CA THR F 414 -41.36 -41.16 -48.42
C THR F 414 -42.16 -42.28 -47.77
N ARG F 415 -41.91 -43.52 -48.19
CA ARG F 415 -42.52 -44.69 -47.58
C ARG F 415 -41.52 -45.57 -46.84
N ASP F 416 -40.23 -45.44 -47.15
CA ASP F 416 -39.23 -46.29 -46.52
C ASP F 416 -39.05 -45.97 -45.04
N VAL F 417 -39.24 -44.71 -44.65
CA VAL F 417 -39.03 -44.33 -43.25
C VAL F 417 -40.05 -45.02 -42.35
N GLN F 418 -41.33 -44.97 -42.72
CA GLN F 418 -42.35 -45.63 -41.91
C GLN F 418 -42.21 -47.14 -41.97
N GLU F 419 -41.75 -47.69 -43.09
CA GLU F 419 -41.47 -49.13 -43.16
C GLU F 419 -40.38 -49.52 -42.17
N LEU F 420 -39.31 -48.73 -42.11
CA LEU F 420 -38.24 -49.00 -41.16
C LEU F 420 -38.73 -48.85 -39.72
N LEU F 421 -39.59 -47.85 -39.47
CA LEU F 421 -40.16 -47.70 -38.14
C LEU F 421 -41.00 -48.91 -37.75
N THR F 422 -41.82 -49.41 -38.67
CA THR F 422 -42.64 -50.58 -38.38
C THR F 422 -41.76 -51.79 -38.12
N GLN F 423 -40.70 -51.97 -38.91
CA GLN F 423 -39.80 -53.10 -38.69
C GLN F 423 -39.12 -52.98 -37.34
N TYR F 424 -38.71 -51.78 -36.96
CA TYR F 424 -38.10 -51.57 -35.65
C TYR F 424 -39.07 -51.89 -34.53
N THR F 425 -40.34 -51.49 -34.69
CA THR F 425 -41.35 -51.81 -33.68
C THR F 425 -41.55 -53.31 -33.56
N LYS F 426 -41.61 -54.01 -34.70
CA LYS F 426 -41.75 -55.46 -34.65
C LYS F 426 -40.56 -56.11 -33.96
N PHE F 427 -39.35 -55.64 -34.27
CA PHE F 427 -38.16 -56.18 -33.61
C PHE F 427 -38.18 -55.89 -32.12
N ALA F 428 -38.62 -54.71 -31.72
CA ALA F 428 -38.72 -54.39 -30.29
C ALA F 428 -39.74 -55.27 -29.60
N GLN F 429 -40.87 -55.55 -30.27
CA GLN F 429 -41.85 -56.47 -29.70
C GLN F 429 -41.27 -57.86 -29.53
N MET F 430 -40.52 -58.33 -30.53
CA MET F 430 -39.86 -59.63 -30.40
C MET F 430 -38.85 -59.63 -29.26
N VAL F 431 -38.10 -58.54 -29.11
CA VAL F 431 -37.10 -58.45 -28.05
C VAL F 431 -37.77 -58.49 -26.68
N LYS F 432 -38.86 -57.76 -26.50
CA LYS F 432 -39.53 -57.77 -25.20
C LYS F 432 -40.19 -59.12 -24.94
N LYS F 433 -40.72 -59.78 -25.97
CA LYS F 433 -41.25 -61.12 -25.79
C LYS F 433 -40.17 -62.10 -25.36
N MET F 434 -38.99 -62.02 -25.98
CA MET F 434 -37.88 -62.88 -25.57
C MET F 434 -37.42 -62.58 -24.16
N GLY F 435 -37.34 -61.29 -23.80
CA GLY F 435 -36.94 -60.92 -22.46
C GLY F 435 -37.92 -61.36 -21.40
N GLY F 436 -39.21 -61.36 -21.72
CA GLY F 436 -40.20 -61.84 -20.75
C GLY F 436 -40.00 -63.30 -20.39
N ILE F 437 -39.69 -64.13 -21.39
CA ILE F 437 -39.45 -65.55 -21.15
C ILE F 437 -37.99 -65.79 -20.80
N LEU G 2 11.02 21.13 -22.29
CA LEU G 2 12.06 20.89 -21.31
C LEU G 2 12.31 22.13 -20.47
N ASP G 3 11.84 22.12 -19.23
CA ASP G 3 12.01 23.24 -18.32
C ASP G 3 13.24 23.09 -17.42
N PHE G 4 13.97 21.98 -17.53
CA PHE G 4 15.17 21.78 -16.72
C PHE G 4 16.03 20.73 -17.39
N PHE G 5 17.35 20.94 -17.37
CA PHE G 5 18.28 19.99 -17.97
C PHE G 5 19.66 20.20 -17.37
N THR G 6 20.37 19.10 -17.14
CA THR G 6 21.69 19.17 -16.52
C THR G 6 22.52 17.97 -16.94
N ILE G 7 23.81 18.20 -17.14
CA ILE G 7 24.79 17.16 -17.42
C ILE G 7 25.92 17.32 -16.42
N PHE G 8 26.22 16.25 -15.69
CA PHE G 8 27.30 16.29 -14.71
C PHE G 8 27.89 14.90 -14.53
N SER G 9 29.13 14.87 -14.03
CA SER G 9 29.85 13.61 -13.84
C SER G 9 29.42 12.93 -12.55
N LYS G 10 29.90 11.70 -12.37
CA LYS G 10 29.59 10.93 -11.18
C LYS G 10 30.26 11.48 -9.93
N GLY G 11 31.20 12.41 -10.08
CA GLY G 11 31.87 13.02 -8.94
C GLY G 11 31.12 14.13 -8.27
N GLY G 12 29.87 14.36 -8.65
CA GLY G 12 29.08 15.42 -8.03
C GLY G 12 29.43 16.81 -8.47
N LEU G 13 30.10 16.96 -9.62
CA LEU G 13 30.48 18.26 -10.15
C LEU G 13 29.63 18.57 -11.36
N VAL G 14 28.89 19.68 -11.31
CA VAL G 14 28.01 20.06 -12.40
C VAL G 14 28.86 20.50 -13.59
N LEU G 15 28.60 19.90 -14.75
CA LEU G 15 29.34 20.25 -15.95
C LEU G 15 28.62 21.32 -16.77
N TRP G 16 27.34 21.13 -17.05
CA TRP G 16 26.63 22.09 -17.88
C TRP G 16 25.13 22.01 -17.63
N CYS G 17 24.51 23.16 -17.38
CA CYS G 17 23.06 23.22 -17.19
C CYS G 17 22.59 24.60 -17.61
N PHE G 18 21.29 24.69 -17.93
CA PHE G 18 20.72 25.95 -18.39
C PHE G 18 19.34 26.19 -17.77
N GLN G 19 19.12 25.72 -16.54
CA GLN G 19 17.80 25.86 -15.92
C GLN G 19 17.41 27.32 -15.79
N GLY G 20 18.35 28.17 -15.38
CA GLY G 20 18.09 29.60 -15.28
C GLY G 20 17.03 29.92 -14.25
N VAL G 21 16.23 30.94 -14.58
CA VAL G 21 15.15 31.36 -13.68
C VAL G 21 13.94 30.44 -13.76
N SER G 22 13.84 29.64 -14.83
CA SER G 22 12.69 28.75 -14.98
C SER G 22 12.60 27.75 -13.84
N ASP G 23 13.73 27.13 -13.48
CA ASP G 23 13.78 26.19 -12.37
C ASP G 23 15.12 26.33 -11.67
N SER G 24 15.16 25.93 -10.40
CA SER G 24 16.37 25.95 -9.60
C SER G 24 16.70 24.52 -9.18
N CYS G 25 17.97 24.14 -9.33
CA CYS G 25 18.43 22.81 -8.94
C CYS G 25 18.79 22.76 -7.47
N THR G 26 17.85 23.18 -6.61
CA THR G 26 18.04 23.12 -5.17
C THR G 26 18.17 21.67 -4.72
N GLY G 27 17.13 20.87 -4.92
CA GLY G 27 17.20 19.45 -4.69
C GLY G 27 16.35 18.55 -5.57
N PRO G 28 16.20 18.86 -6.88
CA PRO G 28 15.47 17.91 -7.74
C PRO G 28 16.38 16.78 -8.20
N VAL G 29 17.67 17.08 -8.32
CA VAL G 29 18.64 16.05 -8.70
C VAL G 29 19.17 15.32 -7.47
N ASN G 30 19.18 15.97 -6.31
CA ASN G 30 19.57 15.27 -5.08
C ASN G 30 18.60 14.15 -4.76
N ALA G 31 17.30 14.36 -4.98
CA ALA G 31 16.32 13.30 -4.78
C ALA G 31 16.57 12.15 -5.74
N LEU G 32 16.91 12.45 -7.00
CA LEU G 32 17.22 11.40 -7.96
C LEU G 32 18.46 10.62 -7.55
N ILE G 33 19.46 11.32 -7.00
CA ILE G 33 20.66 10.65 -6.51
C ILE G 33 20.31 9.73 -5.35
N ARG G 34 19.45 10.19 -4.45
CA ARG G 34 19.01 9.34 -3.35
C ARG G 34 18.29 8.10 -3.87
N SER G 35 17.45 8.28 -4.90
CA SER G 35 16.74 7.14 -5.46
C SER G 35 17.70 6.15 -6.13
N VAL G 36 18.68 6.66 -6.87
CA VAL G 36 19.59 5.77 -7.61
C VAL G 36 20.57 5.10 -6.66
N LEU G 37 20.83 5.70 -5.49
CA LEU G 37 21.72 5.06 -4.52
C LEU G 37 20.95 4.06 -3.66
N LEU G 38 19.85 4.49 -3.06
CA LEU G 38 19.02 3.64 -2.21
C LEU G 38 17.64 3.53 -2.82
N GLN G 39 17.08 2.32 -2.79
CA GLN G 39 15.82 2.01 -3.48
C GLN G 39 15.93 2.35 -4.96
N GLU G 40 16.79 1.60 -5.65
CA GLU G 40 17.12 1.87 -7.03
C GLU G 40 15.87 1.86 -7.91
N ARG G 41 15.80 2.83 -8.82
CA ARG G 41 14.58 3.05 -9.60
C ARG G 41 14.40 1.95 -10.63
N GLY G 42 13.29 1.23 -10.54
CA GLY G 42 12.85 0.28 -11.53
C GLY G 42 11.80 0.81 -12.49
N GLY G 43 11.61 2.12 -12.55
CA GLY G 43 10.57 2.70 -13.38
C GLY G 43 11.01 2.94 -14.80
N ASN G 44 12.12 2.32 -15.19
CA ASN G 44 12.67 2.42 -16.54
C ASN G 44 12.98 3.87 -16.91
N ASN G 45 13.94 4.44 -16.18
CA ASN G 45 14.44 5.78 -16.43
C ASN G 45 13.36 6.84 -16.31
N SER G 46 12.49 6.71 -15.30
CA SER G 46 11.47 7.72 -15.01
C SER G 46 11.37 7.88 -13.51
N PHE G 47 11.35 9.13 -13.04
CA PHE G 47 11.20 9.45 -11.63
C PHE G 47 10.08 10.47 -11.47
N THR G 48 9.31 10.35 -10.40
CA THR G 48 8.17 11.23 -10.15
C THR G 48 8.43 12.02 -8.88
N HIS G 49 9.12 13.15 -9.03
CA HIS G 49 9.24 14.10 -7.95
C HIS G 49 7.93 14.89 -7.82
N GLU G 50 7.60 15.27 -6.57
CA GLU G 50 6.29 15.85 -6.32
C GLU G 50 6.10 17.16 -7.07
N ALA G 51 7.17 17.92 -7.31
CA ALA G 51 7.04 19.15 -8.07
C ALA G 51 6.86 18.86 -9.56
N LEU G 52 7.65 17.94 -10.10
CA LEU G 52 7.63 17.66 -11.53
C LEU G 52 8.33 16.34 -11.79
N THR G 53 8.03 15.74 -12.94
CA THR G 53 8.66 14.48 -13.32
C THR G 53 10.10 14.72 -13.75
N LEU G 54 10.86 13.63 -13.82
CA LEU G 54 12.28 13.68 -14.12
C LEU G 54 12.69 12.44 -14.90
N LYS G 55 13.69 12.58 -15.76
CA LYS G 55 14.22 11.46 -16.53
C LYS G 55 15.73 11.51 -16.48
N TYR G 56 16.36 10.33 -16.38
CA TYR G 56 17.81 10.27 -16.25
C TYR G 56 18.38 9.26 -17.25
N LYS G 57 19.64 9.49 -17.61
CA LYS G 57 20.37 8.58 -18.48
C LYS G 57 21.79 8.47 -17.96
N LEU G 58 22.31 7.25 -17.88
CA LEU G 58 23.61 6.96 -17.32
C LEU G 58 24.59 6.56 -18.41
N ASP G 59 25.85 6.98 -18.26
CA ASP G 59 26.93 6.58 -19.16
C ASP G 59 28.11 6.17 -18.30
N ASN G 60 28.25 4.85 -18.08
CA ASN G 60 29.34 4.33 -17.27
C ASN G 60 30.69 4.37 -17.98
N GLN G 61 30.69 4.60 -19.30
CA GLN G 61 31.96 4.68 -20.03
C GLN G 61 32.80 5.85 -19.55
N PHE G 62 32.17 7.00 -19.30
CA PHE G 62 32.85 8.18 -18.80
C PHE G 62 32.24 8.68 -17.50
N GLU G 63 31.56 7.80 -16.78
CA GLU G 63 30.86 8.10 -15.52
C GLU G 63 30.16 9.46 -15.57
N LEU G 64 29.25 9.60 -16.52
CA LEU G 64 28.47 10.81 -16.70
C LEU G 64 26.98 10.49 -16.55
N VAL G 65 26.19 11.51 -16.19
CA VAL G 65 24.75 11.36 -16.15
C VAL G 65 24.11 12.56 -16.83
N PHE G 66 22.92 12.34 -17.38
CA PHE G 66 22.16 13.38 -18.07
C PHE G 66 20.75 13.36 -17.51
N VAL G 67 20.33 14.47 -16.90
CA VAL G 67 19.02 14.55 -16.26
C VAL G 67 18.20 15.64 -16.95
N VAL G 68 16.94 15.33 -17.22
CA VAL G 68 16.01 16.26 -17.83
C VAL G 68 14.75 16.31 -16.98
N GLY G 69 14.40 17.50 -16.51
CA GLY G 69 13.22 17.71 -15.70
C GLY G 69 12.15 18.47 -16.47
N PHE G 70 10.97 17.86 -16.53
CA PHE G 70 9.82 18.44 -17.20
C PHE G 70 8.66 18.46 -16.22
N GLN G 71 7.71 19.37 -16.48
CA GLN G 71 6.58 19.53 -15.57
C GLN G 71 5.73 18.26 -15.53
N LYS G 72 4.87 18.19 -14.52
CA LYS G 72 4.00 17.03 -14.36
C LYS G 72 3.06 16.84 -15.54
N ILE G 73 2.82 17.89 -16.33
CA ILE G 73 2.01 17.74 -17.53
C ILE G 73 2.72 16.80 -18.49
N LEU G 74 1.97 15.86 -19.06
CA LEU G 74 2.55 14.86 -19.94
C LEU G 74 3.13 15.51 -21.19
N THR G 75 4.34 15.10 -21.54
CA THR G 75 5.02 15.57 -22.73
C THR G 75 4.88 14.53 -23.84
N LEU G 76 5.55 14.78 -24.97
CA LEU G 76 5.50 13.86 -26.10
C LEU G 76 6.59 12.81 -25.96
N THR G 77 6.70 11.96 -26.97
CA THR G 77 7.65 10.85 -26.96
C THR G 77 9.02 11.23 -27.52
N TYR G 78 9.23 12.51 -27.87
CA TYR G 78 10.51 12.91 -28.41
C TYR G 78 11.61 12.98 -27.37
N VAL G 79 11.27 13.25 -26.10
CA VAL G 79 12.27 13.59 -25.10
C VAL G 79 13.32 12.49 -24.97
N ASP G 80 12.87 11.24 -24.85
CA ASP G 80 13.83 10.14 -24.75
C ASP G 80 14.76 10.10 -25.95
N LYS G 81 14.19 10.23 -27.16
CA LYS G 81 15.03 10.32 -28.34
C LYS G 81 16.09 11.41 -28.18
N LEU G 82 15.65 12.59 -27.72
CA LEU G 82 16.60 13.66 -27.45
C LEU G 82 17.70 13.18 -26.52
N ILE G 83 17.33 12.59 -25.38
CA ILE G 83 18.32 12.23 -24.38
C ILE G 83 19.32 11.23 -24.95
N ASP G 84 18.95 10.56 -26.04
CA ASP G 84 19.92 9.72 -26.74
C ASP G 84 20.85 10.57 -27.59
N ASP G 85 20.30 11.30 -28.55
CA ASP G 85 21.12 11.87 -29.61
C ASP G 85 22.15 12.85 -29.06
N VAL G 86 21.70 13.83 -28.27
CA VAL G 86 22.63 14.79 -27.71
C VAL G 86 23.71 14.08 -26.91
N HIS G 87 23.34 13.01 -26.21
CA HIS G 87 24.32 12.20 -25.51
C HIS G 87 25.47 11.84 -26.44
N ARG G 88 25.16 11.13 -27.53
CA ARG G 88 26.20 10.79 -28.49
C ARG G 88 26.93 12.05 -28.95
N LEU G 89 26.17 13.10 -29.29
CA LEU G 89 26.78 14.34 -29.73
C LEU G 89 27.75 14.86 -28.68
N PHE G 90 27.34 14.88 -27.42
CA PHE G 90 28.26 15.32 -26.38
C PHE G 90 29.46 14.38 -26.32
N ARG G 91 29.22 13.08 -26.37
CA ARG G 91 30.33 12.12 -26.39
C ARG G 91 31.20 12.32 -27.61
N ASP G 92 30.62 12.81 -28.70
CA ASP G 92 31.42 13.10 -29.88
C ASP G 92 32.20 14.39 -29.72
N LYS G 93 31.64 15.37 -28.99
CA LYS G 93 32.25 16.69 -28.97
C LYS G 93 33.45 16.75 -28.03
N TYR G 94 33.43 16.01 -26.93
CA TYR G 94 34.46 16.14 -25.90
C TYR G 94 35.10 14.81 -25.56
N ARG G 95 35.54 14.07 -26.57
CA ARG G 95 36.18 12.78 -26.33
C ARG G 95 37.42 12.92 -25.45
N THR G 96 38.25 13.94 -25.74
CA THR G 96 39.54 14.06 -25.07
C THR G 96 39.39 14.30 -23.57
N GLU G 97 38.47 15.18 -23.18
CA GLU G 97 38.37 15.57 -21.78
C GLU G 97 37.81 14.44 -20.92
N ILE G 98 36.72 13.82 -21.38
CA ILE G 98 36.04 12.83 -20.54
C ILE G 98 36.76 11.49 -20.50
N GLN G 99 37.60 11.19 -21.49
CA GLN G 99 38.30 9.91 -21.51
C GLN G 99 39.40 9.82 -20.47
N GLN G 100 39.82 10.94 -19.89
CA GLN G 100 40.90 10.96 -18.91
C GLN G 100 40.35 10.64 -17.53
N GLN G 101 41.05 9.77 -16.81
CA GLN G 101 40.61 9.37 -15.47
C GLN G 101 40.63 10.53 -14.50
N SER G 102 41.66 11.37 -14.56
CA SER G 102 41.79 12.49 -13.64
C SER G 102 40.70 13.52 -13.88
N ALA G 103 40.23 14.13 -12.79
CA ALA G 103 39.19 15.15 -12.87
C ALA G 103 39.76 16.55 -13.12
N LEU G 104 41.08 16.71 -13.12
CA LEU G 104 41.67 18.01 -13.35
C LEU G 104 41.36 18.52 -14.74
N SER G 105 41.37 17.62 -15.73
CA SER G 105 41.06 18.03 -17.10
C SER G 105 39.64 18.57 -17.21
N LEU G 106 38.70 17.98 -16.45
CA LEU G 106 37.32 18.46 -16.48
C LEU G 106 37.23 19.89 -16.00
N LEU G 107 37.95 20.23 -14.91
CA LEU G 107 37.96 21.60 -14.43
C LEU G 107 38.65 22.53 -15.42
N ASN G 108 39.77 22.08 -16.00
CA ASN G 108 40.48 22.93 -16.94
C ASN G 108 39.66 23.20 -18.19
N GLY G 109 38.94 22.20 -18.69
CA GLY G 109 38.19 22.37 -19.91
C GLY G 109 36.95 23.24 -19.73
N THR G 110 36.46 23.74 -20.85
CA THR G 110 35.24 24.55 -20.91
C THR G 110 34.29 23.95 -21.93
N PHE G 111 33.00 24.23 -21.75
CA PHE G 111 31.96 23.63 -22.58
C PHE G 111 30.99 24.72 -23.05
N ASP G 112 31.08 25.07 -24.34
CA ASP G 112 30.12 25.98 -24.95
C ASP G 112 29.05 25.16 -25.69
N PHE G 113 28.26 24.45 -24.89
CA PHE G 113 27.29 23.48 -25.40
C PHE G 113 25.90 24.06 -25.58
N GLN G 114 25.70 25.35 -25.32
CA GLN G 114 24.37 25.93 -25.38
C GLN G 114 23.80 25.91 -26.80
N ASN G 115 24.64 26.24 -27.80
CA ASN G 115 24.13 26.39 -29.16
C ASN G 115 23.69 25.06 -29.75
N ASP G 116 24.52 24.03 -29.62
CA ASP G 116 24.18 22.73 -30.19
C ASP G 116 22.97 22.12 -29.48
N PHE G 117 22.91 22.25 -28.16
CA PHE G 117 21.76 21.73 -27.43
C PHE G 117 20.49 22.47 -27.80
N LEU G 118 20.58 23.80 -27.97
CA LEU G 118 19.42 24.56 -28.41
C LEU G 118 18.96 24.13 -29.79
N ARG G 119 19.91 23.89 -30.70
CA ARG G 119 19.55 23.42 -32.03
C ARG G 119 18.85 22.07 -31.97
N LEU G 120 19.38 21.15 -31.17
CA LEU G 120 18.75 19.84 -31.03
C LEU G 120 17.35 19.96 -30.43
N LEU G 121 17.20 20.82 -29.41
CA LEU G 121 15.91 21.00 -28.78
C LEU G 121 14.88 21.57 -29.75
N ARG G 122 15.27 22.57 -30.54
CA ARG G 122 14.32 23.16 -31.48
C ARG G 122 13.99 22.21 -32.61
N GLU G 123 14.96 21.41 -33.07
CA GLU G 123 14.65 20.38 -34.07
C GLU G 123 13.66 19.36 -33.51
N ALA G 124 13.87 18.92 -32.26
CA ALA G 124 12.96 17.97 -31.65
C ALA G 124 11.57 18.56 -31.48
N GLU G 125 11.49 19.82 -31.08
CA GLU G 125 10.19 20.48 -30.93
C GLU G 125 9.49 20.60 -32.28
N GLU G 126 10.22 20.95 -33.33
CA GLU G 126 9.62 21.04 -34.66
C GLU G 126 9.11 19.68 -35.11
N SER G 127 9.87 18.61 -34.84
CA SER G 127 9.41 17.27 -35.18
C SER G 127 8.15 16.91 -34.39
N SER G 128 8.09 17.31 -33.12
CA SER G 128 6.95 17.01 -32.28
C SER G 128 5.73 17.86 -32.62
N LYS G 129 5.93 18.97 -33.34
CA LYS G 129 4.79 19.82 -33.71
C LYS G 129 3.79 19.07 -34.58
N ILE G 130 4.29 18.23 -35.49
CA ILE G 130 3.44 17.45 -36.38
C ILE G 130 3.57 15.99 -36.00
N ARG G 131 2.44 15.40 -35.57
CA ARG G 131 2.36 13.96 -35.26
C ARG G 131 0.95 13.51 -35.59
N ALA G 132 0.77 12.95 -36.79
CA ALA G 132 -0.54 12.50 -37.26
C ALA G 132 -0.40 11.11 -37.88
N PRO G 133 0.42 10.27 -37.24
CA PRO G 133 0.61 8.89 -37.65
C PRO G 133 -0.27 7.92 -36.87
N THR G 134 -1.15 8.42 -36.01
CA THR G 134 -2.00 7.55 -35.21
C THR G 134 -2.97 6.76 -36.08
N THR G 135 -3.51 7.40 -37.12
CA THR G 135 -4.50 6.73 -37.96
C THR G 135 -3.91 5.53 -38.68
N MET G 136 -2.71 5.69 -39.25
CA MET G 136 -2.09 4.59 -39.97
C MET G 136 -1.75 3.44 -39.03
N LYS G 137 -1.22 3.75 -37.84
CA LYS G 137 -0.89 2.71 -36.89
C LYS G 137 -2.14 1.98 -36.41
N LYS G 138 -3.22 2.71 -36.19
CA LYS G 138 -4.48 2.09 -35.77
C LYS G 138 -5.06 1.21 -36.87
N PHE G 139 -4.99 1.65 -38.13
CA PHE G 139 -5.44 0.82 -39.23
C PHE G 139 -4.61 -0.45 -39.35
N GLU G 140 -3.28 -0.33 -39.18
CA GLU G 140 -2.42 -1.50 -39.22
C GLU G 140 -2.75 -2.47 -38.08
N ASP G 141 -3.00 -1.94 -36.89
CA ASP G 141 -3.41 -2.80 -35.78
C ASP G 141 -4.73 -3.48 -36.06
N SER G 142 -5.67 -2.76 -36.67
CA SER G 142 -6.94 -3.37 -37.05
C SER G 142 -6.74 -4.50 -38.05
N GLU G 143 -5.88 -4.28 -39.05
CA GLU G 143 -5.60 -5.33 -40.03
C GLU G 143 -4.95 -6.54 -39.37
N LYS G 144 -4.00 -6.31 -38.45
CA LYS G 144 -3.34 -7.41 -37.78
C LYS G 144 -4.31 -8.19 -36.90
N ALA G 145 -5.19 -7.50 -36.18
CA ALA G 145 -6.19 -8.17 -35.36
C ALA G 145 -7.16 -8.97 -36.23
N LYS G 146 -7.55 -8.40 -37.38
CA LYS G 146 -8.40 -9.15 -38.31
C LYS G 146 -7.65 -10.37 -38.84
N LYS G 147 -6.37 -10.22 -39.15
CA LYS G 147 -5.56 -11.32 -39.63
C LYS G 147 -5.12 -12.23 -38.47
N LYS G 330 36.76 -5.00 -22.58
CA LYS G 330 36.36 -3.80 -23.32
C LYS G 330 34.92 -3.40 -22.96
N SER G 331 34.20 -2.90 -23.95
CA SER G 331 32.82 -2.49 -23.75
C SER G 331 31.94 -3.70 -23.44
N LEU G 332 30.98 -3.52 -22.55
CA LEU G 332 30.09 -4.59 -22.13
C LEU G 332 28.72 -4.42 -22.79
N SER G 333 28.26 -5.46 -23.45
CA SER G 333 26.95 -5.48 -24.06
C SER G 333 25.96 -6.19 -23.15
N ARG G 334 24.71 -5.73 -23.17
CA ARG G 334 23.69 -6.29 -22.28
C ARG G 334 23.40 -7.75 -22.61
N GLU G 335 23.36 -8.10 -23.90
CA GLU G 335 23.01 -9.46 -24.29
C GLU G 335 24.04 -10.46 -23.79
N ASP G 336 25.33 -10.11 -23.84
CA ASP G 336 26.37 -11.04 -23.41
C ASP G 336 26.28 -11.32 -21.91
N MET G 337 25.92 -10.31 -21.13
CA MET G 337 25.86 -10.47 -19.68
C MET G 337 24.50 -10.94 -19.19
N GLU G 338 23.55 -11.19 -20.08
CA GLU G 338 22.23 -11.65 -19.64
C GLU G 338 22.30 -12.98 -18.91
N SER G 339 22.97 -13.97 -19.53
CA SER G 339 22.96 -15.33 -19.00
C SER G 339 23.37 -15.37 -17.54
N VAL G 340 24.59 -14.94 -17.23
CA VAL G 340 25.04 -14.94 -15.84
C VAL G 340 24.05 -14.18 -14.98
N LEU G 341 23.56 -13.03 -15.46
CA LEU G 341 22.56 -12.27 -14.71
C LEU G 341 21.45 -13.18 -14.23
N ASP G 342 20.78 -13.88 -15.15
CA ASP G 342 19.64 -14.70 -14.73
C ASP G 342 20.08 -15.77 -13.75
N LYS G 343 21.24 -16.40 -14.00
CA LYS G 343 21.70 -17.41 -13.06
C LYS G 343 21.93 -16.79 -11.69
N MET G 344 22.53 -15.60 -11.65
CA MET G 344 22.68 -14.90 -10.38
C MET G 344 21.31 -14.65 -9.77
N ARG G 345 20.35 -14.20 -10.58
CA ARG G 345 18.98 -14.04 -10.10
C ARG G 345 18.50 -15.33 -9.47
N ASP G 346 18.70 -16.47 -10.15
CA ASP G 346 18.26 -17.73 -9.58
C ASP G 346 18.93 -17.98 -8.25
N HIS G 347 20.23 -17.69 -8.15
CA HIS G 347 20.91 -17.84 -6.87
C HIS G 347 20.25 -16.98 -5.80
N LEU G 348 19.93 -15.73 -6.14
CA LEU G 348 19.25 -14.88 -5.18
C LEU G 348 17.87 -15.42 -4.82
N ILE G 349 17.21 -16.08 -5.79
CA ILE G 349 15.95 -16.73 -5.48
C ILE G 349 16.17 -17.89 -4.52
N ALA G 350 17.29 -18.60 -4.69
CA ALA G 350 17.59 -19.70 -3.77
C ALA G 350 17.84 -19.17 -2.36
N LYS G 351 18.30 -17.93 -2.25
CA LYS G 351 18.64 -17.33 -0.97
C LYS G 351 17.48 -16.56 -0.33
N ASN G 352 16.24 -16.93 -0.64
CA ASN G 352 15.03 -16.40 0.01
C ASN G 352 14.75 -14.95 -0.33
N VAL G 353 15.37 -14.41 -1.38
CA VAL G 353 15.05 -13.05 -1.81
C VAL G 353 13.78 -13.06 -2.65
N ALA G 354 12.97 -12.01 -2.50
CA ALA G 354 11.72 -11.91 -3.25
C ALA G 354 12.00 -11.81 -4.74
N ALA G 355 11.08 -12.36 -5.54
CA ALA G 355 11.26 -12.41 -6.98
C ALA G 355 11.32 -11.01 -7.58
N ASP G 356 10.37 -10.15 -7.21
CA ASP G 356 10.38 -8.78 -7.71
C ASP G 356 11.61 -8.03 -7.23
N ILE G 357 12.03 -8.26 -5.99
CA ILE G 357 13.25 -7.63 -5.48
C ILE G 357 14.46 -8.09 -6.30
N ALA G 358 14.52 -9.39 -6.61
CA ALA G 358 15.62 -9.89 -7.43
C ALA G 358 15.62 -9.26 -8.81
N VAL G 359 14.44 -9.13 -9.42
CA VAL G 359 14.35 -8.52 -10.74
C VAL G 359 14.80 -7.06 -10.70
N GLN G 360 14.37 -6.32 -9.67
CA GLN G 360 14.79 -4.93 -9.54
C GLN G 360 16.29 -4.82 -9.35
N LEU G 361 16.87 -5.69 -8.53
CA LEU G 361 18.31 -5.67 -8.31
C LEU G 361 19.07 -5.99 -9.58
N CYS G 362 18.60 -6.99 -10.34
CA CYS G 362 19.26 -7.33 -11.59
C CYS G 362 19.18 -6.18 -12.60
N GLU G 363 18.02 -5.52 -12.66
CA GLU G 363 17.89 -4.37 -13.55
C GLU G 363 18.83 -3.24 -13.13
N SER G 364 18.95 -3.00 -11.82
CA SER G 364 19.86 -1.96 -11.34
C SER G 364 21.30 -2.29 -11.68
N VAL G 365 21.70 -3.55 -11.50
CA VAL G 365 23.06 -3.95 -11.82
C VAL G 365 23.32 -3.80 -13.33
N ALA G 366 22.35 -4.21 -14.15
CA ALA G 366 22.51 -4.09 -15.60
C ALA G 366 22.64 -2.62 -16.01
N ASN G 367 21.85 -1.74 -15.40
CA ASN G 367 21.99 -0.31 -15.67
C ASN G 367 23.36 0.19 -15.22
N LYS G 368 23.88 -0.36 -14.12
CA LYS G 368 25.18 0.05 -13.61
C LYS G 368 26.32 -0.36 -14.53
N LEU G 369 26.11 -1.34 -15.40
CA LEU G 369 27.15 -1.85 -16.30
C LEU G 369 26.60 -1.82 -17.72
N GLU G 370 26.82 -0.71 -18.43
CA GLU G 370 26.39 -0.57 -19.82
C GLU G 370 27.54 0.06 -20.60
N GLY G 371 28.28 -0.79 -21.34
CA GLY G 371 29.36 -0.30 -22.16
C GLY G 371 30.62 0.09 -21.41
N LYS G 372 30.69 -0.17 -20.11
CA LYS G 372 31.87 0.17 -19.35
C LYS G 372 33.06 -0.70 -19.79
N VAL G 373 34.23 -0.08 -19.86
CA VAL G 373 35.43 -0.81 -20.26
C VAL G 373 35.75 -1.87 -19.20
N MET G 374 36.29 -2.99 -19.66
CA MET G 374 36.60 -4.13 -18.81
C MET G 374 38.03 -4.58 -19.04
N GLY G 375 38.76 -4.78 -17.95
CA GLY G 375 40.14 -5.22 -18.07
C GLY G 375 40.24 -6.64 -18.58
N THR G 376 41.34 -6.93 -19.28
CA THR G 376 41.54 -8.26 -19.84
C THR G 376 41.82 -9.29 -18.75
N PHE G 377 42.48 -8.88 -17.66
CA PHE G 377 42.79 -9.82 -16.59
C PHE G 377 41.53 -10.34 -15.91
N SER G 378 40.56 -9.46 -15.68
CA SER G 378 39.31 -9.86 -15.05
C SER G 378 38.37 -10.48 -16.07
N THR G 379 37.37 -11.22 -15.57
CA THR G 379 36.36 -11.84 -16.40
C THR G 379 35.02 -11.13 -16.18
N VAL G 380 34.11 -11.33 -17.14
CA VAL G 380 32.80 -10.69 -17.05
C VAL G 380 32.04 -11.16 -15.82
N THR G 381 32.07 -12.47 -15.56
CA THR G 381 31.38 -13.00 -14.39
C THR G 381 31.95 -12.43 -13.10
N SER G 382 33.28 -12.35 -12.99
CA SER G 382 33.88 -11.80 -11.79
C SER G 382 33.50 -10.34 -11.60
N THR G 383 33.52 -9.56 -12.67
CA THR G 383 33.18 -8.14 -12.57
C THR G 383 31.73 -7.95 -12.17
N VAL G 384 30.81 -8.71 -12.79
CA VAL G 384 29.40 -8.54 -12.48
C VAL G 384 29.12 -9.02 -11.06
N LYS G 385 29.78 -10.09 -10.61
CA LYS G 385 29.60 -10.55 -9.24
C LYS G 385 30.11 -9.53 -8.24
N GLN G 386 31.27 -8.91 -8.53
CA GLN G 386 31.79 -7.89 -7.64
C GLN G 386 30.87 -6.67 -7.58
N ALA G 387 30.35 -6.25 -8.74
CA ALA G 387 29.41 -5.13 -8.76
C ALA G 387 28.14 -5.46 -7.98
N LEU G 388 27.63 -6.68 -8.15
CA LEU G 388 26.41 -7.07 -7.45
C LEU G 388 26.63 -7.12 -5.94
N GLN G 389 27.78 -7.65 -5.49
CA GLN G 389 28.03 -7.70 -4.06
C GLN G 389 28.27 -6.31 -3.50
N GLU G 390 28.89 -5.42 -4.27
CA GLU G 390 29.02 -4.04 -3.82
C GLU G 390 27.66 -3.37 -3.68
N SER G 391 26.77 -3.60 -4.65
CA SER G 391 25.42 -3.05 -4.56
C SER G 391 24.67 -3.63 -3.36
N LEU G 392 24.85 -4.93 -3.09
CA LEU G 392 24.23 -5.53 -1.93
C LEU G 392 24.74 -4.92 -0.64
N VAL G 393 26.05 -4.69 -0.54
CA VAL G 393 26.59 -4.05 0.65
C VAL G 393 26.02 -2.65 0.79
N GLN G 394 25.92 -1.92 -0.32
CA GLN G 394 25.38 -0.56 -0.26
C GLN G 394 23.93 -0.54 0.20
N ILE G 395 23.09 -1.41 -0.38
CA ILE G 395 21.68 -1.39 -0.02
C ILE G 395 21.45 -1.91 1.39
N LEU G 396 22.20 -2.94 1.81
CA LEU G 396 22.08 -3.45 3.17
C LEU G 396 22.80 -2.57 4.17
N GLN G 397 23.48 -1.51 3.71
CA GLN G 397 24.01 -0.50 4.61
C GLN G 397 23.13 0.73 4.49
N PRO G 398 22.03 0.78 5.25
CA PRO G 398 21.05 1.86 5.09
C PRO G 398 21.52 3.17 5.69
N GLN G 399 20.60 4.13 5.79
CA GLN G 399 20.87 5.44 6.37
C GLN G 399 21.42 5.32 7.79
N ARG G 400 21.83 6.45 8.36
CA ARG G 400 22.61 6.48 9.60
C ARG G 400 22.04 5.55 10.66
N ARG G 401 22.93 5.03 11.51
CA ARG G 401 22.68 3.98 12.48
C ARG G 401 22.18 4.50 13.82
N VAL G 402 21.52 5.65 13.84
CA VAL G 402 21.01 6.29 15.05
C VAL G 402 20.43 5.26 16.01
N ASP G 403 20.87 5.29 17.26
CA ASP G 403 20.54 4.29 18.26
C ASP G 403 19.56 4.83 19.28
N MET G 404 18.77 3.93 19.86
CA MET G 404 17.80 4.32 20.87
C MET G 404 18.48 4.77 22.16
N LEU G 405 19.63 4.17 22.49
CA LEU G 405 20.29 4.44 23.75
C LEU G 405 20.68 5.92 23.85
N ARG G 406 21.24 6.48 22.79
CA ARG G 406 21.62 7.89 22.80
C ARG G 406 20.38 8.77 22.90
N ASP G 407 19.30 8.41 22.21
CA ASP G 407 18.08 9.21 22.25
C ASP G 407 17.39 9.14 23.61
N ILE G 408 17.68 8.11 24.42
CA ILE G 408 17.08 8.04 25.74
C ILE G 408 17.53 9.20 26.60
N MET G 409 18.82 9.53 26.57
CA MET G 409 19.31 10.67 27.34
C MET G 409 18.70 11.98 26.84
N ASP G 410 18.57 12.12 25.52
CA ASP G 410 17.95 13.32 24.97
C ASP G 410 16.51 13.46 25.42
N ALA G 411 15.77 12.36 25.47
CA ALA G 411 14.43 12.38 26.02
C ALA G 411 14.44 12.76 27.50
N GLN G 412 15.42 12.25 28.25
CA GLN G 412 15.52 12.57 29.67
C GLN G 412 15.94 14.01 29.92
N ARG G 413 16.48 14.70 28.91
CA ARG G 413 16.85 16.10 29.09
C ARG G 413 15.63 16.94 29.45
N ARG G 414 14.51 16.72 28.76
CA ARG G 414 13.26 17.39 29.10
C ARG G 414 12.42 16.60 30.10
N GLN G 415 12.94 15.48 30.60
CA GLN G 415 12.25 14.63 31.57
C GLN G 415 10.89 14.17 31.05
N ARG G 416 10.84 13.85 29.76
CA ARG G 416 9.66 13.28 29.15
C ARG G 416 9.95 11.84 28.73
N PRO G 417 8.97 10.94 28.83
CA PRO G 417 9.22 9.54 28.53
C PRO G 417 9.55 9.33 27.06
N TYR G 418 10.40 8.34 26.80
CA TYR G 418 10.75 7.94 25.45
C TYR G 418 9.89 6.75 25.05
N VAL G 419 9.10 6.91 23.99
CA VAL G 419 8.07 5.96 23.62
C VAL G 419 8.56 5.13 22.43
N VAL G 420 8.55 3.81 22.59
CA VAL G 420 8.86 2.89 21.51
C VAL G 420 7.67 1.97 21.33
N THR G 421 7.25 1.78 20.09
CA THR G 421 6.11 0.93 19.76
C THR G 421 6.57 -0.23 18.88
N PHE G 422 6.00 -1.41 19.13
CA PHE G 422 6.30 -2.59 18.32
C PHE G 422 5.07 -2.97 17.51
N CYS G 423 5.26 -3.15 16.20
CA CYS G 423 4.17 -3.54 15.31
C CYS G 423 4.63 -4.65 14.39
N GLY G 424 3.69 -5.49 13.97
CA GLY G 424 3.99 -6.58 13.07
C GLY G 424 2.80 -7.51 12.94
N VAL G 425 2.98 -8.51 12.08
CA VAL G 425 1.95 -9.52 11.85
C VAL G 425 2.04 -10.57 12.95
N ASN G 426 1.03 -11.44 13.02
CA ASN G 426 0.99 -12.48 14.05
C ASN G 426 2.16 -13.45 13.89
N GLY G 427 2.67 -13.92 15.03
CA GLY G 427 3.68 -14.95 15.03
C GLY G 427 5.08 -14.50 14.63
N VAL G 428 5.48 -13.29 15.01
CA VAL G 428 6.81 -12.78 14.71
C VAL G 428 7.63 -12.57 15.98
N GLY G 429 7.20 -13.11 17.10
CA GLY G 429 7.96 -13.01 18.33
C GLY G 429 8.11 -11.59 18.87
N LYS G 430 7.01 -10.83 18.88
CA LYS G 430 7.06 -9.48 19.43
C LYS G 430 7.38 -9.51 20.91
N SER G 431 6.77 -10.43 21.66
CA SER G 431 6.95 -10.46 23.10
C SER G 431 8.38 -10.84 23.48
N THR G 432 8.97 -11.81 22.77
CA THR G 432 10.31 -12.25 23.11
C THR G 432 11.34 -11.14 22.84
N ASN G 433 11.22 -10.48 21.69
CA ASN G 433 12.12 -9.36 21.39
C ASN G 433 11.89 -8.19 22.35
N LEU G 434 10.63 -7.97 22.74
CA LEU G 434 10.35 -6.94 23.74
C LEU G 434 11.05 -7.25 25.05
N ALA G 435 10.99 -8.51 25.49
CA ALA G 435 11.67 -8.90 26.73
C ALA G 435 13.19 -8.74 26.59
N LYS G 436 13.73 -9.11 25.43
CA LYS G 436 15.17 -8.96 25.22
C LYS G 436 15.59 -7.49 25.29
N ILE G 437 14.83 -6.62 24.64
CA ILE G 437 15.16 -5.19 24.65
C ILE G 437 15.03 -4.61 26.04
N SER G 438 14.00 -5.02 26.79
CA SER G 438 13.85 -4.55 28.16
C SER G 438 15.01 -5.02 29.03
N PHE G 439 15.44 -6.26 28.86
CA PHE G 439 16.58 -6.77 29.62
C PHE G 439 17.85 -6.00 29.27
N TRP G 440 18.06 -5.70 27.99
CA TRP G 440 19.23 -4.94 27.58
C TRP G 440 19.20 -3.54 28.17
N LEU G 441 18.04 -2.89 28.18
CA LEU G 441 17.92 -1.56 28.76
C LEU G 441 18.17 -1.59 30.26
N LEU G 442 17.66 -2.61 30.95
CA LEU G 442 17.91 -2.74 32.38
C LEU G 442 19.40 -2.96 32.65
N GLU G 443 20.07 -3.75 31.82
CA GLU G 443 21.51 -3.92 31.96
C GLU G 443 22.24 -2.60 31.75
N ASN G 444 21.79 -1.80 30.79
CA ASN G 444 22.39 -0.49 30.57
C ASN G 444 22.06 0.49 31.70
N GLY G 445 21.06 0.19 32.51
CA GLY G 445 20.74 1.02 33.66
C GLY G 445 19.69 2.08 33.39
N PHE G 446 18.54 1.67 32.87
CA PHE G 446 17.42 2.58 32.64
C PHE G 446 16.12 1.89 33.02
N SER G 447 15.26 2.59 33.75
CA SER G 447 13.97 2.04 34.13
C SER G 447 13.05 1.99 32.92
N VAL G 448 12.25 0.92 32.84
CA VAL G 448 11.38 0.69 31.70
C VAL G 448 9.95 0.48 32.19
N LEU G 449 9.00 0.75 31.30
CA LEU G 449 7.59 0.48 31.55
C LEU G 449 7.02 -0.27 30.36
N ILE G 450 6.54 -1.48 30.59
CA ILE G 450 6.06 -2.36 29.53
C ILE G 450 4.54 -2.22 29.47
N ALA G 451 4.05 -1.60 28.39
CA ALA G 451 2.62 -1.42 28.17
C ALA G 451 2.11 -2.52 27.24
N ALA G 452 1.03 -3.18 27.65
CA ALA G 452 0.47 -4.31 26.91
C ALA G 452 -0.77 -3.85 26.15
N CYS G 453 -0.93 -4.35 24.93
CA CYS G 453 -2.15 -4.13 24.15
C CYS G 453 -2.60 -5.38 23.41
N ASP G 454 -2.03 -6.54 23.73
CA ASP G 454 -2.42 -7.79 23.06
C ASP G 454 -3.67 -8.38 23.72
N THR G 455 -4.75 -7.59 23.68
CA THR G 455 -6.00 -8.00 24.28
C THR G 455 -6.59 -9.22 23.58
N PHE G 456 -6.51 -9.27 22.25
CA PHE G 456 -7.06 -10.39 21.51
C PHE G 456 -6.29 -11.67 21.81
N ARG G 457 -4.97 -11.57 21.93
CA ARG G 457 -4.13 -12.73 22.22
C ARG G 457 -4.43 -13.31 23.59
N ALA G 458 -4.74 -14.60 23.64
CA ALA G 458 -5.00 -15.26 24.90
C ALA G 458 -3.71 -15.43 25.71
N GLY G 459 -3.76 -15.05 26.98
CA GLY G 459 -2.65 -15.26 27.88
C GLY G 459 -1.48 -14.33 27.72
N ALA G 460 -1.60 -13.28 26.90
CA ALA G 460 -0.49 -12.37 26.69
C ALA G 460 -0.17 -11.58 27.95
N VAL G 461 -1.21 -11.18 28.70
CA VAL G 461 -1.00 -10.38 29.90
C VAL G 461 -0.18 -11.17 30.92
N GLU G 462 -0.54 -12.43 31.13
CA GLU G 462 0.19 -13.25 32.09
C GLU G 462 1.60 -13.57 31.58
N GLN G 463 1.77 -13.70 30.27
CA GLN G 463 3.11 -13.90 29.71
C GLN G 463 4.00 -12.70 30.01
N LEU G 464 3.49 -11.48 29.77
CA LEU G 464 4.27 -10.30 30.09
C LEU G 464 4.49 -10.17 31.59
N ARG G 465 3.53 -10.60 32.40
CA ARG G 465 3.71 -10.57 33.85
C ARG G 465 4.82 -11.52 34.28
N THR G 466 4.89 -12.71 33.67
CA THR G 466 5.99 -13.63 33.97
C THR G 466 7.32 -13.05 33.54
N HIS G 467 7.36 -12.40 32.38
CA HIS G 467 8.59 -11.73 31.95
C HIS G 467 9.01 -10.66 32.94
N THR G 468 8.03 -9.87 33.42
CA THR G 468 8.32 -8.83 34.40
C THR G 468 8.83 -9.43 35.70
N ARG G 469 8.23 -10.54 36.14
CA ARG G 469 8.71 -11.20 37.35
C ARG G 469 10.14 -11.68 37.20
N ARG G 470 10.46 -12.27 36.06
CA ARG G 470 11.83 -12.75 35.83
C ARG G 470 12.82 -11.57 35.81
N LEU G 471 12.45 -10.49 35.14
CA LEU G 471 13.33 -9.32 35.09
C LEU G 471 13.54 -8.71 36.48
N SER G 472 12.46 -8.61 37.27
CA SER G 472 12.59 -8.09 38.62
C SER G 472 13.44 -8.99 39.50
N ALA G 473 13.31 -10.31 39.33
CA ALA G 473 14.18 -11.24 40.05
C ALA G 473 15.64 -11.04 39.67
N LEU G 474 15.89 -10.81 38.37
CA LEU G 474 17.26 -10.54 37.94
C LEU G 474 17.77 -9.19 38.44
N HIS G 475 16.91 -8.18 38.49
CA HIS G 475 17.30 -6.84 38.90
C HIS G 475 16.48 -6.39 40.10
N PRO G 476 16.99 -6.53 41.33
CA PRO G 476 16.25 -6.06 42.49
C PRO G 476 16.15 -4.55 42.49
N PRO G 477 15.04 -3.99 42.98
CA PRO G 477 14.90 -2.52 43.00
C PRO G 477 15.95 -1.81 43.85
N GLU G 478 16.38 -2.41 44.96
CA GLU G 478 17.31 -1.73 45.86
C GLU G 478 18.71 -1.64 45.27
N LYS G 479 19.08 -2.60 44.41
CA LYS G 479 20.41 -2.57 43.81
C LYS G 479 20.61 -1.36 42.93
N HIS G 480 19.55 -0.88 42.28
CA HIS G 480 19.61 0.29 41.43
C HIS G 480 19.40 1.59 42.19
N GLY G 481 19.21 1.53 43.51
CA GLY G 481 18.98 2.70 44.32
C GLY G 481 17.65 2.75 45.04
N GLY G 482 16.93 1.62 45.13
CA GLY G 482 15.66 1.59 45.81
C GLY G 482 14.46 1.93 44.95
N ARG G 483 14.66 2.32 43.70
CA ARG G 483 13.57 2.65 42.80
C ARG G 483 13.23 1.46 41.91
N THR G 484 11.96 1.37 41.55
CA THR G 484 11.51 0.29 40.69
C THR G 484 12.10 0.45 39.28
N MET G 485 12.32 -0.69 38.63
CA MET G 485 12.93 -0.70 37.30
C MET G 485 11.93 -1.01 36.20
N VAL G 486 11.21 -2.12 36.30
CA VAL G 486 10.29 -2.57 35.26
C VAL G 486 8.91 -2.76 35.88
N GLN G 487 7.89 -2.19 35.24
CA GLN G 487 6.51 -2.37 35.67
C GLN G 487 5.64 -2.61 34.45
N LEU G 488 4.61 -3.44 34.64
CA LEU G 488 3.70 -3.83 33.58
C LEU G 488 2.41 -3.03 33.68
N PHE G 489 1.96 -2.49 32.54
CA PHE G 489 0.76 -1.68 32.48
C PHE G 489 -0.24 -2.36 31.55
N GLU G 490 -1.40 -2.75 32.11
CA GLU G 490 -2.44 -3.41 31.35
C GLU G 490 -3.79 -3.09 31.98
N LYS G 491 -4.85 -3.26 31.18
CA LYS G 491 -6.21 -3.02 31.64
C LYS G 491 -7.12 -4.22 31.39
N GLY G 492 -6.55 -5.42 31.27
CA GLY G 492 -7.34 -6.59 30.98
C GLY G 492 -7.59 -6.78 29.50
N TYR G 493 -8.32 -7.85 29.20
CA TYR G 493 -8.61 -8.21 27.82
C TYR G 493 -9.88 -7.51 27.34
N GLY G 494 -9.89 -7.15 26.05
CA GLY G 494 -11.04 -6.55 25.43
C GLY G 494 -11.03 -5.03 25.38
N LYS G 495 -10.19 -4.39 26.18
CA LYS G 495 -10.14 -2.93 26.21
C LYS G 495 -9.42 -2.39 24.97
N ASP G 496 -9.77 -1.17 24.60
CA ASP G 496 -9.15 -0.53 23.45
C ASP G 496 -7.67 -0.25 23.71
N ALA G 497 -6.84 -0.48 22.70
CA ALA G 497 -5.40 -0.34 22.86
C ALA G 497 -4.95 1.11 22.99
N ALA G 498 -5.60 2.03 22.25
CA ALA G 498 -5.17 3.42 22.28
C ALA G 498 -5.34 4.03 23.67
N GLY G 499 -6.46 3.75 24.32
CA GLY G 499 -6.68 4.27 25.66
C GLY G 499 -5.68 3.72 26.66
N ILE G 500 -5.38 2.42 26.57
CA ILE G 500 -4.40 1.82 27.47
C ILE G 500 -3.03 2.44 27.24
N ALA G 501 -2.66 2.67 25.98
CA ALA G 501 -1.38 3.29 25.68
C ALA G 501 -1.31 4.71 26.21
N MET G 502 -2.40 5.48 26.06
CA MET G 502 -2.41 6.84 26.58
C MET G 502 -2.29 6.86 28.10
N GLU G 503 -3.02 5.96 28.77
CA GLU G 503 -2.93 5.88 30.22
C GLU G 503 -1.53 5.48 30.66
N ALA G 504 -0.90 4.56 29.93
CA ALA G 504 0.47 4.16 30.25
C ALA G 504 1.43 5.32 30.10
N ILE G 505 1.27 6.11 29.03
CA ILE G 505 2.13 7.27 28.82
C ILE G 505 1.96 8.28 29.95
N ALA G 506 0.71 8.55 30.33
CA ALA G 506 0.46 9.49 31.42
C ALA G 506 1.05 8.99 32.73
N PHE G 507 0.88 7.69 33.02
CA PHE G 507 1.42 7.11 34.24
C PHE G 507 2.94 7.18 34.26
N ALA G 508 3.58 6.91 33.12
CA ALA G 508 5.03 7.02 33.05
C ALA G 508 5.50 8.44 33.26
N ARG G 509 4.80 9.41 32.66
CA ARG G 509 5.17 10.80 32.86
C ARG G 509 5.02 11.21 34.33
N ASN G 510 3.95 10.75 34.98
CA ASN G 510 3.76 11.07 36.39
C ASN G 510 4.81 10.41 37.27
N GLN G 511 5.19 9.18 36.95
CA GLN G 511 6.16 8.43 37.74
C GLN G 511 7.60 8.62 37.26
N GLY G 512 7.80 9.35 36.16
CA GLY G 512 9.14 9.60 35.66
C GLY G 512 9.90 8.38 35.20
N PHE G 513 9.23 7.49 34.46
CA PHE G 513 9.89 6.33 33.88
C PHE G 513 10.68 6.73 32.64
N ASP G 514 11.86 6.15 32.50
CA ASP G 514 12.76 6.56 31.42
C ASP G 514 12.16 6.26 30.04
N VAL G 515 11.72 5.03 29.83
CA VAL G 515 11.29 4.58 28.51
C VAL G 515 10.07 3.69 28.65
N VAL G 516 9.09 3.89 27.77
CA VAL G 516 7.91 3.04 27.68
C VAL G 516 8.01 2.22 26.39
N LEU G 517 7.81 0.92 26.52
CA LEU G 517 7.80 0.00 25.40
C LEU G 517 6.39 -0.57 25.26
N VAL G 518 5.78 -0.36 24.09
CA VAL G 518 4.39 -0.72 23.84
C VAL G 518 4.36 -1.94 22.94
N ASP G 519 3.66 -2.98 23.39
CA ASP G 519 3.46 -4.20 22.63
C ASP G 519 2.03 -4.22 22.11
N THR G 520 1.88 -4.48 20.82
CA THR G 520 0.58 -4.52 20.16
C THR G 520 0.36 -5.89 19.54
N ALA G 521 -0.89 -6.32 19.49
CA ALA G 521 -1.23 -7.62 18.93
C ALA G 521 -0.95 -7.65 17.43
N GLY G 522 -0.51 -8.81 16.95
CA GLY G 522 -0.23 -8.95 15.53
C GLY G 522 -1.48 -8.77 14.70
N ARG G 523 -1.34 -8.07 13.58
CA ARG G 523 -2.45 -7.76 12.69
C ARG G 523 -2.08 -8.14 11.26
N MET G 524 -3.00 -8.81 10.57
CA MET G 524 -2.79 -9.12 9.17
C MET G 524 -2.87 -7.85 8.33
N GLN G 525 -2.05 -7.78 7.29
CA GLN G 525 -1.98 -6.57 6.48
C GLN G 525 -3.25 -6.35 5.67
N ASP G 526 -3.91 -7.43 5.25
CA ASP G 526 -5.12 -7.28 4.43
C ASP G 526 -6.34 -6.87 5.22
N ASN G 527 -6.28 -6.95 6.56
CA ASN G 527 -7.42 -6.59 7.40
C ASN G 527 -7.40 -5.09 7.62
N ALA G 528 -8.30 -4.37 6.94
CA ALA G 528 -8.32 -2.91 7.02
C ALA G 528 -8.62 -2.37 8.42
N PRO G 529 -9.65 -2.85 9.14
CA PRO G 529 -9.94 -2.25 10.45
C PRO G 529 -8.77 -2.30 11.44
N LEU G 530 -8.02 -3.41 11.46
CA LEU G 530 -6.87 -3.49 12.35
C LEU G 530 -5.81 -2.48 11.97
N MET G 531 -5.57 -2.29 10.67
CA MET G 531 -4.61 -1.29 10.24
C MET G 531 -5.07 0.11 10.62
N THR G 532 -6.36 0.39 10.48
CA THR G 532 -6.88 1.70 10.89
C THR G 532 -6.69 1.92 12.39
N ALA G 533 -6.98 0.89 13.19
CA ALA G 533 -6.80 1.01 14.64
C ALA G 533 -5.34 1.25 15.00
N LEU G 534 -4.43 0.52 14.36
CA LEU G 534 -3.00 0.71 14.64
C LEU G 534 -2.54 2.10 14.25
N ALA G 535 -2.98 2.59 13.08
CA ALA G 535 -2.60 3.93 12.65
C ALA G 535 -3.17 5.00 13.58
N LYS G 536 -4.41 4.81 14.04
CA LYS G 536 -4.99 5.76 14.99
C LYS G 536 -4.23 5.76 16.30
N LEU G 537 -3.84 4.58 16.78
CA LEU G 537 -3.04 4.51 18.01
C LEU G 537 -1.71 5.23 17.84
N ILE G 538 -1.04 5.00 16.71
CA ILE G 538 0.25 5.66 16.47
C ILE G 538 0.08 7.17 16.41
N THR G 539 -0.96 7.63 15.71
CA THR G 539 -1.19 9.06 15.59
C THR G 539 -1.49 9.70 16.94
N VAL G 540 -2.33 9.05 17.74
CA VAL G 540 -2.71 9.62 19.03
C VAL G 540 -1.53 9.63 20.00
N ASN G 541 -0.82 8.50 20.10
CA ASN G 541 0.25 8.40 21.09
C ASN G 541 1.56 9.00 20.63
N THR G 542 1.69 9.36 19.34
CA THR G 542 2.87 9.91 18.68
C THR G 542 4.16 9.34 19.27
N PRO G 543 4.40 8.03 19.15
CA PRO G 543 5.58 7.44 19.78
C PRO G 543 6.87 7.96 19.15
N ASP G 544 7.92 7.99 19.97
CA ASP G 544 9.21 8.46 19.48
C ASP G 544 9.78 7.53 18.42
N LEU G 545 9.65 6.22 18.62
CA LEU G 545 10.21 5.25 17.70
C LEU G 545 9.19 4.16 17.39
N VAL G 546 9.17 3.72 16.13
CA VAL G 546 8.29 2.66 15.66
C VAL G 546 9.16 1.55 15.10
N LEU G 547 8.94 0.32 15.55
CA LEU G 547 9.72 -0.82 15.12
C LEU G 547 8.81 -1.87 14.53
N PHE G 548 9.08 -2.24 13.28
CA PHE G 548 8.38 -3.34 12.61
C PHE G 548 9.18 -4.62 12.87
N VAL G 549 8.55 -5.59 13.51
CA VAL G 549 9.19 -6.87 13.80
C VAL G 549 8.89 -7.82 12.66
N GLY G 550 9.92 -8.20 11.92
CA GLY G 550 9.79 -9.08 10.79
C GLY G 550 10.32 -10.48 11.08
N GLU G 551 10.13 -11.35 10.09
CA GLU G 551 10.53 -12.75 10.19
C GLU G 551 11.66 -13.04 9.22
N ALA G 552 12.65 -13.81 9.69
CA ALA G 552 13.71 -14.26 8.80
C ALA G 552 13.25 -15.40 7.91
N LEU G 553 12.29 -16.21 8.37
CA LEU G 553 11.82 -17.34 7.59
C LEU G 553 10.90 -16.93 6.45
N VAL G 554 10.20 -15.81 6.60
CA VAL G 554 9.21 -15.42 5.59
C VAL G 554 9.91 -15.01 4.31
N GLY G 555 9.25 -15.26 3.18
CA GLY G 555 9.78 -14.90 1.88
C GLY G 555 8.68 -14.52 0.90
N ASN G 556 8.94 -13.49 0.11
CA ASN G 556 8.03 -12.94 -0.90
C ASN G 556 6.81 -12.26 -0.28
N GLU G 557 6.67 -12.28 1.05
CA GLU G 557 5.56 -11.62 1.72
C GLU G 557 5.97 -10.44 2.59
N ALA G 558 7.25 -10.34 2.95
CA ALA G 558 7.69 -9.22 3.77
C ALA G 558 7.52 -7.90 3.03
N VAL G 559 7.79 -7.89 1.72
CA VAL G 559 7.66 -6.67 0.95
C VAL G 559 6.21 -6.19 0.97
N ASP G 560 5.26 -7.10 0.77
CA ASP G 560 3.85 -6.73 0.78
C ASP G 560 3.42 -6.21 2.14
N GLN G 561 3.87 -6.87 3.21
CA GLN G 561 3.53 -6.41 4.56
C GLN G 561 4.07 -5.02 4.81
N LEU G 562 5.33 -4.77 4.44
CA LEU G 562 5.90 -3.44 4.63
C LEU G 562 5.15 -2.40 3.82
N VAL G 563 4.78 -2.72 2.58
CA VAL G 563 4.04 -1.77 1.75
C VAL G 563 2.71 -1.44 2.39
N LYS G 564 1.98 -2.46 2.85
CA LYS G 564 0.67 -2.23 3.46
C LYS G 564 0.80 -1.40 4.74
N PHE G 565 1.77 -1.73 5.59
CA PHE G 565 1.96 -0.96 6.82
C PHE G 565 2.31 0.48 6.53
N ASN G 566 3.23 0.70 5.59
CA ASN G 566 3.65 2.07 5.27
C ASN G 566 2.50 2.88 4.69
N ARG G 567 1.72 2.28 3.78
CA ARG G 567 0.62 3.04 3.19
C ARG G 567 -0.49 3.29 4.21
N ALA G 568 -0.74 2.35 5.12
CA ALA G 568 -1.73 2.56 6.17
C ALA G 568 -1.30 3.68 7.12
N LEU G 569 -0.01 3.73 7.45
CA LEU G 569 0.47 4.79 8.32
C LEU G 569 0.50 6.13 7.60
N ALA G 570 0.69 6.12 6.27
CA ALA G 570 0.79 7.37 5.53
C ALA G 570 -0.57 8.00 5.27
N ASP G 571 -1.51 7.21 4.74
CA ASP G 571 -2.78 7.79 4.32
C ASP G 571 -3.64 8.23 5.50
N HIS G 572 -3.44 7.66 6.68
CA HIS G 572 -4.24 8.01 7.85
C HIS G 572 -3.69 9.21 8.60
N SER G 573 -2.58 9.80 8.15
CA SER G 573 -2.03 11.02 8.72
C SER G 573 -2.12 12.12 7.68
N MET G 574 -2.83 13.19 8.02
CA MET G 574 -3.02 14.28 7.06
C MET G 574 -1.79 15.15 6.91
N ALA G 575 -0.95 15.23 7.94
CA ALA G 575 0.23 16.08 7.89
C ALA G 575 1.22 15.55 6.85
N GLN G 576 1.87 16.48 6.15
CA GLN G 576 2.86 16.10 5.14
C GLN G 576 4.06 15.44 5.80
N THR G 577 4.71 14.55 5.04
CA THR G 577 5.81 13.72 5.52
C THR G 577 5.37 12.98 6.79
N PRO G 578 4.45 12.04 6.68
CA PRO G 578 3.90 11.40 7.89
C PRO G 578 4.92 10.47 8.54
N ARG G 579 4.67 10.18 9.81
CA ARG G 579 5.50 9.24 10.55
C ARG G 579 5.34 7.84 9.96
N LEU G 580 6.43 7.32 9.41
CA LEU G 580 6.45 5.98 8.84
C LEU G 580 7.23 5.04 9.76
N ILE G 581 7.42 3.81 9.30
CA ILE G 581 8.24 2.86 10.05
C ILE G 581 9.66 3.41 10.13
N ASP G 582 10.21 3.41 11.34
CA ASP G 582 11.54 3.96 11.56
C ASP G 582 12.59 2.92 11.92
N GLY G 583 12.18 1.70 12.27
CA GLY G 583 13.15 0.67 12.58
C GLY G 583 12.61 -0.69 12.21
N ILE G 584 13.53 -1.60 11.88
CA ILE G 584 13.18 -2.96 11.51
C ILE G 584 13.93 -3.91 12.44
N VAL G 585 13.21 -4.82 13.08
CA VAL G 585 13.79 -5.80 13.98
C VAL G 585 13.59 -7.18 13.36
N LEU G 586 14.68 -7.82 12.96
CA LEU G 586 14.64 -9.14 12.36
C LEU G 586 14.89 -10.20 13.43
N THR G 587 13.95 -11.11 13.59
CA THR G 587 14.04 -12.15 14.60
C THR G 587 14.13 -13.53 13.95
N LYS G 588 14.36 -14.54 14.79
CA LYS G 588 14.50 -15.93 14.35
C LYS G 588 15.60 -16.05 13.29
N PHE G 589 16.70 -15.31 13.49
CA PHE G 589 17.80 -15.34 12.55
C PHE G 589 18.67 -16.58 12.69
N ASP G 590 18.59 -17.27 13.83
CA ASP G 590 19.42 -18.44 14.10
C ASP G 590 18.80 -19.73 13.61
N THR G 591 17.80 -19.66 12.73
CA THR G 591 17.12 -20.85 12.24
C THR G 591 17.44 -21.18 10.79
N ILE G 592 18.07 -20.26 10.05
CA ILE G 592 18.38 -20.49 8.65
C ILE G 592 19.89 -20.36 8.43
N ASP G 593 20.44 -19.18 8.76
CA ASP G 593 21.85 -18.84 8.65
C ASP G 593 22.36 -18.82 7.22
N ASP G 594 21.53 -19.15 6.23
CA ASP G 594 21.96 -19.12 4.84
C ASP G 594 20.97 -18.33 3.98
N LYS G 595 19.69 -18.37 4.36
CA LYS G 595 18.65 -17.65 3.63
C LYS G 595 18.41 -16.28 4.27
N VAL G 596 19.46 -15.47 4.24
CA VAL G 596 19.42 -14.16 4.89
C VAL G 596 18.85 -13.14 3.92
N GLY G 597 18.70 -13.54 2.65
CA GLY G 597 18.30 -12.61 1.61
C GLY G 597 16.97 -11.94 1.86
N ALA G 598 16.10 -12.57 2.66
CA ALA G 598 14.82 -11.94 3.00
C ALA G 598 15.05 -10.56 3.62
N ALA G 599 16.05 -10.45 4.51
CA ALA G 599 16.37 -9.15 5.09
C ALA G 599 16.62 -8.12 4.01
N ILE G 600 17.37 -8.50 2.97
CA ILE G 600 17.64 -7.59 1.86
C ILE G 600 16.34 -7.03 1.32
N SER G 601 15.35 -7.90 1.11
CA SER G 601 14.07 -7.45 0.57
C SER G 601 13.50 -6.34 1.44
N MET G 602 13.48 -6.54 2.76
CA MET G 602 12.98 -5.48 3.63
C MET G 602 13.81 -4.22 3.46
N THR G 603 15.14 -4.36 3.48
CA THR G 603 16.00 -3.20 3.33
C THR G 603 15.82 -2.54 1.98
N TYR G 604 15.31 -3.29 0.99
CA TYR G 604 14.98 -2.67 -0.28
C TYR G 604 13.65 -1.92 -0.20
N ILE G 605 12.65 -2.53 0.41
CA ILE G 605 11.30 -1.95 0.36
C ILE G 605 11.22 -0.70 1.22
N THR G 606 11.99 -0.67 2.32
CA THR G 606 12.10 0.52 3.16
C THR G 606 13.58 0.82 3.38
N SER G 607 13.95 2.09 3.26
CA SER G 607 15.33 2.48 3.41
C SER G 607 15.79 2.54 4.87
N LYS G 608 14.88 2.34 5.81
CA LYS G 608 15.24 2.46 7.22
C LYS G 608 16.17 1.32 7.62
N PRO G 609 17.09 1.58 8.55
CA PRO G 609 18.07 0.55 8.95
C PRO G 609 17.46 -0.50 9.85
N ILE G 610 18.19 -1.60 10.00
CA ILE G 610 17.83 -2.67 10.91
C ILE G 610 18.49 -2.39 12.25
N VAL G 611 17.68 -2.25 13.30
CA VAL G 611 18.20 -1.82 14.59
C VAL G 611 18.76 -3.00 15.38
N PHE G 612 18.01 -4.09 15.45
CA PHE G 612 18.42 -5.26 16.22
C PHE G 612 18.12 -6.52 15.45
N VAL G 613 18.84 -7.59 15.77
CA VAL G 613 18.65 -8.90 15.18
C VAL G 613 18.55 -9.92 16.30
N GLY G 614 17.43 -10.65 16.35
CA GLY G 614 17.27 -11.69 17.36
C GLY G 614 17.89 -13.00 16.91
N THR G 615 18.53 -13.69 17.86
CA THR G 615 19.27 -14.90 17.54
C THR G 615 19.03 -16.00 18.57
N GLY G 616 17.85 -16.05 19.17
CA GLY G 616 17.56 -17.08 20.13
C GLY G 616 16.32 -16.76 20.94
N GLN G 617 16.14 -17.51 22.02
CA GLN G 617 14.99 -17.35 22.89
C GLN G 617 15.35 -16.86 24.28
N THR G 618 16.63 -16.92 24.67
CA THR G 618 17.06 -16.41 25.96
C THR G 618 17.10 -14.88 25.94
N TYR G 619 17.31 -14.28 27.10
CA TYR G 619 17.35 -12.83 27.19
C TYR G 619 18.67 -12.24 26.73
N CYS G 620 19.67 -13.07 26.44
CA CYS G 620 20.97 -12.58 25.99
C CYS G 620 21.15 -12.66 24.49
N ASP G 621 20.12 -13.10 23.75
CA ASP G 621 20.22 -13.26 22.30
C ASP G 621 19.63 -12.04 21.60
N LEU G 622 20.32 -10.91 21.76
CA LEU G 622 19.92 -9.65 21.14
C LEU G 622 21.19 -8.95 20.64
N ARG G 623 21.53 -9.20 19.37
CA ARG G 623 22.74 -8.66 18.77
C ARG G 623 22.38 -7.72 17.63
N SER G 624 23.40 -7.10 17.05
CA SER G 624 23.24 -6.14 15.97
C SER G 624 23.52 -6.83 14.63
N LEU G 625 23.50 -6.03 13.56
CA LEU G 625 23.66 -6.55 12.21
C LEU G 625 25.02 -6.16 11.66
N ASN G 626 25.74 -7.15 11.13
CA ASN G 626 27.03 -6.95 10.47
C ASN G 626 26.83 -7.12 8.98
N ALA G 627 26.96 -6.02 8.23
CA ALA G 627 26.65 -6.06 6.80
C ALA G 627 27.60 -6.99 6.04
N LYS G 628 28.89 -6.92 6.34
CA LYS G 628 29.86 -7.72 5.61
C LYS G 628 29.63 -9.21 5.81
N ALA G 629 29.36 -9.63 7.04
CA ALA G 629 29.10 -11.04 7.30
C ALA G 629 27.83 -11.51 6.60
N VAL G 630 26.79 -10.67 6.61
CA VAL G 630 25.53 -11.03 5.96
C VAL G 630 25.73 -11.21 4.47
N VAL G 631 26.45 -10.27 3.83
CA VAL G 631 26.69 -10.36 2.40
C VAL G 631 27.54 -11.57 2.08
N ALA G 632 28.58 -11.82 2.88
CA ALA G 632 29.45 -12.98 2.64
C ALA G 632 28.68 -14.28 2.75
N ALA G 633 27.82 -14.41 3.76
CA ALA G 633 26.99 -15.61 3.89
C ALA G 633 25.99 -15.71 2.75
N LEU G 634 25.47 -14.58 2.27
CA LEU G 634 24.52 -14.59 1.17
C LEU G 634 25.17 -15.10 -0.11
N MET G 635 26.41 -14.69 -0.38
CA MET G 635 27.07 -15.01 -1.64
C MET G 635 28.22 -15.99 -1.48
N LYS G 636 28.30 -16.71 -0.35
CA LYS G 636 29.37 -17.69 -0.20
C LYS G 636 29.17 -18.90 -1.09
N ALA G 637 27.94 -19.20 -1.50
CA ALA G 637 27.67 -20.34 -2.35
C ALA G 637 27.59 -19.92 -3.82
N LYS H 554 -6.51 10.18 47.31
CA LYS H 554 -7.37 10.63 46.23
C LYS H 554 -8.84 10.35 46.58
N LYS H 555 -9.56 11.41 46.95
CA LYS H 555 -10.98 11.31 47.27
C LYS H 555 -11.74 12.29 46.40
N LYS H 556 -12.81 11.80 45.76
CA LYS H 556 -13.64 12.63 44.90
C LYS H 556 -15.11 12.41 45.23
N LYS H 557 -15.89 13.50 45.17
CA LYS H 557 -17.32 13.43 45.39
C LYS H 557 -18.03 13.23 44.05
N LYS H 558 -19.01 12.35 44.04
CA LYS H 558 -19.74 11.98 42.83
C LYS H 558 -21.20 12.39 42.96
N LYS H 559 -21.72 13.02 41.92
CA LYS H 559 -23.10 13.46 41.89
C LYS H 559 -24.01 12.34 41.40
N GLY H 560 -25.31 12.50 41.62
CA GLY H 560 -26.29 11.50 41.24
C GLY H 560 -27.48 11.44 42.17
N LYS H 561 -28.08 10.26 42.30
CA LYS H 561 -29.24 10.08 43.18
C LYS H 561 -28.78 10.01 44.63
N LEU H 562 -28.28 11.15 45.11
CA LEU H 562 -27.69 11.20 46.44
C LEU H 562 -28.64 10.75 47.55
N PRO H 563 -29.92 11.16 47.60
CA PRO H 563 -30.81 10.58 48.61
C PRO H 563 -30.94 9.08 48.50
N LYS H 564 -31.05 8.55 47.27
CA LYS H 564 -31.14 7.11 47.10
C LYS H 564 -29.81 6.42 47.30
N ASN H 565 -28.71 7.16 47.19
CA ASN H 565 -27.41 6.59 47.57
C ASN H 565 -27.26 6.49 49.08
N TYR H 566 -27.78 7.47 49.81
CA TYR H 566 -27.69 7.49 51.26
C TYR H 566 -28.78 6.69 51.95
N ASP H 567 -29.83 6.30 51.22
CA ASP H 567 -30.84 5.42 51.82
C ASP H 567 -30.26 4.12 52.35
N PRO H 568 -29.43 3.37 51.59
CA PRO H 568 -28.78 2.21 52.20
C PRO H 568 -27.76 2.62 53.24
N LYS H 569 -26.86 3.53 52.85
CA LYS H 569 -25.85 4.10 53.74
C LYS H 569 -24.89 3.01 54.24
N VAL H 570 -24.94 1.84 53.62
CA VAL H 570 -24.08 0.71 54.01
C VAL H 570 -23.07 0.40 52.91
N THR H 571 -23.54 -0.02 51.74
CA THR H 571 -22.66 -0.40 50.65
C THR H 571 -23.45 -0.47 49.36
N PRO H 572 -22.86 -0.12 48.23
CA PRO H 572 -23.53 -0.30 46.94
C PRO H 572 -23.36 -1.73 46.44
N ASP H 573 -23.89 -1.99 45.25
CA ASP H 573 -23.74 -3.30 44.65
C ASP H 573 -22.28 -3.53 44.24
N PRO H 574 -21.70 -4.69 44.55
CA PRO H 574 -20.28 -4.92 44.20
C PRO H 574 -19.97 -4.78 42.72
N GLU H 575 -20.86 -5.27 41.85
CA GLU H 575 -20.66 -5.15 40.41
C GLU H 575 -21.47 -3.97 39.85
N ARG H 576 -21.11 -2.77 40.34
CA ARG H 576 -21.85 -1.57 39.96
C ARG H 576 -21.49 -1.09 38.57
N TRP H 577 -20.28 -1.37 38.08
CA TRP H 577 -19.86 -0.99 36.73
C TRP H 577 -19.33 -2.23 36.02
N LEU H 578 -20.24 -3.03 35.48
CA LEU H 578 -19.91 -4.21 34.70
C LEU H 578 -20.93 -4.36 33.59
N PRO H 579 -20.59 -5.02 32.49
CA PRO H 579 -21.56 -5.20 31.41
C PRO H 579 -22.71 -6.11 31.82
N MET H 580 -23.77 -6.07 31.01
CA MET H 580 -24.97 -6.84 31.31
C MET H 580 -24.67 -8.34 31.33
N ARG H 581 -23.89 -8.81 30.36
CA ARG H 581 -23.56 -10.23 30.29
C ARG H 581 -22.63 -10.67 31.41
N GLU H 582 -22.02 -9.74 32.14
CA GLU H 582 -21.26 -10.06 33.34
C GLU H 582 -22.11 -9.99 34.60
N ARG H 583 -23.25 -9.29 34.54
CA ARG H 583 -24.13 -9.16 35.70
C ARG H 583 -24.65 -10.53 36.13
N SER H 584 -24.99 -10.65 37.42
CA SER H 584 -25.49 -11.92 37.94
C SER H 584 -26.77 -12.34 37.22
N TYR H 585 -27.68 -11.40 36.97
CA TYR H 585 -28.86 -11.71 36.19
C TYR H 585 -28.54 -11.99 34.73
N TYR H 586 -27.39 -11.50 34.25
CA TYR H 586 -26.86 -11.73 32.92
C TYR H 586 -27.63 -11.00 31.83
N ARG H 587 -28.78 -10.42 32.20
CA ARG H 587 -29.68 -9.73 31.26
C ARG H 587 -29.77 -10.49 29.94
N GLY H 588 -29.91 -11.81 30.01
CA GLY H 588 -29.75 -12.65 28.84
C GLY H 588 -30.99 -12.85 28.00
N ARG H 589 -31.10 -12.10 26.91
CA ARG H 589 -32.11 -12.42 25.90
C ARG H 589 -31.81 -13.77 25.26
N LYS H 590 -30.53 -14.05 25.00
CA LYS H 590 -30.06 -15.35 24.55
C LYS H 590 -29.07 -15.84 25.62
N LYS H 591 -29.57 -16.66 26.55
CA LYS H 591 -28.75 -17.07 27.69
C LYS H 591 -27.51 -17.83 27.25
N GLY H 592 -27.68 -18.83 26.40
CA GLY H 592 -26.56 -19.65 25.99
C GLY H 592 -25.58 -18.95 25.09
N LYS H 593 -25.99 -18.68 23.84
CA LYS H 593 -25.20 -18.01 22.82
C LYS H 593 -23.73 -18.45 22.82
N LYS H 594 -23.48 -19.72 23.10
CA LYS H 594 -22.11 -20.21 23.19
C LYS H 594 -21.42 -20.16 21.84
N LYS H 595 -22.11 -20.61 20.78
CA LYS H 595 -21.53 -20.57 19.44
C LYS H 595 -21.33 -19.14 18.96
N ASP H 596 -22.25 -18.24 19.31
CA ASP H 596 -22.09 -16.83 18.95
C ASP H 596 -20.87 -16.23 19.62
N GLN H 597 -20.64 -16.56 20.90
CA GLN H 597 -19.45 -16.07 21.59
C GLN H 597 -18.18 -16.69 21.02
N ILE H 598 -18.25 -17.95 20.57
CA ILE H 598 -17.10 -18.56 19.91
C ILE H 598 -16.78 -17.86 18.61
N GLY H 599 -17.82 -17.54 17.82
CA GLY H 599 -17.59 -16.96 16.51
C GLY H 599 -16.94 -15.59 16.56
N LYS H 600 -17.43 -14.72 17.44
CA LYS H 600 -16.95 -13.35 17.53
C LYS H 600 -16.63 -13.00 18.98
N GLY H 601 -15.67 -12.11 19.15
CA GLY H 601 -15.22 -11.67 20.45
C GLY H 601 -13.76 -11.98 20.69
N THR H 602 -13.36 -11.92 21.96
CA THR H 602 -11.99 -12.20 22.33
C THR H 602 -11.67 -13.68 22.09
N GLN H 603 -10.39 -13.95 21.80
CA GLN H 603 -9.98 -15.31 21.50
C GLN H 603 -10.15 -16.22 22.71
N GLY H 604 -9.86 -15.73 23.90
CA GLY H 604 -9.99 -16.53 25.10
C GLY H 604 -10.44 -15.74 26.31
N ALA H 605 -11.46 -16.24 27.01
CA ALA H 605 -11.99 -15.58 28.20
C ALA H 605 -11.58 -16.36 29.44
N THR H 606 -10.99 -15.66 30.40
CA THR H 606 -10.49 -16.28 31.63
C THR H 606 -11.48 -16.02 32.76
N ALA H 607 -11.95 -17.09 33.38
CA ALA H 607 -12.86 -17.01 34.52
C ALA H 607 -12.79 -18.33 35.27
N GLY H 608 -13.77 -18.55 36.16
CA GLY H 608 -13.88 -19.83 36.84
C GLY H 608 -14.10 -20.97 35.86
N ALA H 609 -13.33 -22.04 35.99
CA ALA H 609 -13.34 -23.15 35.04
C ALA H 609 -13.90 -24.39 35.73
N SER H 610 -14.94 -24.98 35.14
CA SER H 610 -15.47 -26.25 35.60
C SER H 610 -14.78 -27.44 34.95
N SER H 611 -13.94 -27.21 33.93
CA SER H 611 -13.22 -28.29 33.29
C SER H 611 -12.13 -28.84 34.22
N GLU H 612 -11.49 -29.92 33.77
CA GLU H 612 -10.48 -30.58 34.58
C GLU H 612 -9.25 -29.69 34.70
N LEU H 613 -8.79 -29.47 35.94
CA LEU H 613 -7.61 -28.67 36.23
C LEU H 613 -6.81 -29.45 37.27
N ASP H 614 -5.91 -30.31 36.79
CA ASP H 614 -5.11 -31.17 37.65
C ASP H 614 -3.63 -30.89 37.44
N ALA H 615 -2.89 -30.87 38.54
CA ALA H 615 -1.45 -30.62 38.49
C ALA H 615 -0.69 -31.79 39.11
#